data_9I1U
#
_entry.id   9I1U
#
_cell.length_a   76.824
_cell.length_b   74.922
_cell.length_c   137.455
_cell.angle_alpha   90
_cell.angle_beta   102.095
_cell.angle_gamma   90
#
_symmetry.space_group_name_H-M   'P 1 21 1'
#
loop_
_entity.id
_entity.type
_entity.pdbx_description
1 polymer 'Chitin binding protein, putative, cbp33/10B'
2 non-polymer 'COPPER (II) ION'
3 non-polymer 'PHOSPHATE ION'
4 water water
#
_entity_poly.entity_id   1
_entity_poly.type   'polypeptide(L)'
_entity_poly.pdbx_seq_one_letter_code
;HGFVDSPGARNYFCGAVTKPDHVMNGVARYPECAGAFANDFNGGYSYMSVLTHHQGRKVLGPVARNVCGFDSETWNGGKT
PWDNAINWPVNNINSGTLTFSWDISNGPHFDDTSDFRYWITKPGFVYQVGRELTWADFEDQPFCDLAYNDDNPGAYPNVR
ADKPNTHFHTTCTVPARTGRHVIYAEWGREPPTYERFHGCIDVQIHHHHHH
;
_entity_poly.pdbx_strand_id   A,B,C,D,E,F,G,H
#
loop_
_chem_comp.id
_chem_comp.type
_chem_comp.name
_chem_comp.formula
CU non-polymer 'COPPER (II) ION' 'Cu 2'
PO4 non-polymer 'PHOSPHATE ION' 'O4 P -3'
#
# COMPACT_ATOMS: atom_id res chain seq x y z
N HIS A 1 -30.58 -17.44 9.47
CA HIS A 1 -30.68 -16.46 10.58
C HIS A 1 -29.48 -16.67 11.50
N GLY A 2 -28.71 -15.60 11.73
CA GLY A 2 -27.54 -15.75 12.58
C GLY A 2 -26.66 -14.52 12.54
N PHE A 3 -25.47 -14.63 13.14
CA PHE A 3 -24.61 -13.51 13.48
C PHE A 3 -23.22 -14.06 13.76
N VAL A 4 -22.21 -13.18 13.73
CA VAL A 4 -20.84 -13.58 14.00
C VAL A 4 -20.63 -13.56 15.50
N ASP A 5 -20.12 -14.65 16.07
CA ASP A 5 -19.92 -14.71 17.52
C ASP A 5 -18.43 -14.79 17.88
N SER A 6 -17.54 -14.85 16.88
CA SER A 6 -16.11 -14.89 17.13
C SER A 6 -15.37 -14.43 15.88
N PRO A 7 -14.64 -13.29 15.90
CA PRO A 7 -14.71 -12.31 17.00
C PRO A 7 -16.12 -11.73 17.06
N GLY A 8 -16.65 -11.55 18.27
CA GLY A 8 -18.05 -11.22 18.44
C GLY A 8 -18.43 -9.92 17.74
N ALA A 9 -19.52 -9.97 16.96
CA ALA A 9 -20.05 -8.82 16.26
C ALA A 9 -20.83 -7.95 17.25
N ARG A 10 -21.27 -6.77 16.79
CA ARG A 10 -21.99 -5.84 17.65
C ARG A 10 -23.30 -6.48 18.12
N ASN A 11 -23.90 -7.30 17.25
CA ASN A 11 -25.18 -7.90 17.52
C ASN A 11 -24.99 -9.24 18.24
N TYR A 12 -23.73 -9.61 18.48
CA TYR A 12 -23.42 -10.67 19.44
C TYR A 12 -23.45 -10.09 20.84
N PHE A 13 -22.59 -9.09 21.08
CA PHE A 13 -22.48 -8.45 22.37
C PHE A 13 -23.83 -7.88 22.78
N CYS A 14 -24.46 -7.16 21.84
CA CYS A 14 -25.72 -6.49 22.10
C CYS A 14 -26.82 -7.17 21.28
N GLY A 15 -27.42 -8.21 21.86
CA GLY A 15 -28.29 -9.13 21.15
C GLY A 15 -28.22 -10.54 21.72
N ALA A 16 -27.23 -11.32 21.27
CA ALA A 16 -27.06 -12.70 21.71
C ALA A 16 -26.69 -12.75 23.20
N VAL A 17 -25.83 -11.84 23.67
CA VAL A 17 -25.41 -11.86 25.07
C VAL A 17 -26.28 -10.88 25.87
N THR A 18 -26.01 -9.57 25.71
CA THR A 18 -26.76 -8.56 26.44
C THR A 18 -28.05 -8.25 25.68
N LYS A 19 -29.17 -8.50 26.37
CA LYS A 19 -30.50 -8.23 25.85
C LYS A 19 -30.98 -6.86 26.32
N PRO A 20 -31.88 -6.19 25.55
CA PRO A 20 -32.47 -4.91 25.98
C PRO A 20 -32.89 -4.86 27.45
N ASP A 21 -33.60 -5.89 27.90
CA ASP A 21 -34.16 -5.93 29.26
C ASP A 21 -33.05 -6.06 30.31
N HIS A 22 -31.94 -6.72 29.97
CA HIS A 22 -30.81 -6.81 30.88
C HIS A 22 -30.31 -5.40 31.20
N VAL A 23 -30.15 -4.59 30.14
CA VAL A 23 -29.60 -3.26 30.28
C VAL A 23 -30.49 -2.46 31.22
N MET A 24 -31.81 -2.56 31.00
CA MET A 24 -32.78 -1.81 31.77
C MET A 24 -32.62 -2.14 33.25
N ASN A 25 -32.47 -3.43 33.55
CA ASN A 25 -32.43 -3.91 34.93
C ASN A 25 -31.03 -3.74 35.55
N GLY A 26 -30.09 -3.16 34.80
CA GLY A 26 -28.76 -2.88 35.32
C GLY A 26 -28.02 -4.15 35.71
N VAL A 27 -28.31 -5.25 34.99
CA VAL A 27 -27.68 -6.52 35.28
C VAL A 27 -26.94 -7.03 34.03
N ALA A 28 -26.64 -6.12 33.10
CA ALA A 28 -26.11 -6.53 31.81
C ALA A 28 -24.62 -6.82 31.90
N ARG A 29 -24.18 -7.86 31.18
CA ARG A 29 -22.76 -8.11 30.94
C ARG A 29 -22.14 -6.90 30.24
N TYR A 30 -22.90 -6.26 29.33
CA TYR A 30 -22.38 -5.13 28.58
C TYR A 30 -23.31 -3.93 28.73
N PRO A 31 -23.24 -3.16 29.85
CA PRO A 31 -24.06 -1.97 30.03
C PRO A 31 -23.97 -0.95 28.90
N GLU A 32 -22.86 -0.96 28.15
CA GLU A 32 -22.65 -0.07 27.02
C GLU A 32 -23.63 -0.30 25.88
N CYS A 33 -24.39 -1.42 25.91
CA CYS A 33 -25.41 -1.69 24.92
C CYS A 33 -26.62 -0.78 25.09
N ALA A 34 -26.66 -0.06 26.22
CA ALA A 34 -27.67 0.98 26.43
C ALA A 34 -27.86 1.80 25.16
N GLY A 35 -26.75 2.20 24.55
CA GLY A 35 -26.74 3.07 23.38
C GLY A 35 -27.25 2.42 22.10
N ALA A 36 -27.07 1.10 21.96
CA ALA A 36 -27.62 0.38 20.82
C ALA A 36 -29.14 0.31 20.91
N PHE A 37 -29.66 0.19 22.12
CA PHE A 37 -31.08 -0.09 22.32
C PHE A 37 -31.85 1.17 22.73
N ALA A 38 -31.20 2.34 22.74
CA ALA A 38 -31.80 3.55 23.29
C ALA A 38 -33.03 3.98 22.50
N ASN A 39 -32.96 3.80 21.16
CA ASN A 39 -34.00 4.30 20.27
C ASN A 39 -34.76 3.15 19.61
N ASP A 40 -34.38 1.91 19.90
CA ASP A 40 -35.06 0.75 19.34
C ASP A 40 -34.95 -0.44 20.30
N PHE A 41 -35.87 -0.48 21.25
CA PHE A 41 -35.77 -1.37 22.38
C PHE A 41 -36.01 -2.80 21.95
N ASN A 42 -37.17 -3.03 21.34
CA ASN A 42 -37.62 -4.39 21.02
C ASN A 42 -36.89 -4.95 19.80
N GLY A 43 -36.24 -4.09 19.00
CA GLY A 43 -35.51 -4.53 17.83
C GLY A 43 -34.22 -5.23 18.25
N GLY A 44 -33.80 -4.95 19.48
CA GLY A 44 -32.65 -5.61 20.08
C GLY A 44 -32.78 -7.14 20.10
N TYR A 45 -34.01 -7.68 20.17
CA TYR A 45 -34.23 -9.11 20.26
C TYR A 45 -34.24 -9.78 18.88
N SER A 46 -34.15 -8.97 17.80
CA SER A 46 -34.04 -9.49 16.44
C SER A 46 -32.61 -9.43 15.90
N TYR A 47 -31.63 -9.64 16.77
CA TYR A 47 -30.21 -9.58 16.40
C TYR A 47 -29.81 -10.63 15.38
N MET A 48 -30.61 -11.69 15.24
CA MET A 48 -30.29 -12.77 14.31
C MET A 48 -30.88 -12.51 12.92
N SER A 49 -31.61 -11.38 12.76
CA SER A 49 -32.46 -11.11 11.61
C SER A 49 -32.04 -9.84 10.85
N VAL A 50 -30.74 -9.51 10.84
CA VAL A 50 -30.25 -8.36 10.09
C VAL A 50 -30.02 -8.77 8.64
N LEU A 51 -31.10 -8.80 7.84
CA LEU A 51 -31.06 -9.53 6.59
C LEU A 51 -31.46 -8.64 5.41
N THR A 52 -30.96 -9.05 4.23
CA THR A 52 -31.45 -8.58 2.93
C THR A 52 -31.71 -9.81 2.07
N HIS A 53 -32.19 -9.61 0.83
CA HIS A 53 -32.37 -10.70 -0.11
C HIS A 53 -31.72 -10.36 -1.45
N HIS A 54 -30.46 -9.87 -1.41
CA HIS A 54 -29.70 -9.52 -2.59
C HIS A 54 -28.25 -9.91 -2.33
N GLN A 55 -27.34 -9.69 -3.29
CA GLN A 55 -26.01 -10.27 -3.23
C GLN A 55 -24.97 -9.32 -2.61
N GLY A 56 -25.45 -8.29 -1.91
CA GLY A 56 -24.65 -7.63 -0.89
C GLY A 56 -23.71 -6.57 -1.46
N ARG A 57 -22.70 -6.22 -0.65
CA ARG A 57 -21.81 -5.10 -0.97
C ARG A 57 -21.02 -5.33 -2.25
N LYS A 58 -20.59 -6.57 -2.49
CA LYS A 58 -19.68 -6.85 -3.58
C LYS A 58 -20.36 -6.65 -4.94
N VAL A 59 -21.66 -6.95 -5.01
CA VAL A 59 -22.38 -7.03 -6.27
C VAL A 59 -23.21 -5.78 -6.51
N LEU A 60 -23.86 -5.26 -5.46
CA LEU A 60 -24.63 -4.03 -5.56
C LEU A 60 -23.73 -2.79 -5.49
N GLY A 61 -22.53 -2.94 -4.91
CA GLY A 61 -21.66 -1.80 -4.66
C GLY A 61 -22.06 -1.04 -3.39
N PRO A 62 -21.42 0.11 -3.09
CA PRO A 62 -21.63 0.79 -1.80
C PRO A 62 -22.93 1.59 -1.74
N VAL A 63 -24.06 0.89 -1.83
CA VAL A 63 -25.36 1.49 -2.12
C VAL A 63 -26.17 1.76 -0.86
N ALA A 64 -25.98 0.91 0.17
CA ALA A 64 -26.76 1.02 1.39
C ALA A 64 -26.34 2.27 2.17
N ARG A 65 -27.35 2.95 2.71
CA ARG A 65 -27.17 4.20 3.44
C ARG A 65 -26.51 3.93 4.79
N ASN A 66 -26.74 2.72 5.34
CA ASN A 66 -26.16 2.28 6.60
C ASN A 66 -25.32 1.04 6.33
N VAL A 67 -24.09 1.04 6.83
CA VAL A 67 -23.13 -0.02 6.55
C VAL A 67 -23.51 -1.33 7.25
N CYS A 68 -23.60 -1.30 8.59
CA CYS A 68 -23.63 -2.51 9.39
C CYS A 68 -24.91 -3.32 9.20
N GLY A 69 -26.03 -2.61 9.09
CA GLY A 69 -27.33 -3.22 8.88
C GLY A 69 -27.68 -3.37 7.40
N PHE A 70 -26.88 -2.72 6.54
CA PHE A 70 -27.08 -2.75 5.09
C PHE A 70 -28.55 -2.53 4.74
N ASP A 71 -29.19 -1.57 5.42
CA ASP A 71 -30.57 -1.23 5.19
C ASP A 71 -31.43 -2.50 5.22
N SER A 72 -31.27 -3.28 6.30
CA SER A 72 -31.95 -4.56 6.45
C SER A 72 -33.46 -4.42 6.19
N GLU A 73 -34.04 -5.46 5.58
CA GLU A 73 -35.47 -5.53 5.38
C GLU A 73 -36.23 -5.54 6.71
N THR A 74 -35.61 -6.11 7.75
CA THR A 74 -36.23 -6.22 9.06
C THR A 74 -36.47 -4.83 9.67
N TRP A 75 -35.70 -3.83 9.25
CA TRP A 75 -35.90 -2.46 9.70
C TRP A 75 -36.40 -1.57 8.55
N ASN A 76 -37.11 -2.19 7.61
CA ASN A 76 -37.71 -1.51 6.46
C ASN A 76 -36.67 -0.65 5.74
N GLY A 77 -35.44 -1.17 5.64
CA GLY A 77 -34.40 -0.52 4.86
C GLY A 77 -33.88 0.75 5.53
N GLY A 78 -34.13 0.86 6.84
CA GLY A 78 -33.58 1.93 7.63
C GLY A 78 -32.53 1.41 8.61
N LYS A 79 -32.32 2.22 9.67
CA LYS A 79 -31.23 2.03 10.60
C LYS A 79 -31.57 0.91 11.59
N THR A 80 -30.57 0.04 11.86
CA THR A 80 -30.64 -1.00 12.87
C THR A 80 -29.96 -0.49 14.15
N PRO A 81 -30.20 -1.10 15.33
CA PRO A 81 -29.42 -0.80 16.54
C PRO A 81 -27.89 -0.71 16.38
N TRP A 82 -27.35 -1.54 15.48
CA TRP A 82 -25.92 -1.77 15.37
C TRP A 82 -25.26 -0.83 14.35
N ASP A 83 -26.06 0.11 13.82
CA ASP A 83 -25.54 1.19 13.00
C ASP A 83 -25.17 2.38 13.88
N ASN A 84 -25.63 2.36 15.14
CA ASN A 84 -25.32 3.44 16.06
C ASN A 84 -23.81 3.42 16.33
N ALA A 85 -23.24 4.61 16.47
CA ALA A 85 -21.82 4.76 16.79
C ALA A 85 -21.69 5.11 18.27
N ILE A 86 -21.59 4.07 19.09
CA ILE A 86 -21.52 4.20 20.54
C ILE A 86 -20.22 3.55 21.00
N ASN A 87 -20.07 3.46 22.33
CA ASN A 87 -18.91 2.82 22.96
C ASN A 87 -19.02 1.30 22.86
N TRP A 88 -18.92 0.78 21.63
CA TRP A 88 -19.05 -0.66 21.41
C TRP A 88 -17.95 -1.40 22.18
N PRO A 89 -18.22 -2.63 22.68
CA PRO A 89 -17.14 -3.52 23.08
C PRO A 89 -16.26 -3.81 21.86
N VAL A 90 -14.99 -4.11 22.13
CA VAL A 90 -14.01 -4.29 21.07
C VAL A 90 -13.36 -5.66 21.26
N ASN A 91 -13.01 -6.29 20.14
CA ASN A 91 -12.25 -7.53 20.12
C ASN A 91 -10.77 -7.20 19.91
N ASN A 92 -9.91 -7.67 20.83
CA ASN A 92 -8.48 -7.56 20.64
C ASN A 92 -8.01 -8.77 19.82
N ILE A 93 -7.47 -8.50 18.62
CA ILE A 93 -7.04 -9.56 17.72
C ILE A 93 -5.68 -9.20 17.14
N ASN A 94 -5.07 -10.17 16.45
CA ASN A 94 -3.84 -9.95 15.69
C ASN A 94 -4.14 -10.03 14.20
N SER A 95 -3.30 -9.35 13.41
CA SER A 95 -3.26 -9.51 11.97
C SER A 95 -2.82 -10.93 11.62
N GLY A 96 -3.21 -11.40 10.43
CA GLY A 96 -2.89 -12.74 9.98
C GLY A 96 -4.13 -13.63 9.95
N THR A 97 -3.92 -14.95 9.98
CA THR A 97 -4.99 -15.93 9.91
C THR A 97 -5.90 -15.80 11.13
N LEU A 98 -7.22 -15.75 10.88
CA LEU A 98 -8.22 -15.69 11.94
C LEU A 98 -9.50 -16.41 11.51
N THR A 99 -10.09 -17.17 12.43
CA THR A 99 -11.41 -17.75 12.22
C THR A 99 -12.49 -16.69 12.46
N PHE A 100 -13.47 -16.63 11.54
CA PHE A 100 -14.70 -15.89 11.75
C PHE A 100 -15.86 -16.87 11.78
N SER A 101 -16.54 -16.93 12.93
CA SER A 101 -17.54 -17.95 13.21
C SER A 101 -18.94 -17.33 13.21
N TRP A 102 -19.87 -17.98 12.51
CA TRP A 102 -21.26 -17.58 12.51
C TRP A 102 -22.08 -18.58 13.32
N ASP A 103 -22.79 -18.07 14.33
CA ASP A 103 -23.75 -18.89 15.04
C ASP A 103 -25.07 -18.87 14.26
N ILE A 104 -25.44 -20.02 13.66
CA ILE A 104 -26.63 -20.09 12.83
C ILE A 104 -27.73 -20.93 13.51
N SER A 105 -27.64 -21.06 14.83
CA SER A 105 -28.57 -21.84 15.64
C SER A 105 -30.01 -21.37 15.47
N ASN A 106 -30.19 -20.05 15.27
CA ASN A 106 -31.52 -19.45 15.16
C ASN A 106 -32.19 -19.75 13.81
N GLY A 107 -31.45 -20.28 12.84
CA GLY A 107 -32.02 -20.48 11.52
C GLY A 107 -30.96 -20.99 10.55
N PRO A 108 -30.56 -22.27 10.68
CA PRO A 108 -29.44 -22.79 9.91
C PRO A 108 -29.82 -22.86 8.43
N HIS A 109 -28.87 -22.50 7.57
CA HIS A 109 -29.08 -22.62 6.14
C HIS A 109 -27.86 -23.29 5.53
N PHE A 110 -27.50 -24.47 6.04
CA PHE A 110 -26.28 -25.11 5.60
C PHE A 110 -26.34 -25.40 4.10
N ASP A 111 -27.52 -25.87 3.68
CA ASP A 111 -27.72 -26.54 2.40
C ASP A 111 -27.62 -25.57 1.22
N ASP A 112 -27.77 -24.25 1.45
CA ASP A 112 -27.81 -23.35 0.31
C ASP A 112 -27.03 -22.07 0.58
N THR A 113 -26.02 -22.16 1.46
CA THR A 113 -25.10 -21.04 1.68
C THR A 113 -24.23 -20.94 0.43
N SER A 114 -24.01 -19.69 -0.01
CA SER A 114 -23.28 -19.40 -1.24
C SER A 114 -21.94 -18.75 -0.94
N ASP A 115 -21.85 -17.94 0.13
CA ASP A 115 -20.67 -17.10 0.27
C ASP A 115 -20.54 -16.51 1.67
N PHE A 116 -19.29 -16.22 2.05
CA PHE A 116 -18.99 -15.35 3.19
C PHE A 116 -17.98 -14.30 2.75
N ARG A 117 -18.22 -13.04 3.12
CA ARG A 117 -17.39 -11.93 2.69
C ARG A 117 -17.16 -10.95 3.84
N TYR A 118 -15.91 -10.46 3.93
CA TYR A 118 -15.48 -9.53 4.96
C TYR A 118 -14.67 -8.40 4.33
N TRP A 119 -15.05 -7.17 4.71
CA TRP A 119 -14.35 -5.91 4.41
C TRP A 119 -13.75 -5.35 5.70
N ILE A 120 -12.65 -4.57 5.59
CA ILE A 120 -12.04 -3.92 6.73
C ILE A 120 -11.83 -2.44 6.44
N THR A 121 -11.86 -1.63 7.50
CA THR A 121 -11.63 -0.20 7.40
C THR A 121 -10.23 0.07 6.89
N LYS A 122 -10.09 1.17 6.13
CA LYS A 122 -8.82 1.56 5.52
C LYS A 122 -7.82 1.96 6.59
N PRO A 123 -6.50 1.85 6.33
CA PRO A 123 -5.50 2.24 7.34
C PRO A 123 -5.69 3.63 7.96
N GLY A 124 -6.29 4.57 7.21
CA GLY A 124 -6.46 5.92 7.71
C GLY A 124 -7.71 6.13 8.57
N PHE A 125 -8.26 5.03 9.11
CA PHE A 125 -9.56 5.07 9.77
C PHE A 125 -9.37 5.55 11.21
N VAL A 126 -10.27 6.46 11.63
CA VAL A 126 -10.30 6.99 12.97
C VAL A 126 -11.70 6.79 13.54
N TYR A 127 -11.82 5.94 14.57
CA TYR A 127 -13.10 5.69 15.21
C TYR A 127 -13.42 6.85 16.16
N GLN A 128 -14.70 7.26 16.20
CA GLN A 128 -15.14 8.36 17.02
C GLN A 128 -16.63 8.20 17.32
N VAL A 129 -16.98 8.18 18.62
CA VAL A 129 -18.34 8.05 19.07
C VAL A 129 -19.20 9.15 18.42
N GLY A 130 -20.33 8.73 17.83
CA GLY A 130 -21.30 9.65 17.27
C GLY A 130 -21.13 9.84 15.76
N ARG A 131 -20.01 9.38 15.20
CA ARG A 131 -19.72 9.46 13.77
C ARG A 131 -19.98 8.09 13.12
N GLU A 132 -21.10 7.96 12.39
CA GLU A 132 -21.52 6.68 11.86
C GLU A 132 -20.67 6.35 10.64
N LEU A 133 -20.50 5.05 10.38
CA LEU A 133 -19.63 4.56 9.32
C LEU A 133 -20.16 4.99 7.95
N THR A 134 -19.25 5.16 6.98
CA THR A 134 -19.56 5.31 5.56
C THR A 134 -18.83 4.20 4.81
N TRP A 135 -19.21 3.98 3.54
CA TRP A 135 -18.52 3.00 2.71
C TRP A 135 -17.10 3.44 2.38
N ALA A 136 -16.88 4.76 2.40
CA ALA A 136 -15.56 5.32 2.16
C ALA A 136 -14.59 4.97 3.28
N ASP A 137 -15.11 4.60 4.46
CA ASP A 137 -14.27 4.19 5.58
C ASP A 137 -13.62 2.83 5.32
N PHE A 138 -14.19 2.01 4.41
CA PHE A 138 -13.75 0.64 4.19
C PHE A 138 -13.08 0.50 2.84
N GLU A 139 -12.22 -0.52 2.71
CA GLU A 139 -11.67 -0.92 1.44
C GLU A 139 -12.82 -1.21 0.49
N ASP A 140 -12.57 -1.09 -0.83
CA ASP A 140 -13.63 -1.27 -1.79
C ASP A 140 -13.96 -2.76 -1.93
N GLN A 141 -12.91 -3.60 -1.96
CA GLN A 141 -13.06 -5.03 -2.11
C GLN A 141 -12.94 -5.74 -0.75
N PRO A 142 -13.57 -6.92 -0.58
CA PRO A 142 -13.45 -7.70 0.64
C PRO A 142 -12.03 -8.22 0.73
N PHE A 143 -11.46 -8.23 1.93
CA PHE A 143 -10.16 -8.86 2.12
C PHE A 143 -10.31 -10.38 2.17
N CYS A 144 -11.56 -10.85 2.31
CA CYS A 144 -11.84 -12.26 2.47
C CYS A 144 -13.19 -12.59 1.85
N ASP A 145 -13.16 -13.44 0.83
CA ASP A 145 -14.29 -13.67 -0.05
C ASP A 145 -14.35 -15.16 -0.37
N LEU A 146 -15.20 -15.90 0.37
CA LEU A 146 -15.19 -17.34 0.34
C LEU A 146 -16.48 -17.85 -0.30
N ALA A 147 -16.33 -18.65 -1.36
CA ALA A 147 -17.45 -19.35 -1.94
C ALA A 147 -17.75 -20.58 -1.07
N TYR A 148 -18.93 -21.17 -1.28
CA TYR A 148 -19.32 -22.40 -0.63
C TYR A 148 -20.42 -23.07 -1.46
N ASN A 149 -20.36 -24.41 -1.49
CA ASN A 149 -21.41 -25.26 -2.04
C ASN A 149 -21.46 -26.50 -1.16
N ASP A 150 -22.52 -26.64 -0.37
CA ASP A 150 -22.60 -27.70 0.63
C ASP A 150 -22.62 -29.07 -0.03
N ASP A 151 -22.88 -29.13 -1.34
CA ASP A 151 -22.80 -30.38 -2.09
C ASP A 151 -21.37 -30.93 -2.05
N ASN A 152 -20.38 -30.03 -2.07
CA ASN A 152 -18.97 -30.44 -2.14
C ASN A 152 -18.20 -29.81 -1.00
N PRO A 153 -18.43 -30.23 0.28
CA PRO A 153 -17.73 -29.63 1.41
C PRO A 153 -16.22 -29.70 1.27
N GLY A 154 -15.74 -30.79 0.65
CA GLY A 154 -14.33 -31.03 0.39
C GLY A 154 -13.64 -29.88 -0.34
N ALA A 155 -14.32 -29.22 -1.28
CA ALA A 155 -13.66 -28.23 -2.12
C ALA A 155 -13.53 -26.86 -1.43
N TYR A 156 -14.02 -26.71 -0.19
CA TYR A 156 -13.96 -25.42 0.48
C TYR A 156 -13.34 -25.56 1.87
N PRO A 157 -12.01 -25.75 1.99
CA PRO A 157 -11.38 -25.97 3.29
C PRO A 157 -11.48 -24.75 4.21
N ASN A 158 -11.74 -23.57 3.64
CA ASN A 158 -11.80 -22.34 4.42
C ASN A 158 -13.19 -22.12 5.01
N VAL A 159 -14.13 -23.04 4.71
CA VAL A 159 -15.47 -23.02 5.29
C VAL A 159 -15.72 -24.37 5.94
N ARG A 160 -16.12 -24.35 7.21
CA ARG A 160 -16.26 -25.54 8.03
C ARG A 160 -17.62 -25.50 8.70
N ALA A 161 -18.55 -26.31 8.20
CA ALA A 161 -19.85 -26.49 8.84
C ALA A 161 -19.70 -27.35 10.09
N ASP A 162 -20.25 -26.86 11.21
CA ASP A 162 -20.44 -27.65 12.41
C ASP A 162 -21.95 -27.79 12.63
N LYS A 163 -22.50 -28.92 12.22
CA LYS A 163 -23.95 -29.09 12.21
C LYS A 163 -24.45 -29.26 13.64
N PRO A 164 -23.89 -30.16 14.48
CA PRO A 164 -24.34 -30.30 15.87
C PRO A 164 -24.46 -28.98 16.64
N ASN A 165 -23.50 -28.06 16.45
CA ASN A 165 -23.47 -26.80 17.17
C ASN A 165 -23.93 -25.64 16.26
N THR A 166 -24.53 -25.96 15.11
CA THR A 166 -25.11 -24.99 14.19
C THR A 166 -24.26 -23.74 14.12
N HIS A 167 -23.00 -23.95 13.69
CA HIS A 167 -22.07 -22.88 13.38
C HIS A 167 -21.45 -23.14 12.00
N PHE A 168 -21.13 -22.05 11.31
CA PHE A 168 -20.12 -22.05 10.25
C PHE A 168 -18.86 -21.43 10.82
N HIS A 169 -17.71 -22.06 10.52
CA HIS A 169 -16.40 -21.50 10.83
C HIS A 169 -15.64 -21.24 9.54
N THR A 170 -15.23 -19.98 9.34
CA THR A 170 -14.59 -19.54 8.10
C THR A 170 -13.19 -19.02 8.44
N THR A 171 -12.25 -19.19 7.49
CA THR A 171 -10.85 -18.80 7.69
C THR A 171 -10.54 -17.63 6.77
N CYS A 172 -10.06 -16.52 7.36
CA CYS A 172 -9.65 -15.36 6.59
C CYS A 172 -8.23 -14.98 7.00
N THR A 173 -7.60 -14.15 6.18
CA THR A 173 -6.33 -13.52 6.52
C THR A 173 -6.60 -12.03 6.73
N VAL A 174 -6.61 -11.59 7.99
CA VAL A 174 -6.79 -10.19 8.31
C VAL A 174 -5.50 -9.47 7.91
N PRO A 175 -5.55 -8.41 7.08
CA PRO A 175 -4.34 -7.77 6.56
C PRO A 175 -3.67 -6.89 7.62
N ALA A 176 -2.38 -6.61 7.39
CA ALA A 176 -1.60 -5.72 8.23
C ALA A 176 -2.43 -4.48 8.57
N ARG A 177 -2.60 -4.26 9.88
CA ARG A 177 -3.34 -3.14 10.44
C ARG A 177 -2.90 -2.99 11.88
N THR A 178 -3.06 -1.78 12.43
CA THR A 178 -2.96 -1.57 13.87
C THR A 178 -3.98 -0.51 14.28
N GLY A 179 -4.40 -0.58 15.54
CA GLY A 179 -5.32 0.39 16.11
C GLY A 179 -6.77 -0.10 16.00
N ARG A 180 -7.69 0.84 16.24
CA ARG A 180 -9.12 0.58 16.24
C ARG A 180 -9.59 0.47 14.79
N HIS A 181 -10.31 -0.62 14.47
CA HIS A 181 -10.85 -0.86 13.15
C HIS A 181 -12.24 -1.50 13.24
N VAL A 182 -12.91 -1.56 12.09
CA VAL A 182 -14.18 -2.27 11.96
C VAL A 182 -14.05 -3.27 10.80
N ILE A 183 -14.54 -4.50 11.04
CA ILE A 183 -14.76 -5.50 9.99
C ILE A 183 -16.25 -5.66 9.74
N TYR A 184 -16.64 -5.44 8.46
CA TYR A 184 -18.01 -5.61 8.01
C TYR A 184 -18.12 -6.98 7.35
N ALA A 185 -19.15 -7.76 7.75
CA ALA A 185 -19.23 -9.16 7.37
C ALA A 185 -20.60 -9.50 6.77
N GLU A 186 -20.58 -10.43 5.83
CA GLU A 186 -21.77 -10.92 5.14
C GLU A 186 -21.78 -12.44 5.07
N TRP A 187 -22.96 -13.02 5.30
CA TRP A 187 -23.23 -14.42 5.05
C TRP A 187 -24.41 -14.51 4.07
N GLY A 188 -24.14 -15.04 2.86
CA GLY A 188 -25.10 -15.02 1.76
C GLY A 188 -25.57 -16.41 1.37
N ARG A 189 -26.78 -16.50 0.79
CA ARG A 189 -27.34 -17.75 0.32
C ARG A 189 -27.60 -17.69 -1.19
N GLU A 190 -27.66 -18.90 -1.79
CA GLU A 190 -28.01 -19.10 -3.18
C GLU A 190 -29.47 -18.70 -3.45
N PRO A 191 -29.91 -18.69 -4.72
CA PRO A 191 -31.34 -18.81 -5.04
C PRO A 191 -31.90 -20.06 -4.35
N PRO A 192 -33.21 -20.15 -4.06
CA PRO A 192 -34.19 -19.11 -4.42
C PRO A 192 -34.30 -17.86 -3.56
N THR A 193 -33.76 -17.89 -2.33
CA THR A 193 -33.99 -16.80 -1.40
C THR A 193 -33.01 -15.66 -1.65
N TYR A 194 -31.75 -15.97 -1.96
CA TYR A 194 -30.69 -14.97 -1.99
C TYR A 194 -30.59 -14.24 -0.65
N GLU A 195 -31.07 -14.85 0.43
CA GLU A 195 -31.08 -14.16 1.71
C GLU A 195 -29.64 -13.95 2.15
N ARG A 196 -29.37 -12.80 2.79
CA ARG A 196 -28.04 -12.45 3.24
C ARG A 196 -28.12 -11.79 4.61
N PHE A 197 -27.11 -12.07 5.46
CA PHE A 197 -27.03 -11.53 6.81
C PHE A 197 -25.78 -10.67 6.95
N HIS A 198 -25.90 -9.59 7.75
CA HIS A 198 -24.93 -8.50 7.75
C HIS A 198 -24.54 -8.18 9.20
N GLY A 199 -23.23 -8.00 9.44
CA GLY A 199 -22.70 -7.69 10.76
C GLY A 199 -21.47 -6.76 10.71
N CYS A 200 -21.25 -6.02 11.80
CA CYS A 200 -20.03 -5.26 12.01
C CYS A 200 -19.30 -5.84 13.23
N ILE A 201 -17.96 -5.92 13.15
CA ILE A 201 -17.14 -6.41 14.24
C ILE A 201 -16.11 -5.34 14.61
N ASP A 202 -16.19 -4.84 15.85
CA ASP A 202 -15.23 -3.87 16.36
C ASP A 202 -13.95 -4.58 16.83
N VAL A 203 -12.81 -4.06 16.37
CA VAL A 203 -11.54 -4.76 16.53
C VAL A 203 -10.43 -3.75 16.86
N GLN A 204 -9.47 -4.24 17.67
CA GLN A 204 -8.25 -3.55 18.02
C GLN A 204 -7.10 -4.45 17.60
N ILE A 205 -6.38 -4.05 16.54
CA ILE A 205 -5.45 -4.95 15.85
C ILE A 205 -4.04 -4.71 16.39
N HIS A 206 -3.19 -5.74 16.29
CA HIS A 206 -1.81 -5.68 16.77
C HIS A 206 -0.85 -6.17 15.68
N HIS B 1 33.34 7.88 34.11
CA HIS B 1 32.19 8.80 33.93
C HIS B 1 31.41 8.38 32.69
N GLY B 2 30.11 8.13 32.88
CA GLY B 2 29.25 7.79 31.76
C GLY B 2 27.85 7.40 32.22
N PHE B 3 27.14 6.73 31.30
CA PHE B 3 25.70 6.50 31.42
C PHE B 3 25.27 5.52 30.32
N VAL B 4 24.06 4.99 30.45
CA VAL B 4 23.49 4.03 29.53
C VAL B 4 22.80 4.79 28.41
N ASP B 5 23.20 4.53 27.16
CA ASP B 5 22.61 5.23 26.02
C ASP B 5 21.72 4.31 25.18
N SER B 6 21.70 3.01 25.48
CA SER B 6 20.81 2.08 24.78
C SER B 6 20.56 0.86 25.67
N PRO B 7 19.31 0.58 26.11
CA PRO B 7 18.18 1.49 25.92
C PRO B 7 18.46 2.75 26.73
N GLY B 8 18.05 3.90 26.22
CA GLY B 8 18.37 5.18 26.83
C GLY B 8 17.92 5.27 28.29
N ALA B 9 18.86 5.62 29.18
CA ALA B 9 18.59 5.85 30.59
C ALA B 9 18.01 7.26 30.77
N ARG B 10 17.54 7.59 31.98
CA ARG B 10 16.88 8.87 32.21
C ARG B 10 17.85 10.01 31.94
N ASN B 11 19.12 9.77 32.32
CA ASN B 11 20.18 10.76 32.23
C ASN B 11 20.75 10.80 30.82
N TYR B 12 20.33 9.85 29.97
CA TYR B 12 20.58 9.94 28.52
C TYR B 12 19.58 10.90 27.90
N PHE B 13 18.28 10.61 28.07
CA PHE B 13 17.23 11.46 27.52
C PHE B 13 17.34 12.87 28.05
N CYS B 14 17.47 12.98 29.38
CA CYS B 14 17.54 14.27 30.04
C CYS B 14 18.94 14.43 30.59
N GLY B 15 19.83 15.02 29.78
CA GLY B 15 21.24 15.11 30.08
C GLY B 15 22.07 15.05 28.79
N ALA B 16 22.42 13.84 28.35
CA ALA B 16 23.19 13.66 27.13
C ALA B 16 22.47 14.27 25.91
N VAL B 17 21.16 14.06 25.77
CA VAL B 17 20.44 14.58 24.62
C VAL B 17 19.80 15.95 24.96
N THR B 18 18.73 15.98 25.75
CA THR B 18 18.07 17.24 26.08
C THR B 18 18.79 17.87 27.28
N LYS B 19 19.22 19.13 27.09
CA LYS B 19 19.97 19.85 28.10
C LYS B 19 19.06 20.87 28.79
N PRO B 20 19.34 21.24 30.06
CA PRO B 20 18.55 22.26 30.75
C PRO B 20 18.18 23.47 29.88
N ASP B 21 19.15 24.00 29.14
CA ASP B 21 18.95 25.24 28.41
C ASP B 21 18.08 24.99 27.17
N HIS B 22 18.04 23.76 26.67
CA HIS B 22 17.13 23.43 25.60
C HIS B 22 15.69 23.60 26.07
N VAL B 23 15.42 23.18 27.31
CA VAL B 23 14.10 23.32 27.88
C VAL B 23 13.75 24.81 27.98
N MET B 24 14.71 25.61 28.46
CA MET B 24 14.47 27.03 28.70
CA MET B 24 14.46 27.03 28.71
C MET B 24 14.12 27.75 27.40
N ASN B 25 14.76 27.31 26.30
CA ASN B 25 14.57 27.96 25.01
C ASN B 25 13.45 27.31 24.20
N GLY B 26 12.81 26.27 24.74
CA GLY B 26 11.70 25.60 24.08
C GLY B 26 12.10 24.89 22.78
N VAL B 27 13.29 24.27 22.77
CA VAL B 27 13.80 23.63 21.57
C VAL B 27 14.26 22.21 21.91
N ALA B 28 13.69 21.63 22.96
CA ALA B 28 14.15 20.35 23.47
C ALA B 28 13.56 19.21 22.64
N ARG B 29 14.40 18.21 22.36
CA ARG B 29 13.96 16.94 21.80
C ARG B 29 12.96 16.26 22.74
N TYR B 30 13.25 16.30 24.05
CA TYR B 30 12.38 15.74 25.07
C TYR B 30 11.85 16.84 25.98
N PRO B 31 10.71 17.50 25.64
CA PRO B 31 10.17 18.57 26.48
C PRO B 31 9.81 18.12 27.89
N GLU B 32 9.65 16.80 28.08
CA GLU B 32 9.28 16.26 29.37
C GLU B 32 10.41 16.41 30.36
N CYS B 33 11.61 16.77 29.88
CA CYS B 33 12.78 16.91 30.74
C CYS B 33 12.63 18.13 31.64
N ALA B 34 11.72 19.04 31.28
CA ALA B 34 11.43 20.18 32.14
C ALA B 34 11.26 19.74 33.59
N GLY B 35 10.46 18.69 33.82
CA GLY B 35 10.18 18.17 35.16
C GLY B 35 11.42 17.58 35.85
N ALA B 36 12.34 17.03 35.06
CA ALA B 36 13.59 16.49 35.56
C ALA B 36 14.49 17.59 36.10
N PHE B 37 14.48 18.75 35.45
CA PHE B 37 15.45 19.80 35.77
C PHE B 37 14.81 20.92 36.62
N ALA B 38 13.55 20.75 37.01
CA ALA B 38 12.78 21.87 37.53
C ALA B 38 13.45 22.48 38.76
N ASN B 39 14.12 21.67 39.57
CA ASN B 39 14.67 22.15 40.83
C ASN B 39 16.19 21.97 40.88
N ASP B 40 16.79 21.66 39.75
CA ASP B 40 18.23 21.47 39.69
C ASP B 40 18.69 21.67 38.25
N PHE B 41 18.68 22.93 37.84
CA PHE B 41 18.95 23.31 36.47
C PHE B 41 20.35 22.88 36.07
N ASN B 42 21.34 23.21 36.92
CA ASN B 42 22.75 23.04 36.61
C ASN B 42 23.15 21.58 36.75
N GLY B 43 22.49 20.87 37.67
CA GLY B 43 22.81 19.46 37.90
C GLY B 43 22.57 18.64 36.65
N GLY B 44 21.67 19.14 35.79
CA GLY B 44 21.36 18.53 34.51
C GLY B 44 22.58 18.28 33.62
N TYR B 45 23.62 19.13 33.72
CA TYR B 45 24.80 18.99 32.90
C TYR B 45 25.79 17.95 33.45
N SER B 46 25.54 17.42 34.67
CA SER B 46 26.41 16.44 35.33
C SER B 46 25.87 15.02 35.19
N TYR B 47 25.14 14.75 34.10
CA TYR B 47 24.50 13.46 33.85
C TYR B 47 25.52 12.31 33.73
N MET B 48 26.79 12.61 33.48
CA MET B 48 27.83 11.59 33.38
C MET B 48 28.43 11.28 34.75
N SER B 49 28.00 12.00 35.79
CA SER B 49 28.71 12.01 37.05
C SER B 49 27.87 11.43 38.20
N VAL B 50 26.91 10.55 37.88
CA VAL B 50 26.05 9.96 38.91
C VAL B 50 26.79 8.77 39.53
N LEU B 51 27.58 9.05 40.58
CA LEU B 51 28.66 8.17 41.00
C LEU B 51 28.69 8.00 42.53
N THR B 52 29.29 6.88 42.93
CA THR B 52 29.65 6.60 44.31
C THR B 52 31.05 5.99 44.30
N HIS B 53 31.59 5.65 45.47
CA HIS B 53 32.86 4.94 45.55
C HIS B 53 32.72 3.70 46.43
N HIS B 54 31.66 2.92 46.20
CA HIS B 54 31.43 1.66 46.89
C HIS B 54 30.90 0.63 45.89
N GLN B 55 30.64 -0.61 46.35
CA GLN B 55 30.33 -1.72 45.46
C GLN B 55 28.83 -1.87 45.23
N GLY B 56 28.05 -0.84 45.56
CA GLY B 56 26.69 -0.72 45.05
C GLY B 56 25.69 -1.65 45.74
N ARG B 57 24.51 -1.73 45.11
CA ARG B 57 23.32 -2.36 45.66
C ARG B 57 23.58 -3.79 46.12
N LYS B 58 24.37 -4.55 45.37
CA LYS B 58 24.50 -5.97 45.60
C LYS B 58 25.26 -6.23 46.90
N VAL B 59 26.31 -5.43 47.14
CA VAL B 59 27.23 -5.64 48.26
C VAL B 59 26.73 -4.83 49.46
N LEU B 60 26.23 -3.61 49.22
CA LEU B 60 25.78 -2.74 50.30
C LEU B 60 24.36 -3.07 50.71
N GLY B 61 23.62 -3.73 49.81
CA GLY B 61 22.20 -3.94 50.06
C GLY B 61 21.40 -2.67 49.77
N PRO B 62 20.08 -2.66 50.08
CA PRO B 62 19.20 -1.54 49.76
C PRO B 62 19.23 -0.34 50.72
N VAL B 63 20.38 0.32 50.83
CA VAL B 63 20.62 1.25 51.91
C VAL B 63 20.58 2.69 51.41
N ALA B 64 20.62 2.85 50.09
CA ALA B 64 20.48 4.16 49.49
C ALA B 64 19.04 4.62 49.68
N ARG B 65 18.86 5.88 50.10
CA ARG B 65 17.56 6.46 50.33
C ARG B 65 16.86 6.77 49.00
N ASN B 66 17.66 7.00 47.95
CA ASN B 66 17.17 7.26 46.59
C ASN B 66 17.77 6.24 45.63
N VAL B 67 16.91 5.58 44.85
CA VAL B 67 17.30 4.43 44.04
C VAL B 67 18.22 4.83 42.87
N CYS B 68 17.73 5.68 41.97
CA CYS B 68 18.35 5.88 40.66
C CYS B 68 19.71 6.57 40.74
N GLY B 69 19.83 7.55 41.66
CA GLY B 69 21.09 8.26 41.88
C GLY B 69 21.96 7.61 42.96
N PHE B 70 21.37 6.66 43.71
CA PHE B 70 22.08 5.91 44.75
C PHE B 70 22.82 6.85 45.69
N ASP B 71 22.14 7.95 46.07
CA ASP B 71 22.70 8.90 47.02
C ASP B 71 24.09 9.32 46.55
N SER B 72 24.15 9.72 45.28
CA SER B 72 25.42 10.00 44.62
C SER B 72 26.19 11.08 45.38
N GLU B 73 27.51 10.94 45.38
CA GLU B 73 28.40 11.87 46.04
C GLU B 73 28.36 13.23 45.33
N THR B 74 28.01 13.23 44.04
CA THR B 74 27.97 14.46 43.25
C THR B 74 26.85 15.36 43.76
N TRP B 75 25.81 14.77 44.34
CA TRP B 75 24.73 15.51 44.97
C TRP B 75 24.79 15.34 46.49
N ASN B 76 26.00 15.12 47.03
CA ASN B 76 26.25 15.14 48.46
C ASN B 76 25.35 14.16 49.21
N GLY B 77 25.08 13.01 48.58
CA GLY B 77 24.37 11.93 49.23
C GLY B 77 22.86 12.07 49.11
N GLY B 78 22.40 13.09 48.37
CA GLY B 78 20.99 13.41 48.24
C GLY B 78 20.43 13.05 46.85
N LYS B 79 19.35 13.75 46.49
CA LYS B 79 18.50 13.39 45.37
C LYS B 79 19.02 13.99 44.06
N THR B 80 19.12 13.16 43.00
CA THR B 80 19.57 13.65 41.70
C THR B 80 18.34 14.02 40.85
N PRO B 81 18.49 14.77 39.73
CA PRO B 81 17.36 15.02 38.82
C PRO B 81 16.63 13.78 38.32
N TRP B 82 17.35 12.64 38.27
CA TRP B 82 16.82 11.42 37.72
C TRP B 82 16.12 10.58 38.79
N ASP B 83 16.00 11.13 40.00
CA ASP B 83 15.26 10.50 41.07
C ASP B 83 13.80 10.98 41.05
N ASN B 84 13.52 12.05 40.30
CA ASN B 84 12.17 12.59 40.24
C ASN B 84 11.27 11.61 39.50
N ALA B 85 10.02 11.50 39.97
CA ALA B 85 9.01 10.67 39.34
C ALA B 85 8.15 11.57 38.46
N ILE B 86 8.59 11.74 37.22
CA ILE B 86 7.95 12.61 36.26
C ILE B 86 7.65 11.76 35.02
N ASN B 87 7.09 12.39 34.00
CA ASN B 87 6.66 11.70 32.81
C ASN B 87 7.87 11.40 31.93
N TRP B 88 8.71 10.47 32.38
CA TRP B 88 9.94 10.11 31.67
C TRP B 88 9.62 9.54 30.29
N PRO B 89 10.45 9.78 29.25
CA PRO B 89 10.34 9.03 28.00
C PRO B 89 10.64 7.57 28.33
N VAL B 90 10.02 6.66 27.59
CA VAL B 90 10.11 5.23 27.86
C VAL B 90 10.70 4.53 26.65
N ASN B 91 11.46 3.47 26.92
CA ASN B 91 12.00 2.59 25.90
C ASN B 91 11.06 1.39 25.72
N ASN B 92 10.61 1.14 24.48
CA ASN B 92 9.84 -0.06 24.16
C ASN B 92 10.80 -1.21 23.83
N ILE B 93 10.83 -2.24 24.68
CA ILE B 93 11.74 -3.37 24.50
C ILE B 93 10.96 -4.68 24.56
N ASN B 94 11.64 -5.76 24.14
CA ASN B 94 11.18 -7.12 24.32
C ASN B 94 11.96 -7.77 25.45
N SER B 95 11.32 -8.75 26.09
CA SER B 95 11.98 -9.63 27.03
C SER B 95 12.99 -10.50 26.26
N GLY B 96 13.93 -11.11 26.99
CA GLY B 96 14.92 -11.99 26.39
C GLY B 96 16.24 -11.27 26.21
N THR B 97 17.09 -11.80 25.32
CA THR B 97 18.41 -11.23 25.12
C THR B 97 18.29 -9.77 24.71
N LEU B 98 19.10 -8.92 25.32
CA LEU B 98 19.10 -7.50 25.04
C LEU B 98 20.46 -6.92 25.42
N THR B 99 20.93 -5.99 24.59
CA THR B 99 22.18 -5.27 24.82
C THR B 99 21.90 -4.00 25.61
N PHE B 100 22.68 -3.79 26.68
CA PHE B 100 22.74 -2.53 27.41
C PHE B 100 24.07 -1.85 27.14
N SER B 101 24.02 -0.64 26.58
CA SER B 101 25.21 0.06 26.12
C SER B 101 25.53 1.26 27.02
N TRP B 102 26.78 1.33 27.48
CA TRP B 102 27.25 2.45 28.28
C TRP B 102 28.15 3.35 27.43
N ASP B 103 27.78 4.63 27.33
CA ASP B 103 28.67 5.62 26.75
C ASP B 103 29.63 6.12 27.82
N ILE B 104 30.92 5.84 27.65
CA ILE B 104 31.90 6.24 28.65
C ILE B 104 32.90 7.24 28.07
N SER B 105 32.52 7.91 26.97
CA SER B 105 33.35 8.90 26.32
C SER B 105 33.73 10.03 27.29
N ASN B 106 32.87 10.37 28.27
CA ASN B 106 33.17 11.45 29.20
C ASN B 106 34.25 11.06 30.22
N GLY B 107 34.51 9.77 30.39
CA GLY B 107 35.57 9.32 31.29
C GLY B 107 35.77 7.82 31.19
N PRO B 108 36.47 7.32 30.15
CA PRO B 108 36.64 5.89 29.94
C PRO B 108 37.41 5.32 31.13
N HIS B 109 37.00 4.14 31.60
CA HIS B 109 37.72 3.43 32.63
C HIS B 109 37.82 1.96 32.24
N PHE B 110 38.16 1.70 30.97
CA PHE B 110 38.18 0.33 30.49
C PHE B 110 39.05 -0.56 31.39
N ASP B 111 40.21 -0.03 31.78
CA ASP B 111 41.32 -0.82 32.29
C ASP B 111 41.06 -1.36 33.69
N ASP B 112 40.08 -0.81 34.41
CA ASP B 112 39.83 -1.25 35.78
C ASP B 112 38.32 -1.38 36.04
N THR B 113 37.54 -1.59 34.97
CA THR B 113 36.14 -1.95 35.11
C THR B 113 36.07 -3.34 35.74
N SER B 114 35.16 -3.48 36.72
CA SER B 114 35.01 -4.72 37.47
C SER B 114 33.69 -5.40 37.15
N ASP B 115 32.61 -4.62 36.97
CA ASP B 115 31.29 -5.22 36.89
C ASP B 115 30.25 -4.32 36.25
N PHE B 116 29.24 -4.98 35.67
CA PHE B 116 27.98 -4.38 35.29
C PHE B 116 26.87 -5.22 35.90
N ARG B 117 25.91 -4.56 36.55
CA ARG B 117 24.82 -5.23 37.24
C ARG B 117 23.51 -4.50 36.97
N TYR B 118 22.42 -5.27 36.78
CA TYR B 118 21.12 -4.71 36.41
C TYR B 118 20.04 -5.36 37.27
N TRP B 119 19.14 -4.52 37.81
CA TRP B 119 17.97 -4.93 38.55
C TRP B 119 16.73 -4.50 37.78
N ILE B 120 15.63 -5.26 37.92
CA ILE B 120 14.34 -4.90 37.34
C ILE B 120 13.28 -4.86 38.42
N THR B 121 12.22 -4.08 38.14
CA THR B 121 11.09 -3.97 39.04
C THR B 121 10.34 -5.30 39.07
N LYS B 122 9.73 -5.61 40.23
CA LYS B 122 9.03 -6.85 40.46
C LYS B 122 7.83 -6.96 39.52
N PRO B 123 7.29 -8.17 39.24
CA PRO B 123 6.11 -8.32 38.39
C PRO B 123 4.96 -7.41 38.81
N GLY B 124 4.81 -7.24 40.13
CA GLY B 124 3.69 -6.51 40.73
C GLY B 124 3.89 -4.99 40.76
N PHE B 125 5.05 -4.49 40.29
CA PHE B 125 5.31 -3.06 40.23
C PHE B 125 4.27 -2.32 39.39
N VAL B 126 3.89 -1.13 39.87
CA VAL B 126 2.98 -0.22 39.18
C VAL B 126 3.57 1.19 39.21
N TYR B 127 3.70 1.80 38.03
CA TYR B 127 4.27 3.13 37.90
C TYR B 127 3.16 4.16 38.06
N GLN B 128 3.39 5.15 38.92
CA GLN B 128 2.52 6.32 39.00
C GLN B 128 3.38 7.57 39.15
N VAL B 129 3.03 8.58 38.33
CA VAL B 129 3.73 9.85 38.34
C VAL B 129 3.64 10.40 39.75
N GLY B 130 4.79 10.85 40.31
CA GLY B 130 4.81 11.49 41.61
C GLY B 130 5.30 10.57 42.73
N ARG B 131 5.17 9.25 42.55
CA ARG B 131 5.65 8.28 43.52
C ARG B 131 7.05 7.82 43.12
N GLU B 132 8.04 8.18 43.93
CA GLU B 132 9.42 7.85 43.64
C GLU B 132 9.66 6.39 43.99
N LEU B 133 10.68 5.81 43.35
CA LEU B 133 10.98 4.40 43.51
C LEU B 133 11.53 4.09 44.89
N THR B 134 11.21 2.88 45.39
CA THR B 134 11.83 2.29 46.58
C THR B 134 12.56 1.01 46.16
N TRP B 135 13.41 0.49 47.05
CA TRP B 135 14.12 -0.77 46.81
C TRP B 135 13.14 -1.95 46.81
N ALA B 136 11.97 -1.76 47.41
CA ALA B 136 10.95 -2.80 47.45
C ALA B 136 10.25 -2.90 46.10
N ASP B 137 10.40 -1.88 45.24
CA ASP B 137 9.90 -1.97 43.87
C ASP B 137 10.75 -2.91 43.03
N PHE B 138 11.98 -3.19 43.45
CA PHE B 138 12.94 -3.92 42.64
C PHE B 138 13.14 -5.31 43.21
N GLU B 139 13.52 -6.27 42.35
CA GLU B 139 13.98 -7.57 42.81
C GLU B 139 15.14 -7.33 43.76
N ASP B 140 15.35 -8.26 44.70
CA ASP B 140 16.47 -8.14 45.62
C ASP B 140 17.79 -8.29 44.86
N GLN B 141 17.87 -9.30 43.98
CA GLN B 141 19.12 -9.64 43.30
C GLN B 141 19.07 -9.14 41.87
N PRO B 142 20.22 -8.81 41.24
CA PRO B 142 20.23 -8.40 39.84
C PRO B 142 19.88 -9.55 38.91
N PHE B 143 19.16 -9.26 37.81
CA PHE B 143 18.83 -10.27 36.82
C PHE B 143 20.01 -10.49 35.88
N CYS B 144 20.94 -9.52 35.86
CA CYS B 144 22.13 -9.58 35.04
C CYS B 144 23.31 -9.07 35.85
N ASP B 145 24.34 -9.93 36.00
CA ASP B 145 25.49 -9.65 36.83
C ASP B 145 26.77 -10.11 36.13
N LEU B 146 27.41 -9.19 35.39
CA LEU B 146 28.50 -9.53 34.50
C LEU B 146 29.82 -9.07 35.13
N ALA B 147 30.82 -9.96 35.09
CA ALA B 147 32.18 -9.60 35.48
C ALA B 147 32.93 -9.08 34.25
N TYR B 148 34.05 -8.41 34.48
CA TYR B 148 34.91 -7.97 33.40
C TYR B 148 36.33 -7.80 33.92
N ASN B 149 37.30 -8.13 33.05
CA ASN B 149 38.70 -7.84 33.29
C ASN B 149 39.33 -7.52 31.95
N ASP B 150 39.83 -6.28 31.83
CA ASP B 150 40.32 -5.77 30.56
C ASP B 150 41.60 -6.48 30.14
N ASP B 151 42.27 -7.14 31.10
CA ASP B 151 43.45 -7.96 30.80
C ASP B 151 43.06 -9.18 29.95
N ASN B 152 41.82 -9.68 30.11
CA ASN B 152 41.42 -10.96 29.54
C ASN B 152 40.04 -10.82 28.90
N PRO B 153 39.85 -9.94 27.89
CA PRO B 153 38.51 -9.63 27.37
C PRO B 153 37.74 -10.84 26.86
N GLY B 154 38.47 -11.79 26.25
CA GLY B 154 37.88 -12.94 25.59
C GLY B 154 37.11 -13.85 26.54
N ALA B 155 37.40 -13.75 27.85
CA ALA B 155 36.71 -14.52 28.86
C ALA B 155 35.36 -13.92 29.25
N TYR B 156 34.93 -12.84 28.57
CA TYR B 156 33.69 -12.15 28.91
C TYR B 156 32.90 -11.84 27.64
N PRO B 157 32.34 -12.86 26.96
CA PRO B 157 31.66 -12.66 25.67
C PRO B 157 30.37 -11.84 25.67
N ASN B 158 29.79 -11.59 26.86
CA ASN B 158 28.60 -10.76 26.99
C ASN B 158 28.97 -9.35 27.46
N VAL B 159 30.25 -9.00 27.36
CA VAL B 159 30.73 -7.64 27.54
C VAL B 159 31.67 -7.34 26.37
N ARG B 160 31.32 -6.36 25.54
CA ARG B 160 32.14 -5.98 24.40
C ARG B 160 32.58 -4.53 24.58
N ALA B 161 33.89 -4.34 24.79
CA ALA B 161 34.52 -3.02 24.79
C ALA B 161 34.64 -2.51 23.35
N ASP B 162 34.20 -1.26 23.12
CA ASP B 162 34.52 -0.51 21.91
C ASP B 162 35.34 0.71 22.30
N LYS B 163 36.67 0.61 22.19
CA LYS B 163 37.57 1.65 22.65
C LYS B 163 37.52 2.86 21.73
N PRO B 164 37.66 2.73 20.39
CA PRO B 164 37.54 3.89 19.52
C PRO B 164 36.29 4.74 19.74
N ASN B 165 35.17 4.11 20.10
CA ASN B 165 33.94 4.85 20.32
C ASN B 165 33.58 4.93 21.80
N THR B 166 34.54 4.58 22.68
CA THR B 166 34.39 4.71 24.13
C THR B 166 32.98 4.29 24.57
N HIS B 167 32.67 3.01 24.32
CA HIS B 167 31.46 2.37 24.80
C HIS B 167 31.77 0.98 25.34
N PHE B 168 30.88 0.52 26.22
CA PHE B 168 30.77 -0.87 26.64
C PHE B 168 29.43 -1.36 26.13
N HIS B 169 29.41 -2.56 25.54
CA HIS B 169 28.16 -3.18 25.12
C HIS B 169 27.99 -4.47 25.92
N THR B 170 26.95 -4.53 26.76
CA THR B 170 26.74 -5.66 27.67
C THR B 170 25.44 -6.38 27.31
N THR B 171 25.46 -7.72 27.35
CA THR B 171 24.32 -8.54 26.97
C THR B 171 23.72 -9.20 28.21
N CYS B 172 22.41 -9.02 28.38
CA CYS B 172 21.66 -9.59 29.48
C CYS B 172 20.42 -10.33 28.95
N THR B 173 19.79 -11.12 29.84
CA THR B 173 18.48 -11.70 29.59
C THR B 173 17.45 -10.95 30.43
N VAL B 174 16.65 -10.11 29.76
CA VAL B 174 15.57 -9.42 30.44
C VAL B 174 14.48 -10.44 30.77
N PRO B 175 14.14 -10.69 32.06
CA PRO B 175 13.10 -11.64 32.42
C PRO B 175 11.75 -11.24 31.86
N ALA B 176 10.86 -12.23 31.73
CA ALA B 176 9.51 -12.02 31.23
C ALA B 176 8.80 -11.01 32.12
N ARG B 177 8.31 -9.96 31.48
CA ARG B 177 7.51 -8.93 32.14
C ARG B 177 6.56 -8.39 31.09
N THR B 178 5.55 -7.68 31.55
CA THR B 178 4.67 -6.96 30.64
C THR B 178 4.33 -5.61 31.28
N GLY B 179 4.21 -4.58 30.44
CA GLY B 179 3.82 -3.26 30.90
C GLY B 179 5.03 -2.39 31.27
N ARG B 180 4.76 -1.40 32.13
CA ARG B 180 5.70 -0.37 32.52
C ARG B 180 6.60 -0.88 33.64
N HIS B 181 7.93 -0.76 33.45
CA HIS B 181 8.92 -1.19 34.41
C HIS B 181 10.11 -0.24 34.38
N VAL B 182 11.02 -0.44 35.33
CA VAL B 182 12.29 0.26 35.41
C VAL B 182 13.40 -0.77 35.56
N ILE B 183 14.51 -0.53 34.85
CA ILE B 183 15.74 -1.26 35.07
C ILE B 183 16.77 -0.34 35.73
N TYR B 184 17.25 -0.77 36.90
CA TYR B 184 18.26 -0.05 37.65
C TYR B 184 19.63 -0.65 37.28
N ALA B 185 20.58 0.22 36.90
CA ALA B 185 21.82 -0.23 36.28
C ALA B 185 23.05 0.33 37.00
N GLU B 186 24.10 -0.50 37.12
CA GLU B 186 25.36 -0.07 37.72
C GLU B 186 26.54 -0.45 36.82
N TRP B 187 27.51 0.46 36.74
CA TRP B 187 28.82 0.17 36.17
C TRP B 187 29.89 0.42 37.23
N GLY B 188 30.62 -0.63 37.61
CA GLY B 188 31.56 -0.58 38.72
C GLY B 188 33.02 -0.76 38.29
N ARG B 189 33.93 -0.24 39.13
CA ARG B 189 35.35 -0.32 38.91
C ARG B 189 36.00 -1.08 40.08
N GLU B 190 37.17 -1.64 39.78
CA GLU B 190 38.03 -2.28 40.77
C GLU B 190 38.56 -1.26 41.77
N PRO B 191 39.14 -1.69 42.91
CA PRO B 191 40.07 -0.84 43.65
C PRO B 191 41.18 -0.31 42.74
N PRO B 192 41.83 0.83 43.02
CA PRO B 192 41.66 1.55 44.29
C PRO B 192 40.48 2.50 44.45
N THR B 193 39.83 2.89 43.34
CA THR B 193 38.76 3.88 43.42
C THR B 193 37.45 3.24 43.88
N TYR B 194 37.16 2.02 43.43
CA TYR B 194 35.83 1.44 43.60
C TYR B 194 34.75 2.34 42.99
N GLU B 195 35.09 3.22 42.05
CA GLU B 195 34.09 4.17 41.58
C GLU B 195 32.99 3.39 40.85
N ARG B 196 31.75 3.89 41.01
CA ARG B 196 30.57 3.23 40.47
C ARG B 196 29.58 4.27 39.94
N PHE B 197 28.93 3.91 38.82
CA PHE B 197 27.98 4.77 38.13
C PHE B 197 26.62 4.10 38.10
N HIS B 198 25.57 4.92 38.27
CA HIS B 198 24.22 4.45 38.53
C HIS B 198 23.25 5.11 37.58
N GLY B 199 22.26 4.34 37.10
CA GLY B 199 21.23 4.84 36.22
C GLY B 199 19.92 4.06 36.33
N CYS B 200 18.84 4.69 35.89
CA CYS B 200 17.55 4.04 35.72
C CYS B 200 17.10 4.14 34.26
N ILE B 201 16.49 3.05 33.78
CA ILE B 201 16.06 2.93 32.40
C ILE B 201 14.55 2.65 32.42
N ASP B 202 13.74 3.58 31.92
CA ASP B 202 12.30 3.37 31.83
C ASP B 202 11.97 2.53 30.60
N VAL B 203 11.23 1.43 30.82
CA VAL B 203 10.96 0.49 29.74
C VAL B 203 9.47 0.14 29.75
N GLN B 204 8.93 -0.06 28.54
CA GLN B 204 7.62 -0.65 28.32
C GLN B 204 7.86 -2.00 27.67
N ILE B 205 7.60 -3.10 28.39
CA ILE B 205 8.06 -4.41 27.98
C ILE B 205 6.91 -5.21 27.35
N HIS B 206 7.16 -5.78 26.16
CA HIS B 206 6.14 -6.47 25.41
C HIS B 206 6.39 -7.99 25.48
N HIS C 1 -27.56 -24.51 44.99
CA HIS C 1 -26.75 -25.17 43.93
C HIS C 1 -26.76 -24.28 42.70
N GLY C 2 -25.57 -24.01 42.14
CA GLY C 2 -25.43 -23.02 41.08
C GLY C 2 -23.98 -22.63 40.82
N PHE C 3 -23.80 -21.67 39.90
CA PHE C 3 -22.52 -21.33 39.33
C PHE C 3 -22.63 -19.95 38.67
N VAL C 4 -21.50 -19.32 38.40
CA VAL C 4 -21.46 -18.04 37.71
C VAL C 4 -21.58 -18.28 36.21
N ASP C 5 -22.58 -17.64 35.58
CA ASP C 5 -22.81 -17.83 34.15
C ASP C 5 -22.41 -16.57 33.39
N SER C 6 -22.01 -15.52 34.11
CA SER C 6 -21.64 -14.27 33.44
C SER C 6 -20.78 -13.38 34.33
N PRO C 7 -19.53 -13.07 33.96
CA PRO C 7 -18.81 -13.74 32.87
C PRO C 7 -18.69 -15.20 33.26
N GLY C 8 -18.80 -16.09 32.28
CA GLY C 8 -19.01 -17.50 32.58
C GLY C 8 -17.81 -18.11 33.30
N ALA C 9 -18.07 -18.92 34.34
CA ALA C 9 -17.00 -19.57 35.06
C ALA C 9 -16.53 -20.83 34.33
N ARG C 10 -15.44 -21.41 34.83
CA ARG C 10 -14.89 -22.64 34.30
C ARG C 10 -15.96 -23.72 34.21
N ASN C 11 -16.90 -23.69 35.18
CA ASN C 11 -17.91 -24.72 35.32
C ASN C 11 -19.19 -24.31 34.58
N TYR C 12 -19.17 -23.13 33.97
CA TYR C 12 -20.15 -22.74 32.96
C TYR C 12 -19.76 -23.38 31.63
N PHE C 13 -18.55 -23.07 31.15
CA PHE C 13 -18.05 -23.55 29.87
C PHE C 13 -18.02 -25.08 29.87
N CYS C 14 -17.42 -25.67 30.93
CA CYS C 14 -17.29 -27.10 31.05
C CYS C 14 -18.18 -27.58 32.20
N GLY C 15 -19.43 -27.94 31.87
CA GLY C 15 -20.46 -28.19 32.86
C GLY C 15 -21.84 -27.78 32.35
N ALA C 16 -22.25 -26.53 32.60
CA ALA C 16 -23.53 -26.03 32.14
C ALA C 16 -23.64 -26.16 30.62
N VAL C 17 -22.57 -25.78 29.89
CA VAL C 17 -22.64 -25.81 28.43
C VAL C 17 -22.11 -27.15 27.95
N THR C 18 -20.79 -27.36 27.97
CA THR C 18 -20.20 -28.54 27.36
C THR C 18 -20.23 -29.66 28.39
N LYS C 19 -20.86 -30.80 28.05
CA LYS C 19 -21.02 -31.91 28.96
C LYS C 19 -20.01 -33.00 28.61
N PRO C 20 -19.56 -33.79 29.60
CA PRO C 20 -18.58 -34.86 29.33
C PRO C 20 -18.91 -35.71 28.11
N ASP C 21 -20.16 -36.10 27.92
CA ASP C 21 -20.56 -36.94 26.79
C ASP C 21 -20.31 -36.24 25.46
N HIS C 22 -20.49 -34.90 25.44
CA HIS C 22 -20.27 -34.11 24.24
C HIS C 22 -18.84 -34.34 23.75
N VAL C 23 -17.87 -34.29 24.68
CA VAL C 23 -16.48 -34.54 24.37
C VAL C 23 -16.35 -35.95 23.78
N MET C 24 -17.00 -36.94 24.40
CA MET C 24 -16.80 -38.32 24.01
C MET C 24 -17.26 -38.57 22.58
N ASN C 25 -18.27 -37.80 22.15
CA ASN C 25 -18.90 -38.02 20.87
C ASN C 25 -18.41 -37.01 19.84
N GLY C 26 -17.54 -36.09 20.30
CA GLY C 26 -16.88 -35.15 19.42
C GLY C 26 -17.82 -34.06 18.91
N VAL C 27 -18.75 -33.61 19.78
CA VAL C 27 -19.72 -32.58 19.44
C VAL C 27 -19.61 -31.42 20.43
N ALA C 28 -18.50 -31.31 21.15
CA ALA C 28 -18.38 -30.29 22.20
C ALA C 28 -18.22 -28.89 21.58
N ARG C 29 -19.00 -27.94 22.11
CA ARG C 29 -18.80 -26.53 21.80
C ARG C 29 -17.43 -26.10 22.30
N TYR C 30 -17.03 -26.66 23.45
CA TYR C 30 -15.74 -26.39 24.05
C TYR C 30 -14.93 -27.67 24.12
N PRO C 31 -14.31 -28.11 23.01
CA PRO C 31 -13.54 -29.36 23.03
C PRO C 31 -12.31 -29.28 23.94
N GLU C 32 -11.96 -28.08 24.41
CA GLU C 32 -10.90 -27.94 25.39
C GLU C 32 -11.30 -28.52 26.74
N CYS C 33 -12.60 -28.72 27.01
CA CYS C 33 -13.05 -29.33 28.24
C CYS C 33 -12.54 -30.77 28.40
N ALA C 34 -12.14 -31.39 27.28
CA ALA C 34 -11.56 -32.73 27.33
C ALA C 34 -10.49 -32.79 28.43
N GLY C 35 -9.67 -31.73 28.51
CA GLY C 35 -8.61 -31.66 29.50
C GLY C 35 -9.13 -31.44 30.92
N ALA C 36 -10.36 -30.92 31.08
CA ALA C 36 -10.96 -30.77 32.39
C ALA C 36 -11.51 -32.09 32.91
N PHE C 37 -11.99 -32.95 31.99
CA PHE C 37 -12.74 -34.15 32.38
C PHE C 37 -11.88 -35.42 32.26
N ALA C 38 -10.58 -35.27 32.00
CA ALA C 38 -9.75 -36.38 31.55
C ALA C 38 -9.74 -37.53 32.56
N ASN C 39 -9.53 -37.23 33.85
CA ASN C 39 -9.42 -38.26 34.87
C ASN C 39 -10.55 -38.09 35.89
N ASP C 40 -11.70 -37.56 35.42
CA ASP C 40 -12.93 -37.51 36.21
C ASP C 40 -14.10 -37.17 35.29
N PHE C 41 -14.67 -38.20 34.66
CA PHE C 41 -15.68 -38.00 33.62
C PHE C 41 -16.98 -37.48 34.23
N ASN C 42 -17.52 -38.22 35.19
CA ASN C 42 -18.87 -38.05 35.69
C ASN C 42 -19.01 -36.77 36.51
N GLY C 43 -17.88 -36.28 37.04
CA GLY C 43 -17.84 -35.07 37.84
C GLY C 43 -18.37 -33.83 37.09
N GLY C 44 -18.24 -33.84 35.75
CA GLY C 44 -18.62 -32.69 34.94
C GLY C 44 -20.13 -32.42 35.01
N TYR C 45 -20.90 -33.46 35.35
CA TYR C 45 -22.34 -33.34 35.49
C TYR C 45 -22.72 -32.64 36.80
N SER C 46 -21.75 -32.46 37.71
CA SER C 46 -22.04 -31.90 39.02
C SER C 46 -21.53 -30.46 39.14
N TYR C 47 -21.49 -29.74 38.02
CA TYR C 47 -20.97 -28.39 37.94
C TYR C 47 -21.70 -27.45 38.89
N MET C 48 -22.92 -27.80 39.30
CA MET C 48 -23.71 -26.93 40.18
C MET C 48 -23.44 -27.24 41.64
N SER C 49 -22.58 -28.24 41.89
CA SER C 49 -22.47 -28.87 43.21
C SER C 49 -21.07 -28.73 43.80
N VAL C 50 -20.35 -27.67 43.39
CA VAL C 50 -19.02 -27.39 43.90
C VAL C 50 -19.20 -26.64 45.21
N LEU C 51 -19.49 -27.40 46.28
CA LEU C 51 -19.96 -26.84 47.53
C LEU C 51 -19.05 -27.25 48.69
N THR C 52 -19.05 -26.42 49.72
CA THR C 52 -18.55 -26.75 51.05
C THR C 52 -19.63 -26.39 52.05
N HIS C 53 -19.31 -26.53 53.35
CA HIS C 53 -20.22 -26.12 54.40
C HIS C 53 -19.43 -25.32 55.44
N HIS C 54 -18.95 -24.14 55.04
CA HIS C 54 -18.20 -23.22 55.89
C HIS C 54 -18.20 -21.84 55.24
N GLN C 55 -17.53 -20.87 55.86
CA GLN C 55 -17.65 -19.47 55.46
C GLN C 55 -16.46 -18.99 54.61
N GLY C 56 -15.64 -19.95 54.12
CA GLY C 56 -14.82 -19.73 52.93
C GLY C 56 -13.43 -19.15 53.20
N ARG C 57 -12.80 -18.69 52.11
CA ARG C 57 -11.43 -18.20 52.08
C ARG C 57 -11.20 -17.07 53.09
N LYS C 58 -12.11 -16.10 53.13
CA LYS C 58 -11.93 -14.93 53.97
C LYS C 58 -11.79 -15.34 55.44
N VAL C 59 -12.53 -16.39 55.85
CA VAL C 59 -12.66 -16.72 57.26
C VAL C 59 -11.68 -17.82 57.69
N LEU C 60 -11.34 -18.74 56.79
CA LEU C 60 -10.46 -19.87 57.10
C LEU C 60 -9.05 -19.62 56.58
N GLY C 61 -8.89 -18.55 55.79
CA GLY C 61 -7.58 -18.23 55.25
C GLY C 61 -7.23 -19.19 54.11
N PRO C 62 -5.98 -19.15 53.61
CA PRO C 62 -5.61 -19.92 52.43
C PRO C 62 -5.32 -21.39 52.72
N VAL C 63 -6.33 -22.08 53.26
CA VAL C 63 -6.14 -23.41 53.83
C VAL C 63 -6.30 -24.49 52.76
N ALA C 64 -7.19 -24.29 51.79
CA ALA C 64 -7.53 -25.33 50.84
C ALA C 64 -6.37 -25.58 49.88
N ARG C 65 -6.07 -26.86 49.66
CA ARG C 65 -5.03 -27.28 48.74
C ARG C 65 -5.39 -26.86 47.31
N ASN C 66 -6.67 -27.01 46.93
CA ASN C 66 -7.14 -26.65 45.60
C ASN C 66 -8.01 -25.39 45.67
N VAL C 67 -7.69 -24.41 44.81
CA VAL C 67 -8.29 -23.08 44.89
C VAL C 67 -9.72 -23.10 44.37
N CYS C 68 -9.91 -23.39 43.07
CA CYS C 68 -11.20 -23.18 42.41
C CYS C 68 -12.30 -24.07 42.99
N GLY C 69 -11.93 -25.28 43.43
CA GLY C 69 -12.88 -26.18 44.04
C GLY C 69 -12.96 -26.01 45.57
N PHE C 70 -12.00 -25.28 46.16
CA PHE C 70 -11.87 -25.18 47.59
C PHE C 70 -12.07 -26.54 48.27
N ASP C 71 -11.45 -27.59 47.73
CA ASP C 71 -11.54 -28.93 48.29
C ASP C 71 -13.00 -29.28 48.62
N SER C 72 -13.87 -29.23 47.61
CA SER C 72 -15.31 -29.43 47.77
C SER C 72 -15.63 -30.80 48.36
N GLU C 73 -16.65 -30.84 49.23
CA GLU C 73 -17.17 -32.05 49.82
C GLU C 73 -17.57 -33.05 48.74
N THR C 74 -18.16 -32.55 47.65
CA THR C 74 -18.65 -33.37 46.56
C THR C 74 -17.51 -34.22 45.99
N TRP C 75 -16.27 -33.73 46.09
CA TRP C 75 -15.11 -34.50 45.65
C TRP C 75 -14.28 -34.99 46.84
N ASN C 76 -14.92 -35.12 48.02
CA ASN C 76 -14.28 -35.62 49.23
C ASN C 76 -12.98 -34.86 49.52
N GLY C 77 -13.05 -33.52 49.44
CA GLY C 77 -11.92 -32.66 49.79
C GLY C 77 -10.81 -32.69 48.74
N GLY C 78 -11.05 -33.37 47.61
CA GLY C 78 -10.04 -33.56 46.58
C GLY C 78 -10.16 -32.54 45.44
N LYS C 79 -9.55 -32.90 44.31
CA LYS C 79 -9.44 -32.02 43.16
C LYS C 79 -10.68 -32.16 42.28
N THR C 80 -11.18 -31.03 41.75
CA THR C 80 -12.33 -31.01 40.86
C THR C 80 -11.85 -30.84 39.42
N PRO C 81 -12.70 -31.09 38.41
CA PRO C 81 -12.35 -30.80 37.02
C PRO C 81 -11.82 -29.38 36.82
N TRP C 82 -12.37 -28.43 37.61
CA TRP C 82 -12.13 -27.01 37.43
C TRP C 82 -10.90 -26.54 38.19
N ASP C 83 -10.11 -27.48 38.73
CA ASP C 83 -8.84 -27.17 39.36
C ASP C 83 -7.67 -27.55 38.45
N ASN C 84 -7.95 -28.20 37.32
CA ASN C 84 -6.94 -28.50 36.32
C ASN C 84 -6.59 -27.19 35.62
N ALA C 85 -5.32 -27.09 35.17
CA ALA C 85 -4.79 -25.86 34.61
C ALA C 85 -4.71 -26.00 33.09
N ILE C 86 -5.88 -26.11 32.46
CA ILE C 86 -5.97 -26.38 31.03
C ILE C 86 -6.00 -25.04 30.30
N ASN C 87 -6.05 -25.09 28.96
CA ASN C 87 -6.35 -23.90 28.17
C ASN C 87 -7.83 -23.56 28.32
N TRP C 88 -8.19 -22.97 29.48
CA TRP C 88 -9.56 -22.59 29.76
C TRP C 88 -10.03 -21.49 28.81
N PRO C 89 -11.32 -21.42 28.44
CA PRO C 89 -11.83 -20.26 27.72
C PRO C 89 -11.72 -19.04 28.63
N VAL C 90 -11.50 -17.88 28.01
CA VAL C 90 -11.20 -16.67 28.76
C VAL C 90 -12.25 -15.63 28.38
N ASN C 91 -12.72 -14.91 29.42
CA ASN C 91 -13.60 -13.77 29.26
C ASN C 91 -12.77 -12.50 29.17
N ASN C 92 -13.00 -11.70 28.13
CA ASN C 92 -12.36 -10.41 27.96
C ASN C 92 -13.22 -9.35 28.66
N ILE C 93 -12.67 -8.76 29.73
CA ILE C 93 -13.37 -7.77 30.55
C ILE C 93 -12.49 -6.51 30.62
N ASN C 94 -13.06 -5.47 31.25
CA ASN C 94 -12.31 -4.28 31.64
C ASN C 94 -12.32 -4.15 33.17
N SER C 95 -11.39 -3.35 33.68
CA SER C 95 -11.45 -2.91 35.06
C SER C 95 -12.66 -2.03 35.25
N GLY C 96 -12.97 -1.74 36.52
CA GLY C 96 -14.15 -0.96 36.85
C GLY C 96 -15.36 -1.86 37.06
N THR C 97 -16.56 -1.29 36.91
CA THR C 97 -17.76 -1.94 37.37
C THR C 97 -18.10 -3.10 36.44
N LEU C 98 -18.54 -4.21 37.05
CA LEU C 98 -18.91 -5.42 36.32
C LEU C 98 -19.90 -6.24 37.16
N THR C 99 -20.92 -6.78 36.51
CA THR C 99 -21.88 -7.67 37.14
C THR C 99 -21.37 -9.10 37.05
N PHE C 100 -21.39 -9.79 38.19
CA PHE C 100 -21.19 -11.23 38.25
C PHE C 100 -22.55 -11.84 38.51
N SER C 101 -22.97 -12.80 37.66
CA SER C 101 -24.30 -13.38 37.75
C SER C 101 -24.19 -14.85 38.11
N TRP C 102 -24.91 -15.26 39.17
CA TRP C 102 -25.04 -16.67 39.52
C TRP C 102 -26.36 -17.23 38.99
N ASP C 103 -26.27 -18.35 38.25
CA ASP C 103 -27.45 -19.11 37.89
C ASP C 103 -27.78 -20.07 39.03
N ILE C 104 -28.90 -19.88 39.72
CA ILE C 104 -29.20 -20.74 40.86
C ILE C 104 -30.45 -21.58 40.61
N SER C 105 -30.80 -21.74 39.32
CA SER C 105 -31.95 -22.52 38.88
C SER C 105 -31.90 -23.96 39.40
N ASN C 106 -30.71 -24.54 39.56
CA ASN C 106 -30.57 -25.93 39.98
C ASN C 106 -30.86 -26.13 41.47
N GLY C 107 -30.88 -25.05 42.26
CA GLY C 107 -31.07 -25.18 43.70
C GLY C 107 -31.07 -23.81 44.37
N PRO C 108 -32.16 -23.04 44.20
CA PRO C 108 -32.21 -21.65 44.64
C PRO C 108 -32.24 -21.57 46.16
N HIS C 109 -31.42 -20.66 46.70
CA HIS C 109 -31.33 -20.44 48.13
C HIS C 109 -31.42 -18.95 48.41
N PHE C 110 -32.37 -18.27 47.76
CA PHE C 110 -32.58 -16.85 47.96
C PHE C 110 -32.74 -16.52 49.45
N ASP C 111 -33.43 -17.38 50.20
CA ASP C 111 -34.03 -16.96 51.45
C ASP C 111 -33.00 -16.91 52.58
N ASP C 112 -31.88 -17.63 52.42
CA ASP C 112 -30.88 -17.72 53.48
C ASP C 112 -29.47 -17.51 52.91
N THR C 113 -29.38 -16.80 51.78
CA THR C 113 -28.11 -16.35 51.24
C THR C 113 -27.49 -15.28 52.15
N SER C 114 -26.20 -15.40 52.46
CA SER C 114 -25.56 -14.50 53.40
C SER C 114 -24.62 -13.54 52.68
N ASP C 115 -23.91 -14.01 51.63
CA ASP C 115 -22.85 -13.21 51.05
C ASP C 115 -22.42 -13.73 49.68
N PHE C 116 -21.73 -12.85 48.95
CA PHE C 116 -21.00 -13.18 47.75
C PHE C 116 -19.61 -12.56 47.88
N ARG C 117 -18.55 -13.31 47.57
CA ARG C 117 -17.20 -12.78 47.70
C ARG C 117 -16.36 -13.15 46.49
N TYR C 118 -15.51 -12.20 46.06
CA TYR C 118 -14.66 -12.41 44.91
C TYR C 118 -13.23 -11.97 45.28
N TRP C 119 -12.26 -12.81 44.89
CA TRP C 119 -10.83 -12.54 44.97
C TRP C 119 -10.28 -12.42 43.57
N ILE C 120 -9.15 -11.71 43.38
CA ILE C 120 -8.46 -11.66 42.10
C ILE C 120 -6.95 -11.86 42.28
N THR C 121 -6.31 -12.37 41.21
CA THR C 121 -4.87 -12.57 41.17
C THR C 121 -4.16 -11.23 41.27
N LYS C 122 -3.00 -11.23 41.92
CA LYS C 122 -2.22 -10.02 42.17
C LYS C 122 -1.63 -9.48 40.87
N PRO C 123 -1.31 -8.16 40.80
CA PRO C 123 -0.67 -7.60 39.61
C PRO C 123 0.61 -8.39 39.31
N GLY C 124 0.84 -8.63 38.02
CA GLY C 124 2.02 -9.33 37.55
C GLY C 124 1.95 -10.85 37.71
N PHE C 125 0.76 -11.38 38.06
CA PHE C 125 0.51 -12.81 38.08
C PHE C 125 0.86 -13.38 36.71
N VAL C 126 1.47 -14.57 36.70
CA VAL C 126 1.86 -15.23 35.46
C VAL C 126 1.06 -16.52 35.35
N TYR C 127 0.07 -16.54 34.44
CA TYR C 127 -0.73 -17.72 34.19
C TYR C 127 0.05 -18.66 33.28
N GLN C 128 0.40 -19.85 33.79
CA GLN C 128 1.00 -20.90 32.99
C GLN C 128 0.05 -22.11 32.99
N VAL C 129 -0.32 -22.57 31.78
CA VAL C 129 -1.06 -23.81 31.62
C VAL C 129 -0.15 -24.93 32.14
N GLY C 130 -0.53 -25.49 33.29
CA GLY C 130 0.38 -26.27 34.10
C GLY C 130 0.33 -25.79 35.55
N ARG C 131 1.22 -24.85 35.89
CA ARG C 131 1.28 -24.29 37.23
C ARG C 131 -0.15 -24.06 37.69
N GLU C 132 -0.57 -24.81 38.71
CA GLU C 132 -1.91 -24.69 39.24
C GLU C 132 -1.96 -23.54 40.22
N LEU C 133 -3.19 -23.10 40.49
CA LEU C 133 -3.41 -21.92 41.29
C LEU C 133 -3.07 -22.25 42.74
N THR C 134 -2.40 -21.30 43.41
CA THR C 134 -2.28 -21.28 44.86
C THR C 134 -2.81 -19.95 45.35
N TRP C 135 -2.97 -19.83 46.67
CA TRP C 135 -3.58 -18.65 47.26
C TRP C 135 -2.63 -17.45 47.16
N ALA C 136 -1.32 -17.72 47.09
CA ALA C 136 -0.32 -16.66 46.96
C ALA C 136 -0.49 -15.91 45.63
N ASP C 137 -0.97 -16.62 44.60
CA ASP C 137 -1.26 -16.02 43.31
C ASP C 137 -2.28 -14.88 43.43
N PHE C 138 -3.15 -14.97 44.45
CA PHE C 138 -4.28 -14.07 44.62
C PHE C 138 -3.97 -13.03 45.69
N GLU C 139 -4.69 -11.89 45.61
CA GLU C 139 -4.78 -10.98 46.74
C GLU C 139 -5.24 -11.79 47.96
N ASP C 140 -4.97 -11.26 49.15
CA ASP C 140 -5.30 -11.93 50.38
C ASP C 140 -6.79 -11.78 50.71
N GLN C 141 -7.28 -10.54 50.57
CA GLN C 141 -8.66 -10.22 50.88
C GLN C 141 -9.44 -10.05 49.58
N PRO C 142 -10.79 -10.19 49.61
CA PRO C 142 -11.60 -10.05 48.40
C PRO C 142 -11.80 -8.57 48.03
N PHE C 143 -11.82 -8.28 46.72
CA PHE C 143 -12.07 -6.93 46.26
C PHE C 143 -13.56 -6.62 46.34
N CYS C 144 -14.40 -7.67 46.33
CA CYS C 144 -15.83 -7.50 46.31
C CYS C 144 -16.41 -8.43 47.37
N ASP C 145 -17.09 -7.83 48.34
CA ASP C 145 -17.58 -8.58 49.48
C ASP C 145 -18.95 -8.01 49.82
N LEU C 146 -19.98 -8.69 49.31
CA LEU C 146 -21.34 -8.18 49.35
C LEU C 146 -22.14 -9.07 50.27
N ALA C 147 -22.68 -8.46 51.34
CA ALA C 147 -23.62 -9.16 52.18
C ALA C 147 -24.99 -9.08 51.51
N TYR C 148 -25.89 -9.96 51.95
CA TYR C 148 -27.27 -9.95 51.47
C TYR C 148 -28.16 -10.48 52.60
N ASN C 149 -29.41 -10.05 52.58
CA ASN C 149 -30.45 -10.58 53.45
C ASN C 149 -31.82 -10.41 52.77
N ASP C 150 -32.43 -11.53 52.38
CA ASP C 150 -33.63 -11.55 51.54
C ASP C 150 -34.83 -10.91 52.24
N ASP C 151 -34.79 -10.81 53.58
CA ASP C 151 -35.87 -10.19 54.32
C ASP C 151 -35.83 -8.68 54.10
N ASN C 152 -34.63 -8.14 53.86
CA ASN C 152 -34.48 -6.70 53.73
C ASN C 152 -33.59 -6.41 52.52
N PRO C 153 -34.07 -6.63 51.27
CA PRO C 153 -33.21 -6.52 50.08
C PRO C 153 -32.79 -5.10 49.72
N GLY C 154 -33.65 -4.12 50.04
CA GLY C 154 -33.40 -2.71 49.74
C GLY C 154 -32.11 -2.18 50.37
N ALA C 155 -31.60 -2.88 51.39
CA ALA C 155 -30.38 -2.48 52.11
C ALA C 155 -29.11 -3.07 51.49
N TYR C 156 -29.26 -3.89 50.44
CA TYR C 156 -28.13 -4.47 49.73
C TYR C 156 -28.25 -4.08 48.27
N PRO C 157 -28.06 -2.79 47.92
CA PRO C 157 -28.36 -2.32 46.57
C PRO C 157 -27.47 -2.83 45.44
N ASN C 158 -26.35 -3.51 45.76
CA ASN C 158 -25.49 -4.06 44.72
C ASN C 158 -25.73 -5.57 44.56
N VAL C 159 -26.82 -6.06 45.16
CA VAL C 159 -27.30 -7.41 44.97
C VAL C 159 -28.71 -7.30 44.39
N ARG C 160 -28.95 -8.03 43.30
CA ARG C 160 -30.26 -8.07 42.67
C ARG C 160 -30.70 -9.53 42.63
N ALA C 161 -31.78 -9.85 43.34
CA ALA C 161 -32.36 -11.18 43.23
C ALA C 161 -33.35 -11.16 42.07
N ASP C 162 -33.18 -12.08 41.12
CA ASP C 162 -34.18 -12.23 40.07
C ASP C 162 -34.82 -13.60 40.25
N LYS C 163 -35.98 -13.63 40.91
CA LYS C 163 -36.55 -14.89 41.36
C LYS C 163 -37.21 -15.63 40.20
N PRO C 164 -38.03 -14.97 39.35
CA PRO C 164 -38.59 -15.67 38.19
C PRO C 164 -37.56 -16.38 37.31
N ASN C 165 -36.38 -15.77 37.14
CA ASN C 165 -35.32 -16.33 36.30
C ASN C 165 -34.24 -17.01 37.15
N THR C 166 -34.51 -17.24 38.44
CA THR C 166 -33.60 -17.91 39.37
C THR C 166 -32.14 -17.50 39.16
N HIS C 167 -31.84 -16.20 39.28
CA HIS C 167 -30.48 -15.70 39.21
C HIS C 167 -30.23 -14.70 40.34
N PHE C 168 -28.97 -14.61 40.76
CA PHE C 168 -28.48 -13.46 41.52
C PHE C 168 -27.56 -12.63 40.61
N HIS C 169 -27.72 -11.31 40.62
CA HIS C 169 -26.81 -10.42 39.93
C HIS C 169 -26.11 -9.51 40.94
N THR C 170 -24.77 -9.57 40.99
CA THR C 170 -24.02 -8.78 41.95
C THR C 170 -23.10 -7.80 41.22
N THR C 171 -23.03 -6.56 41.72
CA THR C 171 -22.24 -5.52 41.08
C THR C 171 -20.94 -5.32 41.87
N CYS C 172 -19.80 -5.57 41.21
CA CYS C 172 -18.50 -5.43 41.82
C CYS C 172 -17.64 -4.46 41.02
N THR C 173 -16.60 -3.91 41.66
CA THR C 173 -15.60 -3.12 40.96
C THR C 173 -14.31 -3.93 40.82
N VAL C 174 -13.94 -4.24 39.57
CA VAL C 174 -12.70 -4.98 39.36
C VAL C 174 -11.56 -3.97 39.51
N PRO C 175 -10.56 -4.20 40.39
CA PRO C 175 -9.47 -3.25 40.54
C PRO C 175 -8.56 -3.34 39.31
N ALA C 176 -7.75 -2.28 39.13
CA ALA C 176 -6.97 -2.07 37.91
C ALA C 176 -5.98 -3.21 37.68
N ARG C 177 -5.93 -3.72 36.44
CA ARG C 177 -5.14 -4.89 36.11
C ARG C 177 -4.90 -4.90 34.61
N THR C 178 -3.94 -5.72 34.13
CA THR C 178 -3.84 -6.00 32.70
C THR C 178 -3.35 -7.43 32.50
N GLY C 179 -3.63 -7.97 31.31
CA GLY C 179 -3.23 -9.33 30.98
C GLY C 179 -4.16 -10.39 31.58
N ARG C 180 -3.65 -11.62 31.63
CA ARG C 180 -4.41 -12.79 32.03
C ARG C 180 -4.50 -12.86 33.56
N HIS C 181 -5.72 -12.97 34.08
CA HIS C 181 -5.96 -13.09 35.51
C HIS C 181 -7.04 -14.15 35.77
N VAL C 182 -7.28 -14.44 37.04
CA VAL C 182 -8.34 -15.36 37.46
C VAL C 182 -9.11 -14.69 38.59
N ILE C 183 -10.45 -14.78 38.54
CA ILE C 183 -11.27 -14.37 39.68
C ILE C 183 -11.81 -15.63 40.36
N TYR C 184 -11.63 -15.67 41.67
CA TYR C 184 -12.17 -16.73 42.50
C TYR C 184 -13.43 -16.20 43.18
N ALA C 185 -14.49 -17.02 43.19
CA ALA C 185 -15.82 -16.55 43.53
C ALA C 185 -16.47 -17.45 44.57
N GLU C 186 -17.16 -16.83 45.54
CA GLU C 186 -17.93 -17.58 46.51
C GLU C 186 -19.36 -17.04 46.59
N TRP C 187 -20.30 -17.99 46.74
CA TRP C 187 -21.69 -17.73 47.09
C TRP C 187 -21.99 -18.49 48.36
N GLY C 188 -22.41 -17.78 49.42
CA GLY C 188 -22.46 -18.37 50.75
C GLY C 188 -23.84 -18.20 51.36
N ARG C 189 -24.23 -19.16 52.21
CA ARG C 189 -25.48 -19.09 52.93
C ARG C 189 -25.22 -19.03 54.45
N GLU C 190 -26.29 -18.62 55.14
CA GLU C 190 -26.35 -18.47 56.58
C GLU C 190 -26.31 -19.82 57.29
N PRO C 191 -26.34 -19.83 58.64
CA PRO C 191 -26.84 -20.98 59.38
C PRO C 191 -28.26 -21.31 58.91
N PRO C 192 -28.73 -22.58 59.06
CA PRO C 192 -27.92 -23.66 59.64
C PRO C 192 -26.96 -24.44 58.76
N THR C 193 -27.05 -24.30 57.42
CA THR C 193 -26.25 -25.13 56.52
C THR C 193 -24.83 -24.60 56.40
N TYR C 194 -24.70 -23.27 56.39
CA TYR C 194 -23.46 -22.59 56.00
C TYR C 194 -22.99 -23.08 54.63
N GLU C 195 -23.92 -23.49 53.77
CA GLU C 195 -23.51 -24.03 52.49
C GLU C 195 -22.96 -22.90 51.63
N ARG C 196 -21.95 -23.21 50.81
CA ARG C 196 -21.22 -22.23 50.03
C ARG C 196 -20.80 -22.85 48.69
N PHE C 197 -20.77 -22.03 47.64
CA PHE C 197 -20.42 -22.48 46.30
C PHE C 197 -19.22 -21.70 45.81
N HIS C 198 -18.35 -22.40 45.08
CA HIS C 198 -17.04 -21.90 44.70
C HIS C 198 -16.85 -22.00 43.20
N GLY C 199 -16.25 -20.98 42.59
CA GLY C 199 -15.95 -21.01 41.17
C GLY C 199 -14.74 -20.14 40.82
N CYS C 200 -14.14 -20.42 39.66
CA CYS C 200 -13.14 -19.54 39.09
C CYS C 200 -13.62 -19.04 37.73
N ILE C 201 -13.25 -17.79 37.46
CA ILE C 201 -13.51 -17.13 36.19
C ILE C 201 -12.17 -16.69 35.60
N ASP C 202 -11.82 -17.26 34.44
CA ASP C 202 -10.65 -16.82 33.71
C ASP C 202 -10.99 -15.55 32.95
N VAL C 203 -10.12 -14.53 33.10
CA VAL C 203 -10.34 -13.21 32.55
C VAL C 203 -9.07 -12.69 31.90
N GLN C 204 -9.23 -12.05 30.74
CA GLN C 204 -8.21 -11.21 30.12
C GLN C 204 -8.65 -9.76 30.28
N ILE C 205 -7.86 -8.97 31.03
CA ILE C 205 -8.29 -7.64 31.46
C ILE C 205 -7.58 -6.59 30.60
N HIS C 206 -8.34 -5.54 30.24
CA HIS C 206 -7.84 -4.49 29.36
C HIS C 206 -8.08 -3.13 30.04
N HIS D 1 23.69 25.27 3.68
CA HIS D 1 24.20 23.88 3.76
C HIS D 1 23.96 23.36 5.17
N GLY D 2 23.19 22.29 5.27
CA GLY D 2 22.84 21.73 6.56
C GLY D 2 22.02 20.45 6.42
N PHE D 3 21.62 19.91 7.57
CA PHE D 3 20.92 18.65 7.69
C PHE D 3 20.20 18.64 9.04
N VAL D 4 19.23 17.74 9.18
CA VAL D 4 18.47 17.63 10.42
C VAL D 4 19.30 16.80 11.40
N ASP D 5 19.57 17.36 12.58
CA ASP D 5 20.34 16.62 13.57
C ASP D 5 19.48 16.18 14.74
N SER D 6 18.19 16.51 14.76
CA SER D 6 17.36 16.03 15.84
C SER D 6 15.90 16.02 15.43
N PRO D 7 15.22 14.85 15.41
CA PRO D 7 15.86 13.54 15.53
C PRO D 7 16.79 13.37 14.34
N GLY D 8 17.91 12.66 14.54
CA GLY D 8 18.99 12.59 13.56
C GLY D 8 18.51 12.03 12.22
N ALA D 9 18.82 12.72 11.11
CA ALA D 9 18.45 12.26 9.77
C ALA D 9 19.43 11.18 9.33
N ARG D 10 19.20 10.61 8.15
CA ARG D 10 20.07 9.57 7.62
C ARG D 10 21.48 10.11 7.43
N ASN D 11 21.59 11.40 7.07
CA ASN D 11 22.86 12.04 6.79
C ASN D 11 23.45 12.64 8.06
N TYR D 12 22.69 12.60 9.18
CA TYR D 12 23.28 12.83 10.49
C TYR D 12 24.03 11.57 10.93
N PHE D 13 23.37 10.41 10.92
CA PHE D 13 23.99 9.16 11.37
C PHE D 13 25.16 8.78 10.45
N CYS D 14 24.89 8.77 9.14
CA CYS D 14 25.92 8.47 8.16
C CYS D 14 26.29 9.74 7.42
N GLY D 15 27.40 10.37 7.85
CA GLY D 15 27.77 11.70 7.37
C GLY D 15 28.35 12.55 8.50
N ALA D 16 27.46 13.22 9.24
CA ALA D 16 27.89 14.06 10.36
C ALA D 16 28.63 13.22 11.40
N VAL D 17 28.13 12.00 11.67
CA VAL D 17 28.69 11.19 12.74
C VAL D 17 29.63 10.14 12.14
N THR D 18 29.09 9.05 11.57
CA THR D 18 29.95 8.03 11.02
C THR D 18 30.39 8.46 9.62
N LYS D 19 31.70 8.43 9.38
CA LYS D 19 32.32 8.85 8.14
C LYS D 19 32.72 7.62 7.33
N PRO D 20 32.79 7.71 5.98
CA PRO D 20 33.19 6.55 5.17
C PRO D 20 34.50 5.87 5.58
N ASP D 21 35.50 6.64 6.01
CA ASP D 21 36.76 6.08 6.46
C ASP D 21 36.58 5.30 7.77
N HIS D 22 35.65 5.71 8.65
CA HIS D 22 35.39 4.96 9.86
C HIS D 22 34.98 3.54 9.52
N VAL D 23 34.13 3.41 8.50
CA VAL D 23 33.65 2.12 8.05
C VAL D 23 34.84 1.31 7.50
N MET D 24 35.59 1.89 6.56
CA MET D 24 36.71 1.19 5.97
C MET D 24 37.67 0.69 7.06
N ASN D 25 37.82 1.48 8.14
CA ASN D 25 38.78 1.17 9.19
C ASN D 25 38.16 0.38 10.36
N GLY D 26 36.89 0.00 10.28
CA GLY D 26 36.25 -0.81 11.32
C GLY D 26 36.12 -0.08 12.65
N VAL D 27 35.88 1.24 12.63
CA VAL D 27 35.76 1.99 13.87
C VAL D 27 34.48 2.83 13.90
N ALA D 28 33.48 2.44 13.09
CA ALA D 28 32.30 3.27 12.91
C ALA D 28 31.36 3.11 14.09
N ARG D 29 30.84 4.23 14.61
CA ARG D 29 29.76 4.20 15.60
C ARG D 29 28.55 3.50 15.02
N TYR D 30 28.26 3.75 13.73
CA TYR D 30 27.17 3.13 13.01
C TYR D 30 27.75 2.31 11.86
N PRO D 31 28.20 1.06 12.10
CA PRO D 31 28.79 0.26 11.03
C PRO D 31 27.82 0.02 9.87
N GLU D 32 26.50 0.09 10.15
CA GLU D 32 25.47 -0.13 9.15
C GLU D 32 25.52 0.94 8.04
N CYS D 33 26.29 2.01 8.24
CA CYS D 33 26.49 3.01 7.20
C CYS D 33 27.29 2.43 6.02
N ALA D 34 27.91 1.26 6.19
CA ALA D 34 28.62 0.60 5.11
C ALA D 34 27.78 0.59 3.83
N GLY D 35 26.48 0.29 3.96
CA GLY D 35 25.60 0.13 2.82
C GLY D 35 25.30 1.45 2.10
N ALA D 36 25.33 2.57 2.83
CA ALA D 36 25.10 3.89 2.26
C ALA D 36 26.31 4.37 1.44
N PHE D 37 27.52 3.98 1.84
CA PHE D 37 28.75 4.51 1.26
C PHE D 37 29.38 3.55 0.26
N ALA D 38 28.84 2.33 0.16
CA ALA D 38 29.46 1.24 -0.58
C ALA D 38 29.88 1.70 -1.97
N ASN D 39 28.98 2.42 -2.66
CA ASN D 39 29.16 2.77 -4.06
C ASN D 39 29.56 4.25 -4.22
N ASP D 40 29.86 4.96 -3.11
CA ASP D 40 30.10 6.39 -3.16
C ASP D 40 30.86 6.83 -1.89
N PHE D 41 32.18 6.61 -1.89
CA PHE D 41 33.02 6.94 -0.74
C PHE D 41 33.10 8.45 -0.54
N ASN D 42 33.37 9.17 -1.63
CA ASN D 42 33.51 10.63 -1.58
C ASN D 42 32.21 11.27 -1.07
N GLY D 43 31.07 10.73 -1.52
CA GLY D 43 29.76 11.34 -1.33
C GLY D 43 29.40 11.45 0.15
N GLY D 44 29.86 10.50 0.97
CA GLY D 44 29.55 10.50 2.39
C GLY D 44 29.97 11.79 3.10
N TYR D 45 31.04 12.43 2.62
CA TYR D 45 31.57 13.61 3.28
C TYR D 45 30.78 14.86 2.91
N SER D 46 29.82 14.73 1.98
CA SER D 46 29.05 15.85 1.46
C SER D 46 27.61 15.84 1.99
N TYR D 47 27.46 15.37 3.23
CA TYR D 47 26.15 15.17 3.86
C TYR D 47 25.42 16.50 4.06
N MET D 48 26.16 17.62 4.10
CA MET D 48 25.55 18.93 4.28
C MET D 48 25.09 19.51 2.94
N SER D 49 25.33 18.76 1.84
CA SER D 49 25.17 19.32 0.49
C SER D 49 24.08 18.64 -0.33
N VAL D 50 23.02 18.12 0.31
CA VAL D 50 21.96 17.44 -0.40
C VAL D 50 20.94 18.50 -0.82
N LEU D 51 21.25 19.15 -1.95
CA LEU D 51 20.59 20.39 -2.33
C LEU D 51 20.01 20.32 -3.74
N THR D 52 19.05 21.21 -3.99
CA THR D 52 18.53 21.57 -5.30
C THR D 52 18.29 23.07 -5.29
N HIS D 53 17.80 23.61 -6.41
CA HIS D 53 17.43 25.02 -6.50
C HIS D 53 16.03 25.16 -7.10
N HIS D 54 15.02 24.86 -6.27
CA HIS D 54 13.61 24.92 -6.66
C HIS D 54 12.79 24.85 -5.37
N GLN D 55 11.46 24.91 -5.50
CA GLN D 55 10.59 25.04 -4.35
C GLN D 55 10.03 23.69 -3.90
N GLY D 56 10.56 22.59 -4.47
CA GLY D 56 10.54 21.29 -3.83
C GLY D 56 9.27 20.48 -4.11
N ARG D 57 9.05 19.46 -3.28
CA ARG D 57 8.00 18.47 -3.50
C ARG D 57 6.62 19.12 -3.56
N LYS D 58 6.37 20.13 -2.73
CA LYS D 58 5.07 20.76 -2.69
C LYS D 58 4.71 21.41 -4.02
N VAL D 59 5.68 22.08 -4.65
CA VAL D 59 5.43 22.86 -5.85
C VAL D 59 5.61 21.99 -7.09
N LEU D 60 6.64 21.15 -7.12
CA LEU D 60 6.98 20.38 -8.31
C LEU D 60 6.18 19.08 -8.40
N GLY D 61 5.64 18.61 -7.26
CA GLY D 61 4.92 17.35 -7.21
C GLY D 61 5.87 16.17 -7.16
N PRO D 62 5.35 14.93 -7.21
CA PRO D 62 6.14 13.72 -7.01
C PRO D 62 7.05 13.41 -8.19
N VAL D 63 8.00 14.33 -8.46
CA VAL D 63 8.71 14.37 -9.72
C VAL D 63 10.08 13.70 -9.59
N ALA D 64 10.68 13.66 -8.38
CA ALA D 64 12.02 13.16 -8.23
C ALA D 64 12.01 11.63 -8.28
N ARG D 65 13.03 11.04 -8.90
CA ARG D 65 13.21 9.60 -8.90
C ARG D 65 13.62 9.09 -7.52
N ASN D 66 14.41 9.89 -6.81
CA ASN D 66 14.91 9.52 -5.48
C ASN D 66 14.25 10.46 -4.47
N VAL D 67 13.61 9.89 -3.45
CA VAL D 67 12.86 10.68 -2.50
C VAL D 67 13.81 11.48 -1.61
N CYS D 68 14.69 10.78 -0.90
CA CYS D 68 15.42 11.40 0.22
C CYS D 68 16.41 12.45 -0.28
N GLY D 69 16.97 12.22 -1.48
CA GLY D 69 17.91 13.13 -2.09
C GLY D 69 17.24 14.12 -3.05
N PHE D 70 15.97 13.89 -3.39
CA PHE D 70 15.24 14.67 -4.38
C PHE D 70 16.13 14.93 -5.62
N ASP D 71 16.84 13.90 -6.10
CA ASP D 71 17.64 13.98 -7.32
C ASP D 71 18.58 15.18 -7.23
N SER D 72 19.31 15.27 -6.11
CA SER D 72 20.11 16.44 -5.79
C SER D 72 21.13 16.77 -6.89
N GLU D 73 21.25 18.07 -7.17
CA GLU D 73 22.24 18.62 -8.10
C GLU D 73 23.66 18.17 -7.75
N THR D 74 23.94 18.01 -6.45
CA THR D 74 25.25 17.59 -6.02
C THR D 74 25.57 16.19 -6.57
N TRP D 75 24.54 15.36 -6.84
CA TRP D 75 24.75 14.05 -7.43
C TRP D 75 24.18 13.99 -8.86
N ASN D 76 24.00 15.17 -9.50
CA ASN D 76 23.57 15.28 -10.90
C ASN D 76 22.27 14.54 -11.16
N GLY D 77 21.31 14.69 -10.23
CA GLY D 77 19.98 14.14 -10.42
C GLY D 77 19.97 12.65 -10.13
N GLY D 78 21.11 12.12 -9.68
CA GLY D 78 21.24 10.71 -9.36
C GLY D 78 21.01 10.45 -7.87
N LYS D 79 21.25 9.20 -7.52
CA LYS D 79 21.10 8.67 -6.18
C LYS D 79 22.20 9.23 -5.28
N THR D 80 21.81 9.66 -4.07
CA THR D 80 22.74 9.99 -3.00
C THR D 80 22.93 8.76 -2.13
N PRO D 81 23.95 8.73 -1.24
CA PRO D 81 24.08 7.69 -0.22
C PRO D 81 22.80 7.42 0.55
N TRP D 82 22.00 8.46 0.79
CA TRP D 82 20.89 8.40 1.70
C TRP D 82 19.59 7.95 1.01
N ASP D 83 19.71 7.64 -0.29
CA ASP D 83 18.64 7.03 -1.07
C ASP D 83 18.73 5.50 -1.05
N ASN D 84 19.89 4.97 -0.64
CA ASN D 84 20.06 3.53 -0.51
C ASN D 84 19.12 3.00 0.57
N ALA D 85 18.56 1.81 0.34
CA ALA D 85 17.63 1.18 1.27
C ALA D 85 18.36 0.15 2.11
N ILE D 86 18.93 0.59 3.23
CA ILE D 86 19.75 -0.25 4.09
C ILE D 86 19.14 -0.31 5.50
N ASN D 87 19.91 -0.91 6.42
CA ASN D 87 19.49 -1.08 7.81
C ASN D 87 19.79 0.22 8.57
N TRP D 88 19.08 1.29 8.20
CA TRP D 88 19.29 2.64 8.74
C TRP D 88 19.01 2.67 10.22
N PRO D 89 19.77 3.45 11.03
CA PRO D 89 19.41 3.67 12.43
C PRO D 89 18.06 4.34 12.47
N VAL D 90 17.28 4.08 13.51
CA VAL D 90 15.92 4.58 13.58
C VAL D 90 15.73 5.36 14.88
N ASN D 91 14.97 6.45 14.80
CA ASN D 91 14.61 7.25 15.96
C ASN D 91 13.28 6.79 16.54
N ASN D 92 13.20 6.63 17.87
CA ASN D 92 11.94 6.33 18.53
C ASN D 92 11.26 7.65 18.89
N ILE D 93 10.08 7.89 18.30
CA ILE D 93 9.28 9.07 18.60
C ILE D 93 7.84 8.64 18.92
N ASN D 94 7.04 9.64 19.31
CA ASN D 94 5.60 9.51 19.45
C ASN D 94 4.95 10.47 18.47
N SER D 95 3.70 10.15 18.06
CA SER D 95 2.85 11.14 17.40
C SER D 95 2.65 12.34 18.32
N GLY D 96 2.20 13.46 17.77
CA GLY D 96 2.07 14.70 18.52
C GLY D 96 3.24 15.65 18.21
N THR D 97 3.42 16.66 19.08
CA THR D 97 4.39 17.73 18.88
C THR D 97 5.82 17.21 18.93
N LEU D 98 6.65 17.70 18.00
CA LEU D 98 8.04 17.30 17.90
C LEU D 98 8.82 18.42 17.22
N THR D 99 9.98 18.76 17.80
CA THR D 99 10.88 19.72 17.21
C THR D 99 11.86 19.00 16.28
N PHE D 100 11.99 19.55 15.07
CA PHE D 100 13.00 19.18 14.10
C PHE D 100 14.03 20.30 14.05
N SER D 101 15.28 19.97 14.37
CA SER D 101 16.37 20.94 14.35
C SER D 101 17.30 20.66 13.17
N TRP D 102 17.65 21.74 12.47
CA TRP D 102 18.66 21.71 11.41
C TRP D 102 19.95 22.32 11.89
N ASP D 103 21.04 21.55 11.76
CA ASP D 103 22.39 22.07 11.90
C ASP D 103 22.80 22.75 10.59
N ILE D 104 22.90 24.08 10.62
CA ILE D 104 23.29 24.85 9.44
C ILE D 104 24.66 25.51 9.67
N SER D 105 25.47 24.92 10.56
CA SER D 105 26.82 25.37 10.89
C SER D 105 27.73 25.40 9.66
N ASN D 106 27.53 24.45 8.74
CA ASN D 106 28.36 24.31 7.55
C ASN D 106 28.08 25.41 6.52
N GLY D 107 27.00 26.18 6.69
CA GLY D 107 26.59 27.14 5.69
C GLY D 107 25.28 27.80 6.08
N PRO D 108 25.30 28.78 7.01
CA PRO D 108 24.06 29.30 7.56
C PRO D 108 23.43 30.27 6.56
N HIS D 109 22.11 30.16 6.41
CA HIS D 109 21.36 31.01 5.48
C HIS D 109 20.13 31.55 6.19
N PHE D 110 20.36 32.07 7.39
CA PHE D 110 19.27 32.53 8.23
C PHE D 110 18.49 33.60 7.47
N ASP D 111 19.19 34.54 6.84
CA ASP D 111 18.56 35.79 6.46
C ASP D 111 17.72 35.67 5.19
N ASP D 112 17.78 34.54 4.46
CA ASP D 112 16.93 34.36 3.29
C ASP D 112 16.23 33.00 3.26
N THR D 113 16.08 32.35 4.44
CA THR D 113 15.29 31.13 4.55
C THR D 113 13.81 31.46 4.31
N SER D 114 13.09 30.58 3.58
CA SER D 114 11.70 30.83 3.23
C SER D 114 10.74 29.86 3.90
N ASP D 115 11.16 28.59 4.08
CA ASP D 115 10.22 27.58 4.53
C ASP D 115 10.92 26.33 5.04
N PHE D 116 10.20 25.58 5.87
CA PHE D 116 10.53 24.22 6.20
C PHE D 116 9.31 23.35 5.91
N ARG D 117 9.50 22.16 5.33
CA ARG D 117 8.35 21.32 4.97
C ARG D 117 8.67 19.86 5.26
N TYR D 118 7.68 19.15 5.83
CA TYR D 118 7.84 17.77 6.26
C TYR D 118 6.69 16.91 5.75
N TRP D 119 7.06 15.76 5.17
CA TRP D 119 6.15 14.74 4.67
C TRP D 119 6.36 13.47 5.50
N ILE D 120 5.30 12.67 5.67
CA ILE D 120 5.42 11.39 6.39
C ILE D 120 4.80 10.29 5.55
N THR D 121 5.30 9.07 5.75
CA THR D 121 4.79 7.90 5.06
C THR D 121 3.35 7.65 5.52
N LYS D 122 2.56 7.03 4.63
CA LYS D 122 1.15 6.75 4.88
C LYS D 122 1.00 5.67 5.94
N PRO D 123 -0.15 5.61 6.64
CA PRO D 123 -0.41 4.55 7.62
C PRO D 123 -0.14 3.15 7.08
N GLY D 124 -0.41 2.94 5.78
CA GLY D 124 -0.29 1.62 5.18
C GLY D 124 1.13 1.25 4.77
N PHE D 125 2.08 2.21 4.89
CA PHE D 125 3.45 2.01 4.45
C PHE D 125 4.07 0.83 5.16
N VAL D 126 4.74 -0.04 4.38
CA VAL D 126 5.48 -1.19 4.89
C VAL D 126 6.95 -1.03 4.52
N TYR D 127 7.79 -0.81 5.54
CA TYR D 127 9.23 -0.65 5.34
C TYR D 127 9.82 -2.02 5.03
N GLN D 128 10.75 -2.06 4.08
CA GLN D 128 11.40 -3.30 3.67
C GLN D 128 12.81 -2.97 3.25
N VAL D 129 13.79 -3.53 3.95
CA VAL D 129 15.19 -3.35 3.61
C VAL D 129 15.36 -3.85 2.17
N GLY D 130 16.00 -3.02 1.33
CA GLY D 130 16.24 -3.36 -0.06
C GLY D 130 15.31 -2.59 -1.00
N ARG D 131 14.16 -2.14 -0.48
CA ARG D 131 13.14 -1.53 -1.30
C ARG D 131 13.22 -0.01 -1.12
N GLU D 132 13.76 0.67 -2.13
CA GLU D 132 13.90 2.12 -2.11
C GLU D 132 12.52 2.78 -2.05
N LEU D 133 12.49 4.00 -1.50
CA LEU D 133 11.26 4.73 -1.24
C LEU D 133 10.66 5.26 -2.55
N THR D 134 9.33 5.42 -2.58
CA THR D 134 8.66 6.10 -3.68
C THR D 134 7.68 7.11 -3.08
N TRP D 135 7.20 8.04 -3.91
CA TRP D 135 6.32 9.11 -3.44
C TRP D 135 4.96 8.56 -3.03
N ALA D 136 4.60 7.38 -3.54
CA ALA D 136 3.37 6.68 -3.16
C ALA D 136 3.44 6.17 -1.72
N ASP D 137 4.66 6.08 -1.15
CA ASP D 137 4.83 5.70 0.25
C ASP D 137 4.36 6.83 1.17
N PHE D 138 4.36 8.06 0.68
CA PHE D 138 4.18 9.27 1.47
C PHE D 138 2.82 9.93 1.18
N GLU D 139 2.31 10.67 2.18
CA GLU D 139 1.16 11.54 1.96
C GLU D 139 1.52 12.51 0.84
N ASP D 140 0.51 12.98 0.10
CA ASP D 140 0.75 13.88 -1.01
C ASP D 140 1.15 15.27 -0.50
N GLN D 141 0.54 15.69 0.59
CA GLN D 141 0.71 17.03 1.09
C GLN D 141 1.57 16.95 2.36
N PRO D 142 2.37 17.98 2.68
CA PRO D 142 3.14 17.98 3.93
C PRO D 142 2.25 18.05 5.16
N PHE D 143 2.65 17.37 6.25
CA PHE D 143 1.92 17.44 7.50
C PHE D 143 2.35 18.67 8.30
N CYS D 144 3.52 19.21 7.97
CA CYS D 144 4.07 20.38 8.64
C CYS D 144 4.69 21.29 7.58
N ASP D 145 4.24 22.54 7.53
CA ASP D 145 4.53 23.43 6.43
C ASP D 145 4.69 24.86 6.97
N LEU D 146 5.94 25.24 7.25
CA LEU D 146 6.24 26.43 8.06
C LEU D 146 6.90 27.52 7.24
N ALA D 147 6.26 28.69 7.19
CA ALA D 147 6.85 29.86 6.56
C ALA D 147 7.91 30.43 7.50
N TYR D 148 8.82 31.24 6.94
CA TYR D 148 9.75 32.01 7.74
C TYR D 148 10.22 33.23 6.95
N ASN D 149 10.50 34.29 7.70
CA ASN D 149 11.11 35.51 7.19
C ASN D 149 11.92 36.12 8.34
N ASP D 150 13.25 36.11 8.17
CA ASP D 150 14.17 36.45 9.25
C ASP D 150 14.06 37.93 9.61
N ASP D 151 13.45 38.72 8.72
CA ASP D 151 13.22 40.13 9.01
C ASP D 151 12.13 40.31 10.06
N ASN D 152 11.24 39.33 10.21
CA ASN D 152 10.15 39.45 11.16
C ASN D 152 10.00 38.17 11.99
N PRO D 153 11.00 37.78 12.82
CA PRO D 153 10.96 36.52 13.55
C PRO D 153 9.74 36.32 14.47
N GLY D 154 9.23 37.41 15.06
CA GLY D 154 8.14 37.35 16.02
C GLY D 154 6.86 36.76 15.44
N ALA D 155 6.73 36.83 14.12
CA ALA D 155 5.55 36.36 13.40
C ALA D 155 5.57 34.85 13.15
N TYR D 156 6.66 34.16 13.50
CA TYR D 156 6.76 32.72 13.26
C TYR D 156 7.19 32.00 14.54
N PRO D 157 6.30 31.79 15.53
CA PRO D 157 6.70 31.20 16.81
C PRO D 157 7.18 29.75 16.66
N ASN D 158 6.79 29.08 15.56
CA ASN D 158 7.10 27.66 15.39
C ASN D 158 8.47 27.47 14.70
N VAL D 159 9.16 28.56 14.38
CA VAL D 159 10.50 28.52 13.83
C VAL D 159 11.40 29.35 14.74
N ARG D 160 12.47 28.73 15.25
CA ARG D 160 13.39 29.41 16.15
C ARG D 160 14.80 29.40 15.55
N ALA D 161 15.34 30.59 15.30
CA ALA D 161 16.72 30.71 14.86
C ALA D 161 17.63 30.87 16.07
N ASP D 162 18.56 29.93 16.22
CA ASP D 162 19.65 30.10 17.17
C ASP D 162 20.90 30.41 16.38
N LYS D 163 21.22 31.71 16.28
CA LYS D 163 22.30 32.18 15.45
C LYS D 163 23.65 31.85 16.07
N PRO D 164 23.92 32.14 17.37
CA PRO D 164 25.17 31.69 17.98
C PRO D 164 25.53 30.21 17.76
N ASN D 165 24.55 29.30 17.80
CA ASN D 165 24.79 27.87 17.67
C ASN D 165 24.43 27.34 16.27
N THR D 166 24.28 28.27 15.31
CA THR D 166 23.93 28.00 13.91
C THR D 166 22.96 26.83 13.75
N HIS D 167 21.76 26.97 14.31
CA HIS D 167 20.73 25.96 14.20
C HIS D 167 19.40 26.65 13.92
N PHE D 168 18.51 25.94 13.21
CA PHE D 168 17.09 26.24 13.24
C PHE D 168 16.37 25.15 14.02
N HIS D 169 15.40 25.57 14.84
CA HIS D 169 14.49 24.67 15.53
C HIS D 169 13.05 24.92 15.07
N THR D 170 12.42 23.87 14.51
CA THR D 170 11.06 23.96 13.98
C THR D 170 10.15 22.98 14.72
N THR D 171 8.95 23.44 15.14
CA THR D 171 7.98 22.59 15.84
C THR D 171 6.87 22.16 14.90
N CYS D 172 6.63 20.84 14.84
CA CYS D 172 5.58 20.25 14.03
C CYS D 172 4.71 19.31 14.87
N THR D 173 3.59 18.90 14.28
CA THR D 173 2.75 17.87 14.87
C THR D 173 2.82 16.64 13.98
N VAL D 174 3.47 15.58 14.47
CA VAL D 174 3.45 14.30 13.80
C VAL D 174 2.05 13.70 13.95
N PRO D 175 1.34 13.36 12.85
CA PRO D 175 -0.01 12.80 12.97
C PRO D 175 0.02 11.39 13.53
N ALA D 176 -1.17 10.87 13.86
CA ALA D 176 -1.30 9.54 14.44
C ALA D 176 -0.69 8.50 13.51
N ARG D 177 0.18 7.65 14.08
CA ARG D 177 0.90 6.62 13.34
C ARG D 177 1.40 5.61 14.36
N THR D 178 1.65 4.36 13.92
CA THR D 178 2.38 3.40 14.72
C THR D 178 3.25 2.57 13.78
N GLY D 179 4.38 2.06 14.29
CA GLY D 179 5.25 1.21 13.49
C GLY D 179 6.33 2.01 12.76
N ARG D 180 7.00 1.35 11.79
CA ARG D 180 8.17 1.89 11.10
C ARG D 180 7.77 2.85 9.99
N HIS D 181 8.26 4.09 10.06
CA HIS D 181 7.89 5.15 9.12
C HIS D 181 9.10 6.00 8.73
N VAL D 182 8.87 6.94 7.80
CA VAL D 182 9.91 7.85 7.33
C VAL D 182 9.33 9.25 7.21
N ILE D 183 10.10 10.24 7.66
CA ILE D 183 9.77 11.63 7.45
C ILE D 183 10.78 12.20 6.46
N TYR D 184 10.25 12.76 5.37
CA TYR D 184 11.04 13.50 4.40
C TYR D 184 10.92 15.00 4.72
N ALA D 185 12.04 15.72 4.65
CA ALA D 185 12.13 17.07 5.16
C ALA D 185 12.81 17.97 4.15
N GLU D 186 12.36 19.23 4.08
CA GLU D 186 12.96 20.23 3.22
C GLU D 186 13.23 21.52 3.97
N TRP D 187 14.39 22.13 3.72
CA TRP D 187 14.70 23.49 4.15
C TRP D 187 14.96 24.32 2.90
N GLY D 188 14.11 25.34 2.71
CA GLY D 188 14.05 26.05 1.44
C GLY D 188 14.40 27.52 1.63
N ARG D 189 15.05 28.11 0.61
CA ARG D 189 15.40 29.52 0.62
C ARG D 189 14.61 30.31 -0.42
N GLU D 190 14.58 31.62 -0.17
CA GLU D 190 13.94 32.62 -1.01
C GLU D 190 14.65 32.70 -2.36
N PRO D 191 14.10 33.45 -3.33
CA PRO D 191 14.92 34.01 -4.40
C PRO D 191 16.04 34.81 -3.75
N PRO D 192 17.19 35.04 -4.42
CA PRO D 192 17.41 34.58 -5.80
C PRO D 192 17.87 33.14 -6.02
N THR D 193 18.35 32.44 -4.98
CA THR D 193 18.94 31.12 -5.18
C THR D 193 17.85 30.06 -5.27
N TYR D 194 16.77 30.24 -4.51
CA TYR D 194 15.77 29.20 -4.30
C TYR D 194 16.43 27.90 -3.81
N GLU D 195 17.60 27.98 -3.20
CA GLU D 195 18.32 26.77 -2.82
C GLU D 195 17.55 26.05 -1.71
N ARG D 196 17.56 24.71 -1.74
CA ARG D 196 16.73 23.88 -0.89
C ARG D 196 17.50 22.63 -0.49
N PHE D 197 17.32 22.20 0.76
CA PHE D 197 18.05 21.06 1.31
C PHE D 197 17.03 19.99 1.69
N HIS D 198 17.43 18.72 1.51
CA HIS D 198 16.52 17.59 1.57
C HIS D 198 17.08 16.48 2.46
N GLY D 199 16.22 15.86 3.24
CA GLY D 199 16.64 14.75 4.08
C GLY D 199 15.47 13.84 4.45
N CYS D 200 15.82 12.61 4.86
CA CYS D 200 14.88 11.68 5.45
C CYS D 200 15.29 11.36 6.89
N ILE D 201 14.26 11.17 7.71
CA ILE D 201 14.38 10.78 9.09
C ILE D 201 13.58 9.48 9.27
N ASP D 202 14.30 8.41 9.61
CA ASP D 202 13.70 7.12 9.93
C ASP D 202 13.20 7.12 11.36
N VAL D 203 11.93 6.76 11.56
CA VAL D 203 11.29 6.80 12.86
C VAL D 203 10.52 5.49 13.10
N GLN D 204 10.60 5.01 14.35
CA GLN D 204 9.70 4.01 14.87
C GLN D 204 8.72 4.73 15.80
N ILE D 205 7.42 4.65 15.51
CA ILE D 205 6.45 5.49 16.18
C ILE D 205 5.61 4.63 17.11
N HIS D 206 5.52 5.04 18.39
CA HIS D 206 4.87 4.28 19.45
C HIS D 206 3.72 5.12 20.02
N HIS D 207 2.84 4.47 20.80
CA HIS D 207 1.75 5.14 21.50
C HIS D 207 2.19 5.42 22.95
N HIS E 1 8.03 -21.58 -20.82
CA HIS E 1 6.96 -20.55 -20.97
C HIS E 1 6.14 -20.91 -22.20
N GLY E 2 4.84 -21.14 -22.00
CA GLY E 2 4.00 -21.58 -23.09
C GLY E 2 2.59 -21.88 -22.61
N PHE E 3 1.80 -22.45 -23.52
CA PHE E 3 0.37 -22.61 -23.35
C PHE E 3 -0.11 -23.61 -24.39
N VAL E 4 -1.33 -24.13 -24.20
CA VAL E 4 -1.87 -25.05 -25.18
C VAL E 4 -2.51 -24.26 -26.31
N ASP E 5 -2.13 -24.55 -27.56
CA ASP E 5 -2.72 -23.85 -28.69
C ASP E 5 -3.63 -24.75 -29.53
N SER E 6 -3.77 -26.03 -29.17
CA SER E 6 -4.64 -26.93 -29.93
C SER E 6 -5.00 -28.14 -29.08
N PRO E 7 -6.28 -28.32 -28.66
CA PRO E 7 -7.32 -27.32 -28.84
C PRO E 7 -6.96 -26.09 -28.01
N GLY E 8 -7.28 -24.89 -28.52
CA GLY E 8 -6.71 -23.69 -27.95
C GLY E 8 -7.25 -23.44 -26.55
N ALA E 9 -6.32 -23.19 -25.61
CA ALA E 9 -6.67 -22.92 -24.23
C ALA E 9 -7.21 -21.50 -24.09
N ARG E 10 -7.74 -21.16 -22.91
CA ARG E 10 -8.26 -19.82 -22.67
C ARG E 10 -7.19 -18.75 -22.90
N ASN E 11 -5.93 -19.07 -22.57
CA ASN E 11 -4.85 -18.10 -22.64
C ASN E 11 -4.21 -18.14 -24.04
N TYR E 12 -4.67 -19.08 -24.89
CA TYR E 12 -4.41 -18.97 -26.32
C TYR E 12 -5.37 -17.94 -26.91
N PHE E 13 -6.67 -18.14 -26.73
CA PHE E 13 -7.65 -17.27 -27.36
C PHE E 13 -7.51 -15.85 -26.85
N CYS E 14 -7.40 -15.73 -25.53
CA CYS E 14 -7.24 -14.44 -24.88
C CYS E 14 -5.83 -14.36 -24.31
N GLY E 15 -4.92 -13.78 -25.11
CA GLY E 15 -3.50 -13.83 -24.85
C GLY E 15 -2.70 -13.95 -26.14
N ALA E 16 -2.53 -15.19 -26.64
CA ALA E 16 -1.74 -15.45 -27.82
C ALA E 16 -2.38 -14.81 -29.05
N VAL E 17 -3.71 -14.88 -29.12
CA VAL E 17 -4.41 -14.39 -30.30
C VAL E 17 -4.93 -12.98 -30.00
N THR E 18 -6.00 -12.87 -29.20
CA THR E 18 -6.58 -11.57 -28.88
C THR E 18 -5.81 -10.97 -27.70
N LYS E 19 -5.26 -9.76 -27.92
CA LYS E 19 -4.48 -9.07 -26.91
C LYS E 19 -5.36 -7.99 -26.27
N PRO E 20 -5.11 -7.61 -24.99
CA PRO E 20 -5.95 -6.62 -24.31
C PRO E 20 -6.22 -5.35 -25.12
N ASP E 21 -5.18 -4.83 -25.78
CA ASP E 21 -5.32 -3.63 -26.58
C ASP E 21 -6.24 -3.82 -27.79
N HIS E 22 -6.23 -5.02 -28.38
CA HIS E 22 -7.13 -5.30 -29.49
C HIS E 22 -8.57 -5.12 -29.00
N VAL E 23 -8.84 -5.57 -27.77
CA VAL E 23 -10.20 -5.54 -27.25
C VAL E 23 -10.57 -4.08 -27.01
N MET E 24 -9.63 -3.29 -26.47
CA MET E 24 -9.84 -1.87 -26.24
C MET E 24 -10.17 -1.16 -27.55
N ASN E 25 -9.46 -1.51 -28.63
CA ASN E 25 -9.59 -0.82 -29.90
C ASN E 25 -10.81 -1.30 -30.70
N GLY E 26 -11.53 -2.29 -30.18
CA GLY E 26 -12.70 -2.84 -30.85
C GLY E 26 -12.36 -3.61 -32.12
N VAL E 27 -11.16 -4.22 -32.18
CA VAL E 27 -10.74 -4.92 -33.38
C VAL E 27 -10.26 -6.34 -33.05
N ALA E 28 -10.83 -6.95 -32.02
CA ALA E 28 -10.36 -8.22 -31.52
C ALA E 28 -10.95 -9.36 -32.33
N ARG E 29 -10.15 -10.39 -32.58
CA ARG E 29 -10.64 -11.65 -33.09
C ARG E 29 -11.72 -12.20 -32.15
N TYR E 30 -11.49 -12.06 -30.84
CA TYR E 30 -12.39 -12.57 -29.82
C TYR E 30 -12.76 -11.44 -28.86
N PRO E 31 -13.76 -10.59 -29.19
CA PRO E 31 -14.21 -9.54 -28.27
C PRO E 31 -14.62 -10.07 -26.89
N GLU E 32 -15.05 -11.33 -26.83
CA GLU E 32 -15.45 -11.92 -25.56
C GLU E 32 -14.29 -11.91 -24.55
N CYS E 33 -13.05 -11.67 -25.00
CA CYS E 33 -11.91 -11.60 -24.08
C CYS E 33 -11.97 -10.36 -23.19
N ALA E 34 -12.86 -9.42 -23.49
CA ALA E 34 -13.12 -8.28 -22.61
C ALA E 34 -13.23 -8.71 -21.14
N GLY E 35 -13.95 -9.80 -20.87
CA GLY E 35 -14.16 -10.28 -19.52
C GLY E 35 -12.91 -10.86 -18.87
N ALA E 36 -12.02 -11.51 -19.65
CA ALA E 36 -10.76 -11.98 -19.10
C ALA E 36 -9.92 -10.81 -18.60
N PHE E 37 -9.92 -9.71 -19.37
CA PHE E 37 -8.97 -8.63 -19.17
C PHE E 37 -9.56 -7.45 -18.41
N ALA E 38 -10.85 -7.50 -18.08
CA ALA E 38 -11.56 -6.35 -17.54
C ALA E 38 -10.85 -5.78 -16.31
N ASN E 39 -10.29 -6.66 -15.47
CA ASN E 39 -9.71 -6.22 -14.20
C ASN E 39 -8.20 -6.45 -14.14
N ASP E 40 -7.60 -6.93 -15.25
CA ASP E 40 -6.17 -7.17 -15.27
C ASP E 40 -5.63 -6.98 -16.69
N PHE E 41 -5.55 -5.73 -17.11
CA PHE E 41 -5.27 -5.38 -18.49
C PHE E 41 -3.86 -5.83 -18.89
N ASN E 42 -2.86 -5.48 -18.08
CA ASN E 42 -1.47 -5.80 -18.35
C ASN E 42 -1.21 -7.30 -18.23
N GLY E 43 -1.95 -7.97 -17.34
CA GLY E 43 -1.77 -9.39 -17.09
C GLY E 43 -2.06 -10.24 -18.31
N GLY E 44 -2.87 -9.69 -19.24
CA GLY E 44 -3.24 -10.38 -20.46
C GLY E 44 -2.03 -10.74 -21.33
N TYR E 45 -0.95 -9.95 -21.22
CA TYR E 45 0.22 -10.13 -22.06
C TYR E 45 1.15 -11.20 -21.50
N SER E 46 0.86 -11.71 -20.29
CA SER E 46 1.69 -12.69 -19.60
C SER E 46 1.08 -14.09 -19.72
N TYR E 47 0.43 -14.33 -20.85
CA TYR E 47 -0.35 -15.55 -21.08
C TYR E 47 0.57 -16.78 -21.10
N MET E 48 1.86 -16.58 -21.37
CA MET E 48 2.84 -17.65 -21.44
C MET E 48 3.44 -17.93 -20.07
N SER E 49 3.06 -17.15 -19.05
CA SER E 49 3.73 -17.15 -17.76
C SER E 49 2.84 -17.63 -16.61
N VAL E 50 1.88 -18.52 -16.87
CA VAL E 50 1.00 -19.01 -15.83
C VAL E 50 1.68 -20.22 -15.19
N LEU E 51 2.61 -19.94 -14.26
CA LEU E 51 3.55 -20.93 -13.77
C LEU E 51 3.53 -21.08 -12.25
N THR E 52 4.02 -22.23 -11.81
CA THR E 52 4.38 -22.51 -10.42
C THR E 52 5.71 -23.23 -10.47
N HIS E 53 6.27 -23.53 -9.29
CA HIS E 53 7.47 -24.35 -9.22
C HIS E 53 7.23 -25.54 -8.30
N HIS E 54 6.24 -26.37 -8.65
CA HIS E 54 5.89 -27.56 -7.89
CA HIS E 54 5.91 -27.57 -7.89
C HIS E 54 5.36 -28.62 -8.85
N GLN E 55 5.04 -29.81 -8.33
CA GLN E 55 4.67 -30.92 -9.19
C GLN E 55 3.16 -31.03 -9.41
N GLY E 56 2.39 -29.99 -9.05
CA GLY E 56 1.04 -29.80 -9.58
C GLY E 56 -0.04 -30.66 -8.91
N ARG E 57 -1.21 -30.70 -9.57
CA ARG E 57 -2.43 -31.29 -9.02
C ARG E 57 -2.25 -32.77 -8.68
N LYS E 58 -1.44 -33.51 -9.45
CA LYS E 58 -1.30 -34.95 -9.23
C LYS E 58 -0.66 -35.21 -7.88
N VAL E 59 0.38 -34.42 -7.56
CA VAL E 59 1.34 -34.74 -6.52
C VAL E 59 1.05 -33.89 -5.28
N LEU E 60 0.80 -32.59 -5.47
CA LEU E 60 0.42 -31.68 -4.38
C LEU E 60 -1.02 -31.94 -3.96
N GLY E 61 -1.84 -32.41 -4.91
CA GLY E 61 -3.25 -32.59 -4.66
C GLY E 61 -4.02 -31.30 -4.93
N PRO E 62 -5.31 -31.23 -4.60
CA PRO E 62 -6.14 -30.07 -4.97
C PRO E 62 -5.92 -28.84 -4.10
N VAL E 63 -4.68 -28.34 -4.07
CA VAL E 63 -4.29 -27.34 -3.08
C VAL E 63 -4.68 -25.93 -3.52
N ALA E 64 -4.71 -25.64 -4.83
CA ALA E 64 -4.89 -24.27 -5.31
C ALA E 64 -6.33 -23.80 -5.13
N ARG E 65 -6.48 -22.53 -4.74
CA ARG E 65 -7.77 -21.86 -4.68
C ARG E 65 -8.34 -21.66 -6.09
N ASN E 66 -7.46 -21.39 -7.06
CA ASN E 66 -7.87 -21.10 -8.42
C ASN E 66 -7.40 -22.23 -9.34
N VAL E 67 -8.34 -22.89 -10.04
CA VAL E 67 -8.03 -24.09 -10.81
C VAL E 67 -7.09 -23.76 -11.97
N CYS E 68 -7.56 -22.94 -12.92
CA CYS E 68 -6.91 -22.79 -14.20
C CYS E 68 -5.55 -22.10 -14.09
N GLY E 69 -5.43 -21.18 -13.14
CA GLY E 69 -4.18 -20.49 -12.89
C GLY E 69 -3.29 -21.19 -11.86
N PHE E 70 -3.86 -22.17 -11.14
CA PHE E 70 -3.21 -22.88 -10.05
C PHE E 70 -2.44 -21.91 -9.17
N ASP E 71 -3.07 -20.77 -8.83
CA ASP E 71 -2.49 -19.78 -7.95
C ASP E 71 -1.08 -19.42 -8.42
N SER E 72 -0.94 -19.13 -9.71
CA SER E 72 0.35 -18.88 -10.33
C SER E 72 1.15 -17.83 -9.55
N GLU E 73 2.46 -18.08 -9.43
CA GLU E 73 3.41 -17.13 -8.85
C GLU E 73 3.37 -15.78 -9.57
N THR E 74 3.12 -15.79 -10.88
CA THR E 74 3.14 -14.57 -11.68
C THR E 74 2.08 -13.59 -11.18
N TRP E 75 1.01 -14.13 -10.58
CA TRP E 75 -0.02 -13.31 -9.96
C TRP E 75 0.03 -13.44 -8.43
N ASN E 76 1.23 -13.73 -7.90
CA ASN E 76 1.47 -13.79 -6.46
C ASN E 76 0.40 -14.61 -5.73
N GLY E 77 0.04 -15.77 -6.29
CA GLY E 77 -0.88 -16.71 -5.64
C GLY E 77 -2.35 -16.38 -5.86
N GLY E 78 -2.66 -15.28 -6.54
CA GLY E 78 -4.04 -14.87 -6.73
C GLY E 78 -4.58 -15.30 -8.10
N LYS E 79 -5.67 -14.64 -8.50
CA LYS E 79 -6.44 -15.01 -9.69
C LYS E 79 -5.69 -14.55 -10.92
N THR E 80 -5.75 -15.36 -12.00
CA THR E 80 -5.29 -14.97 -13.32
C THR E 80 -6.50 -14.55 -14.15
N PRO E 81 -6.33 -13.81 -15.28
CA PRO E 81 -7.43 -13.57 -16.22
C PRO E 81 -8.21 -14.82 -16.64
N TRP E 82 -7.53 -15.98 -16.72
CA TRP E 82 -8.16 -17.18 -17.25
C TRP E 82 -8.84 -18.01 -16.15
N ASP E 83 -8.92 -17.46 -14.93
CA ASP E 83 -9.72 -18.05 -13.86
C ASP E 83 -11.12 -17.44 -13.81
N ASN E 84 -11.36 -16.36 -14.56
CA ASN E 84 -12.68 -15.73 -14.63
C ASN E 84 -13.63 -16.65 -15.39
N ALA E 85 -14.88 -16.71 -14.92
CA ALA E 85 -15.92 -17.49 -15.54
C ALA E 85 -16.75 -16.58 -16.44
N ILE E 86 -16.41 -16.58 -17.73
CA ILE E 86 -17.06 -15.72 -18.73
C ILE E 86 -17.45 -16.57 -19.93
N ASN E 87 -17.92 -15.90 -20.99
CA ASN E 87 -18.33 -16.55 -22.22
C ASN E 87 -17.10 -16.90 -23.04
N TRP E 88 -16.34 -17.90 -22.58
CA TRP E 88 -15.11 -18.30 -23.26
C TRP E 88 -15.44 -18.85 -24.65
N PRO E 89 -14.57 -18.66 -25.65
CA PRO E 89 -14.67 -19.43 -26.90
C PRO E 89 -14.51 -20.90 -26.54
N VAL E 90 -15.10 -21.79 -27.33
CA VAL E 90 -15.07 -23.22 -27.03
C VAL E 90 -14.54 -23.96 -28.26
N ASN E 91 -13.79 -25.05 -28.01
CA ASN E 91 -13.34 -25.97 -29.04
C ASN E 91 -14.34 -27.12 -29.20
N ASN E 92 -14.83 -27.35 -30.41
CA ASN E 92 -15.65 -28.53 -30.71
C ASN E 92 -14.74 -29.71 -31.03
N ILE E 93 -14.79 -30.76 -30.19
CA ILE E 93 -13.93 -31.92 -30.32
C ILE E 93 -14.73 -33.22 -30.18
N ASN E 94 -14.04 -34.36 -30.42
CA ASN E 94 -14.58 -35.69 -30.27
C ASN E 94 -13.82 -36.43 -29.17
N SER E 95 -14.50 -37.38 -28.53
CA SER E 95 -13.87 -38.31 -27.61
C SER E 95 -12.91 -39.21 -28.37
N GLY E 96 -11.93 -39.77 -27.65
CA GLY E 96 -10.92 -40.64 -28.24
C GLY E 96 -9.59 -39.90 -28.43
N THR E 97 -8.77 -40.41 -29.36
CA THR E 97 -7.45 -39.88 -29.61
C THR E 97 -7.57 -38.41 -30.02
N LEU E 98 -6.78 -37.56 -29.37
CA LEU E 98 -6.73 -36.13 -29.65
C LEU E 98 -5.34 -35.61 -29.29
N THR E 99 -4.77 -34.80 -30.18
CA THR E 99 -3.49 -34.17 -29.91
C THR E 99 -3.72 -32.91 -29.07
N PHE E 100 -2.94 -32.79 -27.99
CA PHE E 100 -2.83 -31.55 -27.20
C PHE E 100 -1.45 -30.94 -27.44
N SER E 101 -1.44 -29.73 -27.98
CA SER E 101 -0.21 -29.12 -28.47
C SER E 101 0.11 -27.87 -27.63
N TRP E 102 1.35 -27.79 -27.14
CA TRP E 102 1.80 -26.61 -26.42
C TRP E 102 2.72 -25.80 -27.32
N ASP E 103 2.43 -24.50 -27.48
CA ASP E 103 3.38 -23.56 -28.07
C ASP E 103 4.38 -23.16 -26.98
N ILE E 104 5.68 -23.49 -27.15
CA ILE E 104 6.67 -23.13 -26.14
C ILE E 104 7.70 -22.14 -26.69
N SER E 105 7.34 -21.45 -27.78
CA SER E 105 8.18 -20.50 -28.46
C SER E 105 8.68 -19.39 -27.54
N ASN E 106 7.87 -19.04 -26.52
CA ASN E 106 8.19 -17.98 -25.60
C ASN E 106 9.27 -18.39 -24.59
N GLY E 107 9.56 -19.70 -24.46
CA GLY E 107 10.47 -20.14 -23.43
C GLY E 107 10.60 -21.66 -23.44
N PRO E 108 11.32 -22.20 -24.46
CA PRO E 108 11.41 -23.65 -24.64
C PRO E 108 12.20 -24.32 -23.52
N HIS E 109 11.72 -25.48 -23.09
CA HIS E 109 12.40 -26.28 -22.09
C HIS E 109 12.35 -27.73 -22.52
N PHE E 110 12.85 -27.99 -23.73
CA PHE E 110 12.90 -29.31 -24.30
C PHE E 110 13.76 -30.21 -23.40
N ASP E 111 14.84 -29.64 -22.87
CA ASP E 111 15.91 -30.40 -22.24
C ASP E 111 15.47 -31.07 -20.92
N ASP E 112 14.50 -30.47 -20.21
CA ASP E 112 14.22 -30.88 -18.85
C ASP E 112 12.70 -30.89 -18.57
N THR E 113 11.91 -31.22 -19.59
CA THR E 113 10.48 -31.44 -19.42
C THR E 113 10.28 -32.83 -18.80
N SER E 114 9.43 -32.90 -17.78
CA SER E 114 9.19 -34.15 -17.07
C SER E 114 7.87 -34.79 -17.49
N ASP E 115 6.81 -33.98 -17.65
CA ASP E 115 5.48 -34.56 -17.76
C ASP E 115 4.48 -33.60 -18.41
N PHE E 116 3.45 -34.19 -19.03
CA PHE E 116 2.22 -33.50 -19.38
C PHE E 116 1.04 -34.28 -18.79
N ARG E 117 0.09 -33.55 -18.21
CA ARG E 117 -1.02 -34.16 -17.51
C ARG E 117 -2.30 -33.35 -17.75
N TYR E 118 -3.41 -34.08 -17.94
CA TYR E 118 -4.69 -33.48 -18.29
C TYR E 118 -5.81 -34.10 -17.44
N TRP E 119 -6.61 -33.22 -16.85
CA TRP E 119 -7.82 -33.55 -16.13
C TRP E 119 -9.05 -33.07 -16.91
N ILE E 120 -10.17 -33.78 -16.76
CA ILE E 120 -11.43 -33.37 -17.37
C ILE E 120 -12.53 -33.32 -16.31
N THR E 121 -13.51 -32.43 -16.56
CA THR E 121 -14.65 -32.28 -15.69
C THR E 121 -15.45 -33.57 -15.69
N LYS E 122 -16.14 -33.79 -14.58
CA LYS E 122 -16.94 -35.00 -14.37
C LYS E 122 -18.12 -35.02 -15.32
N PRO E 123 -18.67 -36.21 -15.63
CA PRO E 123 -19.86 -36.33 -16.48
C PRO E 123 -21.04 -35.42 -16.11
N GLY E 124 -21.22 -35.15 -14.81
CA GLY E 124 -22.38 -34.40 -14.34
C GLY E 124 -22.18 -32.88 -14.42
N PHE E 125 -21.03 -32.44 -14.93
CA PHE E 125 -20.63 -31.05 -14.82
C PHE E 125 -21.54 -30.19 -15.69
N VAL E 126 -21.84 -28.99 -15.18
CA VAL E 126 -22.71 -28.03 -15.83
C VAL E 126 -22.02 -26.67 -15.80
N TYR E 127 -21.61 -26.18 -16.98
CA TYR E 127 -20.98 -24.87 -17.06
C TYR E 127 -22.06 -23.81 -16.90
N GLN E 128 -21.73 -22.74 -16.15
CA GLN E 128 -22.59 -21.59 -16.00
C GLN E 128 -21.70 -20.36 -15.83
N VAL E 129 -21.86 -19.39 -16.75
CA VAL E 129 -21.19 -18.11 -16.63
C VAL E 129 -21.38 -17.62 -15.20
N GLY E 130 -20.32 -17.01 -14.64
CA GLY E 130 -20.35 -16.39 -13.34
C GLY E 130 -19.80 -17.30 -12.24
N ARG E 131 -19.83 -18.61 -12.46
CA ARG E 131 -19.47 -19.58 -11.43
C ARG E 131 -18.11 -20.18 -11.75
N GLU E 132 -17.10 -19.84 -10.93
CA GLU E 132 -15.74 -20.26 -11.21
C GLU E 132 -15.60 -21.73 -10.84
N LEU E 133 -14.57 -22.39 -11.39
CA LEU E 133 -14.41 -23.82 -11.24
C LEU E 133 -13.83 -24.12 -9.85
N THR E 134 -14.07 -25.34 -9.38
CA THR E 134 -13.43 -25.90 -8.20
C THR E 134 -12.91 -27.27 -8.61
N TRP E 135 -12.10 -27.90 -7.76
CA TRP E 135 -11.55 -29.21 -8.04
C TRP E 135 -12.61 -30.31 -7.99
N ALA E 136 -13.70 -30.08 -7.25
CA ALA E 136 -14.86 -30.94 -7.25
C ALA E 136 -15.45 -31.12 -8.65
N ASP E 137 -15.27 -30.12 -9.53
CA ASP E 137 -15.83 -30.17 -10.87
C ASP E 137 -15.10 -31.19 -11.74
N PHE E 138 -13.84 -31.49 -11.39
CA PHE E 138 -12.97 -32.33 -12.20
C PHE E 138 -12.90 -33.73 -11.61
N GLU E 139 -12.48 -34.68 -12.43
CA GLU E 139 -12.05 -35.98 -11.94
C GLU E 139 -10.85 -35.82 -11.03
N ASP E 140 -10.66 -36.82 -10.18
CA ASP E 140 -9.60 -36.82 -9.19
C ASP E 140 -8.25 -36.94 -9.90
N GLN E 141 -8.17 -37.93 -10.79
CA GLN E 141 -6.92 -38.27 -11.44
C GLN E 141 -6.94 -37.77 -12.89
N PRO E 142 -5.76 -37.50 -13.48
CA PRO E 142 -5.70 -37.11 -14.89
C PRO E 142 -6.17 -38.25 -15.79
N PHE E 143 -6.85 -37.92 -16.88
CA PHE E 143 -7.21 -38.93 -17.88
C PHE E 143 -6.00 -39.22 -18.77
N CYS E 144 -5.04 -38.29 -18.75
CA CYS E 144 -3.85 -38.38 -19.57
C CYS E 144 -2.64 -37.93 -18.75
N ASP E 145 -1.66 -38.82 -18.59
CA ASP E 145 -0.52 -38.59 -17.71
C ASP E 145 0.73 -39.16 -18.38
N LEU E 146 1.53 -38.26 -18.97
CA LEU E 146 2.61 -38.65 -19.87
C LEU E 146 3.95 -38.24 -19.25
N ALA E 147 4.88 -39.20 -19.21
CA ALA E 147 6.24 -38.92 -18.80
C ALA E 147 7.02 -38.40 -20.01
N TYR E 148 8.18 -37.80 -19.74
CA TYR E 148 9.13 -37.45 -20.78
C TYR E 148 10.53 -37.39 -20.17
N ASN E 149 11.52 -37.81 -20.97
CA ASN E 149 12.93 -37.55 -20.72
C ASN E 149 13.63 -37.34 -22.07
N ASP E 150 14.19 -36.13 -22.26
CA ASP E 150 14.73 -35.74 -23.54
C ASP E 150 16.04 -36.46 -23.86
N ASP E 151 16.52 -37.28 -22.91
CA ASP E 151 17.71 -38.09 -23.12
C ASP E 151 17.37 -39.26 -24.04
N ASN E 152 16.21 -39.89 -23.80
CA ASN E 152 15.73 -40.98 -24.63
C ASN E 152 14.38 -40.60 -25.24
N PRO E 153 14.34 -39.72 -26.27
CA PRO E 153 13.10 -39.41 -26.99
C PRO E 153 12.27 -40.61 -27.44
N GLY E 154 12.95 -41.69 -27.83
CA GLY E 154 12.32 -42.85 -28.43
C GLY E 154 11.36 -43.59 -27.49
N ALA E 155 11.61 -43.52 -26.17
CA ALA E 155 10.81 -44.25 -25.19
C ALA E 155 9.58 -43.45 -24.72
N TYR E 156 9.23 -42.34 -25.41
CA TYR E 156 7.99 -41.61 -25.12
C TYR E 156 7.35 -41.14 -26.42
N PRO E 157 6.70 -42.03 -27.21
CA PRO E 157 6.14 -41.64 -28.50
C PRO E 157 4.90 -40.77 -28.41
N ASN E 158 4.26 -40.77 -27.23
CA ASN E 158 3.07 -39.94 -27.00
C ASN E 158 3.45 -38.50 -26.72
N VAL E 159 4.76 -38.17 -26.71
CA VAL E 159 5.23 -36.80 -26.62
C VAL E 159 6.25 -36.56 -27.74
N ARG E 160 6.05 -35.48 -28.51
CA ARG E 160 6.84 -35.19 -29.70
C ARG E 160 7.32 -33.75 -29.68
N ALA E 161 8.62 -33.57 -29.49
CA ALA E 161 9.26 -32.27 -29.57
C ALA E 161 9.34 -31.84 -31.03
N ASP E 162 8.74 -30.70 -31.38
CA ASP E 162 9.03 -30.01 -32.63
C ASP E 162 9.91 -28.81 -32.33
N LYS E 163 11.23 -28.97 -32.51
CA LYS E 163 12.17 -27.94 -32.12
C LYS E 163 12.10 -26.77 -33.11
N PRO E 164 12.10 -26.97 -34.45
CA PRO E 164 11.99 -25.84 -35.39
C PRO E 164 10.83 -24.88 -35.10
N ASN E 165 9.67 -25.44 -34.74
CA ASN E 165 8.49 -24.63 -34.48
C ASN E 165 8.19 -24.56 -32.97
N THR E 166 9.15 -24.97 -32.13
CA THR E 166 9.10 -24.83 -30.67
C THR E 166 7.71 -25.17 -30.13
N HIS E 167 7.30 -26.42 -30.39
CA HIS E 167 6.05 -26.97 -29.89
C HIS E 167 6.36 -28.34 -29.28
N PHE E 168 5.56 -28.72 -28.27
CA PHE E 168 5.37 -30.11 -27.89
C PHE E 168 4.00 -30.56 -28.37
N HIS E 169 3.94 -31.72 -29.03
CA HIS E 169 2.67 -32.32 -29.42
C HIS E 169 2.50 -33.60 -28.60
N THR E 170 1.36 -33.70 -27.90
CA THR E 170 1.09 -34.79 -26.98
C THR E 170 -0.22 -35.48 -27.36
N THR E 171 -0.24 -36.80 -27.21
CA THR E 171 -1.36 -37.65 -27.59
C THR E 171 -2.08 -38.13 -26.34
N CYS E 172 -3.38 -37.88 -26.27
CA CYS E 172 -4.22 -38.37 -25.18
C CYS E 172 -5.45 -39.05 -25.75
N THR E 173 -6.13 -39.81 -24.88
CA THR E 173 -7.46 -40.33 -25.15
C THR E 173 -8.45 -39.58 -24.26
N VAL E 174 -9.26 -38.71 -24.87
CA VAL E 174 -10.32 -38.03 -24.16
C VAL E 174 -11.41 -39.07 -23.86
N PRO E 175 -11.81 -39.25 -22.57
CA PRO E 175 -12.84 -40.24 -22.23
C PRO E 175 -14.20 -39.83 -22.78
N ALA E 176 -15.11 -40.81 -22.87
CA ALA E 176 -16.49 -40.57 -23.28
C ALA E 176 -17.07 -39.42 -22.48
N ARG E 177 -17.60 -38.43 -23.21
CA ARG E 177 -18.30 -37.28 -22.65
C ARG E 177 -19.22 -36.71 -23.71
N THR E 178 -20.17 -35.88 -23.27
CA THR E 178 -21.03 -35.12 -24.15
C THR E 178 -21.28 -33.76 -23.51
N GLY E 179 -21.41 -32.72 -24.34
CA GLY E 179 -21.79 -31.39 -23.88
C GLY E 179 -20.56 -30.56 -23.49
N ARG E 180 -20.84 -29.49 -22.73
CA ARG E 180 -19.85 -28.50 -22.36
C ARG E 180 -18.99 -29.02 -21.22
N HIS E 181 -17.66 -29.05 -21.44
CA HIS E 181 -16.72 -29.45 -20.40
C HIS E 181 -15.49 -28.53 -20.41
N VAL E 182 -14.61 -28.76 -19.44
CA VAL E 182 -13.33 -28.08 -19.35
C VAL E 182 -12.24 -29.13 -19.15
N ILE E 183 -11.14 -28.98 -19.89
CA ILE E 183 -9.93 -29.75 -19.66
C ILE E 183 -8.90 -28.85 -18.98
N TYR E 184 -8.34 -29.35 -17.87
CA TYR E 184 -7.24 -28.69 -17.17
C TYR E 184 -5.94 -29.42 -17.48
N ALA E 185 -4.92 -28.67 -17.92
CA ALA E 185 -3.71 -29.21 -18.50
C ALA E 185 -2.50 -28.66 -17.74
N GLU E 186 -1.47 -29.50 -17.60
CA GLU E 186 -0.21 -29.10 -16.98
C GLU E 186 0.94 -29.52 -17.88
N TRP E 187 1.97 -28.66 -17.93
CA TRP E 187 3.28 -28.94 -18.52
C TRP E 187 4.35 -28.80 -17.45
N GLY E 188 5.02 -29.89 -17.07
CA GLY E 188 5.90 -29.91 -15.91
C GLY E 188 7.36 -30.13 -16.26
N ARG E 189 8.25 -29.53 -15.46
CA ARG E 189 9.69 -29.72 -15.65
C ARG E 189 10.32 -30.46 -14.46
N GLU E 190 11.49 -31.03 -14.74
CA GLU E 190 12.26 -31.80 -13.79
C GLU E 190 12.86 -30.87 -12.75
N PRO E 191 13.37 -31.40 -11.63
CA PRO E 191 14.34 -30.64 -10.83
C PRO E 191 15.46 -30.10 -11.71
N PRO E 192 16.13 -28.98 -11.34
CA PRO E 192 15.86 -28.29 -10.09
C PRO E 192 14.77 -27.21 -10.07
N THR E 193 14.33 -26.72 -11.25
CA THR E 193 13.34 -25.65 -11.24
C THR E 193 11.99 -26.18 -10.77
N TYR E 194 11.67 -27.42 -11.16
CA TYR E 194 10.33 -27.97 -11.04
C TYR E 194 9.27 -27.03 -11.62
N GLU E 195 9.63 -26.19 -12.60
CA GLU E 195 8.65 -25.25 -13.15
C GLU E 195 7.55 -25.99 -13.90
N ARG E 196 6.32 -25.45 -13.80
CA ARG E 196 5.12 -26.08 -14.33
C ARG E 196 4.21 -25.00 -14.89
N PHE E 197 3.53 -25.28 -16.01
CA PHE E 197 2.63 -24.32 -16.63
C PHE E 197 1.22 -24.90 -16.62
N HIS E 198 0.22 -24.00 -16.47
CA HIS E 198 -1.14 -24.40 -16.20
C HIS E 198 -2.07 -23.68 -17.16
N GLY E 199 -3.09 -24.42 -17.66
CA GLY E 199 -4.09 -23.90 -18.56
C GLY E 199 -5.43 -24.63 -18.43
N CYS E 200 -6.51 -23.97 -18.88
CA CYS E 200 -7.80 -24.61 -19.08
C CYS E 200 -8.20 -24.53 -20.54
N ILE E 201 -8.90 -25.55 -21.02
CA ILE E 201 -9.35 -25.64 -22.39
C ILE E 201 -10.86 -25.87 -22.39
N ASP E 202 -11.63 -24.93 -22.95
CA ASP E 202 -13.08 -25.07 -22.98
C ASP E 202 -13.44 -25.97 -24.16
N VAL E 203 -14.33 -26.93 -23.92
CA VAL E 203 -14.63 -27.92 -24.94
C VAL E 203 -16.12 -28.26 -24.99
N GLN E 204 -16.59 -28.50 -26.23
CA GLN E 204 -17.91 -29.05 -26.51
C GLN E 204 -17.67 -30.39 -27.21
N ILE E 205 -17.99 -31.50 -26.54
CA ILE E 205 -17.50 -32.82 -26.94
C ILE E 205 -18.62 -33.56 -27.68
N HIS F 1 21.73 36.62 -27.72
CA HIS F 1 20.63 37.62 -27.81
C HIS F 1 19.80 37.26 -29.03
N GLY F 2 18.52 36.96 -28.81
CA GLY F 2 17.75 36.37 -29.89
C GLY F 2 16.31 36.10 -29.47
N PHE F 3 15.58 35.47 -30.41
CA PHE F 3 14.15 35.26 -30.29
C PHE F 3 13.76 34.24 -31.34
N VAL F 4 12.56 33.66 -31.20
CA VAL F 4 12.06 32.72 -32.19
C VAL F 4 11.41 33.51 -33.33
N ASP F 5 11.81 33.21 -34.57
CA ASP F 5 11.29 33.94 -35.74
C ASP F 5 10.45 33.04 -36.65
N SER F 6 10.44 31.73 -36.42
CA SER F 6 9.54 30.81 -37.11
C SER F 6 9.23 29.62 -36.19
N PRO F 7 7.96 29.37 -35.82
CA PRO F 7 6.87 30.31 -36.02
C PRO F 7 7.14 31.52 -35.13
N GLY F 8 6.77 32.71 -35.64
CA GLY F 8 7.17 33.97 -35.02
C GLY F 8 6.62 34.08 -33.61
N ALA F 9 7.51 34.41 -32.66
CA ALA F 9 7.14 34.68 -31.29
C ALA F 9 6.51 36.07 -31.19
N ARG F 10 5.94 36.39 -30.04
CA ARG F 10 5.35 37.69 -29.80
C ARG F 10 6.38 38.82 -29.99
N ASN F 11 7.65 38.55 -29.65
CA ASN F 11 8.71 39.55 -29.69
C ASN F 11 9.38 39.60 -31.07
N TYR F 12 9.02 38.66 -31.94
CA TYR F 12 9.28 38.76 -33.36
C TYR F 12 8.29 39.73 -33.99
N PHE F 13 6.99 39.48 -33.82
CA PHE F 13 5.96 40.29 -34.47
C PHE F 13 6.02 41.74 -33.94
N CYS F 14 6.11 41.85 -32.62
CA CYS F 14 6.19 43.14 -31.93
C CYS F 14 7.60 43.29 -31.38
N GLY F 15 8.50 43.84 -32.21
CA GLY F 15 9.90 43.91 -31.86
C GLY F 15 10.77 43.81 -33.13
N ALA F 16 11.02 42.58 -33.57
CA ALA F 16 11.81 42.34 -34.76
C ALA F 16 11.17 43.00 -35.98
N VAL F 17 9.84 42.84 -36.13
CA VAL F 17 9.13 43.36 -37.31
C VAL F 17 8.52 44.72 -36.99
N THR F 18 7.44 44.76 -36.21
CA THR F 18 6.83 46.03 -35.85
C THR F 18 7.58 46.63 -34.65
N LYS F 19 8.05 47.87 -34.83
CA LYS F 19 8.80 48.56 -33.81
C LYS F 19 7.89 49.63 -33.19
N PRO F 20 8.13 50.03 -31.93
CA PRO F 20 7.29 51.05 -31.30
C PRO F 20 6.97 52.28 -32.15
N ASP F 21 7.97 52.80 -32.84
CA ASP F 21 7.83 54.03 -33.60
C ASP F 21 6.95 53.81 -34.83
N HIS F 22 6.85 52.56 -35.30
CA HIS F 22 5.95 52.25 -36.42
C HIS F 22 4.50 52.44 -36.00
N VAL F 23 4.20 52.03 -34.76
CA VAL F 23 2.88 52.18 -34.18
C VAL F 23 2.58 53.68 -34.01
N MET F 24 3.55 54.43 -33.47
CA MET F 24 3.39 55.85 -33.23
CA MET F 24 3.36 55.86 -33.23
C MET F 24 3.01 56.57 -34.53
N ASN F 25 3.58 56.10 -35.65
CA ASN F 25 3.41 56.75 -36.95
C ASN F 25 2.27 56.13 -37.76
N GLY F 26 1.63 55.09 -37.22
CA GLY F 26 0.50 54.43 -37.88
C GLY F 26 0.89 53.73 -39.17
N VAL F 27 2.06 53.08 -39.19
CA VAL F 27 2.57 52.44 -40.40
C VAL F 27 3.04 51.01 -40.09
N ALA F 28 2.49 50.41 -39.03
CA ALA F 28 2.94 49.12 -38.55
C ALA F 28 2.37 47.99 -39.40
N ARG F 29 3.23 47.02 -39.72
CA ARG F 29 2.80 45.72 -40.21
C ARG F 29 1.75 45.10 -39.30
N TYR F 30 1.97 45.22 -37.98
CA TYR F 30 1.12 44.62 -36.98
C TYR F 30 0.60 45.71 -36.03
N PRO F 31 -0.45 46.47 -36.40
CA PRO F 31 -0.97 47.52 -35.53
C PRO F 31 -1.40 47.06 -34.13
N GLU F 32 -1.70 45.77 -33.97
CA GLU F 32 -2.09 45.22 -32.68
C GLU F 32 -0.95 45.29 -31.67
N CYS F 33 0.28 45.62 -32.11
CA CYS F 33 1.41 45.73 -31.21
C CYS F 33 1.32 46.97 -30.32
N ALA F 34 0.46 47.94 -30.66
CA ALA F 34 0.19 49.06 -29.76
C ALA F 34 -0.02 48.55 -28.33
N GLY F 35 -0.79 47.47 -28.20
CA GLY F 35 -1.11 46.90 -26.90
C GLY F 35 0.12 46.36 -26.17
N ALA F 36 1.08 45.82 -26.93
CA ALA F 36 2.29 45.27 -26.34
C ALA F 36 3.18 46.39 -25.78
N PHE F 37 3.17 47.54 -26.46
CA PHE F 37 4.15 48.58 -26.17
C PHE F 37 3.53 49.69 -25.32
N ALA F 38 2.26 49.55 -24.94
CA ALA F 38 1.51 50.64 -24.35
C ALA F 38 2.18 51.19 -23.08
N ASN F 39 2.60 50.30 -22.18
CA ASN F 39 3.12 50.75 -20.89
C ASN F 39 4.66 50.77 -20.91
N ASP F 40 5.30 50.59 -22.08
CA ASP F 40 6.74 50.45 -22.15
C ASP F 40 7.22 50.64 -23.59
N PHE F 41 7.30 51.90 -24.01
CA PHE F 41 7.58 52.21 -25.39
C PHE F 41 8.98 51.73 -25.78
N ASN F 42 9.99 52.10 -24.97
CA ASN F 42 11.38 51.83 -25.27
C ASN F 42 11.73 50.35 -25.11
N GLY F 43 11.05 49.68 -24.17
CA GLY F 43 11.28 48.26 -23.94
C GLY F 43 11.07 47.45 -25.21
N GLY F 44 10.27 47.99 -26.13
CA GLY F 44 9.99 47.35 -27.40
C GLY F 44 11.23 47.10 -28.25
N TYR F 45 12.25 47.96 -28.12
CA TYR F 45 13.45 47.82 -28.94
C TYR F 45 14.38 46.74 -28.37
N SER F 46 14.07 46.22 -27.15
CA SER F 46 14.90 45.24 -26.48
C SER F 46 14.36 43.80 -26.62
N TYR F 47 13.70 43.52 -27.74
CA TYR F 47 13.06 42.22 -27.97
C TYR F 47 14.06 41.06 -28.01
N MET F 48 15.35 41.34 -28.22
CA MET F 48 16.37 40.30 -28.33
C MET F 48 16.97 39.98 -26.97
N SER F 49 16.56 40.74 -25.95
CA SER F 49 17.20 40.74 -24.63
C SER F 49 16.28 40.23 -23.53
N VAL F 50 15.35 39.33 -23.86
CA VAL F 50 14.47 38.80 -22.85
C VAL F 50 15.18 37.63 -22.17
N LEU F 51 15.94 37.94 -21.11
CA LEU F 51 16.98 37.04 -20.65
C LEU F 51 16.97 36.92 -19.13
N THR F 52 17.58 35.81 -18.71
CA THR F 52 17.89 35.50 -17.33
C THR F 52 19.25 34.81 -17.35
N HIS F 53 19.78 34.49 -16.16
CA HIS F 53 21.05 33.79 -16.06
C HIS F 53 20.90 32.54 -15.18
N HIS F 54 19.91 31.70 -15.51
CA HIS F 54 19.69 30.43 -14.83
C HIS F 54 19.14 29.40 -15.83
N GLN F 55 18.81 28.20 -15.34
CA GLN F 55 18.52 27.06 -16.22
C GLN F 55 17.02 26.90 -16.46
N GLY F 56 16.21 27.92 -16.14
CA GLY F 56 14.85 28.03 -16.68
C GLY F 56 13.80 27.15 -15.98
N ARG F 57 12.64 27.01 -16.64
CA ARG F 57 11.45 26.39 -16.11
C ARG F 57 11.66 24.92 -15.71
N LYS F 58 12.45 24.20 -16.51
CA LYS F 58 12.68 22.78 -16.26
C LYS F 58 13.36 22.59 -14.91
N VAL F 59 14.39 23.40 -14.65
CA VAL F 59 15.28 23.13 -13.54
C VAL F 59 14.81 23.89 -12.30
N LEU F 60 14.38 25.15 -12.47
CA LEU F 60 14.00 26.00 -11.35
C LEU F 60 12.56 25.74 -10.93
N GLY F 61 11.78 25.13 -11.82
CA GLY F 61 10.35 25.01 -11.65
C GLY F 61 9.62 26.29 -12.02
N PRO F 62 8.31 26.38 -11.71
CA PRO F 62 7.47 27.51 -12.12
C PRO F 62 7.59 28.72 -11.18
N VAL F 63 8.79 29.28 -11.12
CA VAL F 63 9.14 30.29 -10.13
C VAL F 63 8.73 31.69 -10.57
N ALA F 64 8.67 31.93 -11.89
CA ALA F 64 8.49 33.28 -12.41
C ALA F 64 7.04 33.72 -12.26
N ARG F 65 6.85 35.00 -11.88
CA ARG F 65 5.51 35.58 -11.78
C ARG F 65 4.93 35.74 -13.17
N ASN F 66 5.81 36.05 -14.15
CA ASN F 66 5.46 36.30 -15.53
C ASN F 66 6.06 35.19 -16.40
N VAL F 67 5.21 34.50 -17.16
CA VAL F 67 5.60 33.32 -17.90
C VAL F 67 6.52 33.71 -19.05
N CYS F 68 6.00 34.51 -20.00
CA CYS F 68 6.62 34.69 -21.29
C CYS F 68 7.98 35.37 -21.16
N GLY F 69 8.10 36.33 -20.25
CA GLY F 69 9.34 37.06 -20.02
C GLY F 69 10.20 36.43 -18.93
N PHE F 70 9.63 35.46 -18.20
CA PHE F 70 10.29 34.76 -17.11
C PHE F 70 10.97 35.75 -16.17
N ASP F 71 10.26 36.85 -15.85
CA ASP F 71 10.76 37.85 -14.92
C ASP F 71 12.17 38.27 -15.30
N SER F 72 12.37 38.59 -16.59
CA SER F 72 13.69 38.84 -17.15
C SER F 72 14.44 39.94 -16.41
N GLU F 73 15.75 39.73 -16.29
CA GLU F 73 16.67 40.70 -15.70
C GLU F 73 16.60 42.03 -16.44
N THR F 74 16.31 41.99 -17.75
CA THR F 74 16.29 43.21 -18.56
C THR F 74 15.17 44.14 -18.10
N TRP F 75 14.12 43.58 -17.47
CA TRP F 75 13.05 44.35 -16.86
C TRP F 75 13.09 44.21 -15.34
N ASN F 76 14.28 43.91 -14.80
CA ASN F 76 14.52 43.90 -13.35
C ASN F 76 13.52 43.01 -12.60
N GLY F 77 13.14 41.87 -13.19
CA GLY F 77 12.26 40.90 -12.53
C GLY F 77 10.78 41.15 -12.85
N GLY F 78 10.50 42.22 -13.59
CA GLY F 78 9.14 42.68 -13.83
C GLY F 78 8.55 42.12 -15.13
N LYS F 79 7.44 42.70 -15.53
CA LYS F 79 6.67 42.29 -16.69
C LYS F 79 7.33 42.88 -17.94
N THR F 80 7.38 42.10 -19.03
CA THR F 80 7.85 42.59 -20.32
C THR F 80 6.64 42.94 -21.18
N PRO F 81 6.82 43.68 -22.30
CA PRO F 81 5.74 43.90 -23.27
C PRO F 81 4.98 42.64 -23.68
N TRP F 82 5.71 41.52 -23.74
CA TRP F 82 5.22 40.27 -24.30
C TRP F 82 4.55 39.38 -23.24
N ASP F 83 4.42 39.90 -22.01
CA ASP F 83 3.60 39.29 -20.96
C ASP F 83 2.15 39.80 -21.05
N ASN F 84 1.93 40.93 -21.76
CA ASN F 84 0.59 41.48 -21.90
C ASN F 84 -0.29 40.49 -22.66
N ALA F 85 -1.56 40.39 -22.24
CA ALA F 85 -2.54 39.53 -22.90
C ALA F 85 -3.38 40.41 -23.82
N ILE F 86 -2.92 40.54 -25.06
CA ILE F 86 -3.53 41.41 -26.04
C ILE F 86 -3.88 40.57 -27.27
N ASN F 87 -4.36 41.25 -28.31
CA ASN F 87 -4.77 40.59 -29.55
C ASN F 87 -3.53 40.22 -30.36
N TRP F 88 -2.71 39.28 -29.85
CA TRP F 88 -1.47 38.90 -30.50
C TRP F 88 -1.74 38.31 -31.89
N PRO F 89 -0.85 38.52 -32.87
CA PRO F 89 -0.91 37.75 -34.12
C PRO F 89 -0.71 36.29 -33.76
N VAL F 90 -1.32 35.39 -34.55
CA VAL F 90 -1.25 33.96 -34.28
C VAL F 90 -0.62 33.26 -35.48
N ASN F 91 0.16 32.22 -35.18
CA ASN F 91 0.74 31.32 -36.17
C ASN F 91 -0.19 30.13 -36.38
N ASN F 92 -0.55 29.86 -37.64
CA ASN F 92 -1.29 28.67 -37.99
C ASN F 92 -0.32 27.53 -38.27
N ILE F 93 -0.34 26.49 -37.41
CA ILE F 93 0.56 25.36 -37.55
C ILE F 93 -0.26 24.07 -37.45
N ASN F 94 0.42 22.98 -37.82
CA ASN F 94 -0.08 21.63 -37.68
C ASN F 94 0.65 20.96 -36.52
N SER F 95 -0.05 20.08 -35.81
CA SER F 95 0.60 19.20 -34.85
C SER F 95 1.57 18.29 -35.60
N GLY F 96 2.48 17.65 -34.85
CA GLY F 96 3.53 16.80 -35.42
C GLY F 96 4.87 17.53 -35.49
N THR F 97 5.80 16.93 -36.25
CA THR F 97 7.12 17.50 -36.51
C THR F 97 7.00 18.94 -36.98
N LEU F 98 7.72 19.86 -36.32
CA LEU F 98 7.77 21.26 -36.68
C LEU F 98 9.14 21.83 -36.31
N THR F 99 9.68 22.68 -37.20
CA THR F 99 10.93 23.39 -36.93
C THR F 99 10.63 24.69 -36.19
N PHE F 100 11.35 24.93 -35.08
CA PHE F 100 11.36 26.20 -34.37
C PHE F 100 12.69 26.90 -34.66
N SER F 101 12.65 28.15 -35.15
CA SER F 101 13.86 28.84 -35.57
C SER F 101 14.13 30.06 -34.69
N TRP F 102 15.38 30.14 -34.23
CA TRP F 102 15.87 31.25 -33.44
C TRP F 102 16.77 32.11 -34.31
N ASP F 103 16.44 33.39 -34.42
CA ASP F 103 17.35 34.37 -35.00
C ASP F 103 18.27 34.84 -33.89
N ILE F 104 19.59 34.57 -33.98
CA ILE F 104 20.54 34.93 -32.92
C ILE F 104 21.57 35.94 -33.44
N SER F 105 21.21 36.62 -34.53
CA SER F 105 22.05 37.60 -35.21
C SER F 105 22.40 38.77 -34.29
N ASN F 106 21.56 39.09 -33.28
CA ASN F 106 21.85 40.19 -32.36
C ASN F 106 22.92 39.81 -31.33
N GLY F 107 23.13 38.51 -31.13
CA GLY F 107 24.11 38.00 -30.17
C GLY F 107 24.31 36.50 -30.31
N PRO F 108 25.11 36.06 -31.30
CA PRO F 108 25.22 34.63 -31.62
C PRO F 108 26.11 33.89 -30.64
N HIS F 109 25.52 33.00 -29.86
CA HIS F 109 26.26 32.21 -28.88
C HIS F 109 26.26 30.74 -29.32
N PHE F 110 26.72 30.48 -30.54
CA PHE F 110 26.79 29.12 -31.02
C PHE F 110 27.69 28.29 -30.10
N ASP F 111 28.79 28.89 -29.63
CA ASP F 111 29.91 28.11 -29.12
C ASP F 111 29.56 27.49 -27.76
N ASP F 112 28.57 28.04 -27.05
CA ASP F 112 28.28 27.59 -25.70
C ASP F 112 26.77 27.44 -25.46
N THR F 113 26.00 27.15 -26.53
CA THR F 113 24.58 26.84 -26.39
C THR F 113 24.46 25.44 -25.76
N SER F 114 23.52 25.28 -24.84
CA SER F 114 23.36 24.02 -24.10
C SER F 114 22.06 23.32 -24.43
N ASP F 115 21.00 24.08 -24.71
CA ASP F 115 19.68 23.48 -24.79
C ASP F 115 18.63 24.41 -25.37
N PHE F 116 17.59 23.79 -25.94
CA PHE F 116 16.35 24.45 -26.29
C PHE F 116 15.20 23.62 -25.73
N ARG F 117 14.24 24.30 -25.11
CA ARG F 117 13.13 23.63 -24.46
C ARG F 117 11.83 24.37 -24.78
N TYR F 118 10.75 23.62 -24.95
CA TYR F 118 9.45 24.16 -25.32
C TYR F 118 8.34 23.43 -24.55
N TRP F 119 7.45 24.26 -23.99
CA TRP F 119 6.23 23.88 -23.32
C TRP F 119 5.03 24.32 -24.14
N ILE F 120 3.90 23.63 -23.97
CA ILE F 120 2.66 24.01 -24.62
C ILE F 120 1.54 24.03 -23.59
N THR F 121 0.52 24.87 -23.86
CA THR F 121 -0.64 24.93 -23.01
C THR F 121 -1.38 23.59 -23.04
N LYS F 122 -2.09 23.28 -21.95
CA LYS F 122 -2.78 22.01 -21.79
C LYS F 122 -3.99 21.95 -22.73
N PRO F 123 -4.48 20.75 -23.09
CA PRO F 123 -5.69 20.67 -23.92
C PRO F 123 -6.81 21.37 -23.17
N GLY F 124 -7.67 22.08 -23.91
CA GLY F 124 -8.82 22.78 -23.35
C GLY F 124 -8.52 24.22 -22.91
N PHE F 125 -7.27 24.65 -23.12
CA PHE F 125 -6.88 25.99 -22.77
C PHE F 125 -7.81 26.97 -23.46
N VAL F 126 -8.19 28.04 -22.75
CA VAL F 126 -8.99 29.10 -23.33
C VAL F 126 -8.19 30.40 -23.26
N TYR F 127 -7.93 30.98 -24.43
CA TYR F 127 -7.31 32.30 -24.50
C TYR F 127 -8.41 33.35 -24.32
N GLN F 128 -8.21 34.25 -23.35
CA GLN F 128 -9.03 35.43 -23.16
C GLN F 128 -8.12 36.66 -23.06
N VAL F 129 -8.41 37.66 -23.89
CA VAL F 129 -7.75 38.95 -23.85
C VAL F 129 -7.83 39.49 -22.42
N GLY F 130 -6.70 39.96 -21.88
CA GLY F 130 -6.68 40.57 -20.55
C GLY F 130 -6.29 39.59 -19.45
N ARG F 131 -6.41 38.28 -19.72
CA ARG F 131 -6.01 37.26 -18.76
C ARG F 131 -4.60 36.80 -19.10
N GLU F 132 -3.63 37.11 -18.23
CA GLU F 132 -2.24 36.80 -18.50
C GLU F 132 -1.96 35.35 -18.11
N LEU F 133 -0.96 34.75 -18.74
CA LEU F 133 -0.73 33.33 -18.60
C LEU F 133 -0.25 32.99 -17.20
N THR F 134 -0.51 31.75 -16.77
CA THR F 134 0.11 31.21 -15.57
C THR F 134 0.72 29.87 -15.94
N TRP F 135 1.52 29.31 -15.04
CA TRP F 135 2.16 28.02 -15.29
C TRP F 135 1.15 26.89 -15.25
N ALA F 136 0.06 27.07 -14.51
CA ALA F 136 -1.06 26.12 -14.52
C ALA F 136 -1.64 25.97 -15.93
N ASP F 137 -1.49 27.02 -16.76
CA ASP F 137 -1.94 26.99 -18.14
C ASP F 137 -1.15 26.01 -19.01
N PHE F 138 0.10 25.73 -18.62
CA PHE F 138 1.01 24.92 -19.41
C PHE F 138 1.16 23.55 -18.78
N GLU F 139 1.61 22.58 -19.58
CA GLU F 139 2.07 21.31 -19.05
C GLU F 139 3.27 21.58 -18.16
N ASP F 140 3.55 20.63 -17.26
CA ASP F 140 4.66 20.73 -16.33
C ASP F 140 5.97 20.52 -17.08
N GLN F 141 6.05 19.44 -17.85
CA GLN F 141 7.29 19.11 -18.53
C GLN F 141 7.27 19.72 -19.93
N PRO F 142 8.48 20.03 -20.46
CA PRO F 142 8.63 20.43 -21.87
C PRO F 142 8.20 19.27 -22.76
N PHE F 143 7.56 19.60 -23.88
CA PHE F 143 7.19 18.60 -24.87
C PHE F 143 8.36 18.37 -25.81
N CYS F 144 9.32 19.28 -25.76
CA CYS F 144 10.52 19.22 -26.59
C CYS F 144 11.69 19.76 -25.78
N ASP F 145 12.74 18.96 -25.65
CA ASP F 145 13.88 19.26 -24.79
C ASP F 145 15.16 18.76 -25.46
N LEU F 146 15.83 19.69 -26.19
CA LEU F 146 16.94 19.36 -27.06
C LEU F 146 18.25 19.79 -26.42
N ALA F 147 19.20 18.87 -26.34
CA ALA F 147 20.55 19.22 -25.94
C ALA F 147 21.31 19.64 -27.19
N TYR F 148 22.48 20.27 -26.97
CA TYR F 148 23.34 20.70 -28.04
C TYR F 148 24.76 20.88 -27.48
N ASN F 149 25.75 20.57 -28.31
CA ASN F 149 27.15 20.85 -28.01
C ASN F 149 27.86 21.18 -29.31
N ASP F 150 28.32 22.43 -29.43
CA ASP F 150 28.90 22.92 -30.67
C ASP F 150 30.19 22.19 -31.03
N ASP F 151 30.81 21.55 -30.03
CA ASP F 151 32.03 20.77 -30.25
C ASP F 151 31.74 19.55 -31.12
N ASN F 152 30.50 19.07 -31.09
CA ASN F 152 30.16 17.81 -31.73
C ASN F 152 28.77 17.95 -32.36
N PRO F 153 28.59 18.81 -33.39
CA PRO F 153 27.25 19.10 -33.92
C PRO F 153 26.49 17.91 -34.48
N GLY F 154 27.24 16.96 -35.06
CA GLY F 154 26.67 15.80 -35.73
C GLY F 154 25.87 14.90 -34.80
N ALA F 155 26.10 15.01 -33.47
CA ALA F 155 25.40 14.20 -32.48
C ALA F 155 24.05 14.80 -32.10
N TYR F 156 23.68 15.95 -32.71
CA TYR F 156 22.43 16.64 -32.42
C TYR F 156 21.70 16.93 -33.75
N PRO F 157 21.18 15.92 -34.46
CA PRO F 157 20.55 16.16 -35.77
C PRO F 157 19.27 16.99 -35.75
N ASN F 158 18.66 17.17 -34.57
CA ASN F 158 17.46 17.98 -34.46
C ASN F 158 17.77 19.42 -34.08
N VAL F 159 19.06 19.76 -33.92
CA VAL F 159 19.52 21.13 -33.87
C VAL F 159 20.45 21.41 -35.06
N ARG F 160 20.13 22.46 -35.84
CA ARG F 160 20.88 22.81 -37.03
C ARG F 160 21.39 24.25 -36.90
N ALA F 161 22.71 24.41 -36.71
CA ALA F 161 23.35 25.70 -36.64
C ALA F 161 23.60 26.22 -38.05
N ASP F 162 22.99 27.36 -38.37
CA ASP F 162 23.31 28.13 -39.57
C ASP F 162 24.13 29.35 -39.17
N LYS F 163 25.46 29.24 -39.28
CA LYS F 163 26.33 30.29 -38.80
C LYS F 163 26.27 31.51 -39.73
N PRO F 164 26.49 31.41 -41.06
CA PRO F 164 26.38 32.60 -41.92
C PRO F 164 25.10 33.43 -41.77
N ASN F 165 23.97 32.77 -41.45
CA ASN F 165 22.71 33.48 -41.25
C ASN F 165 22.31 33.57 -39.77
N THR F 166 23.27 33.34 -38.87
CA THR F 166 23.10 33.45 -37.43
C THR F 166 21.72 32.98 -36.99
N HIS F 167 21.43 31.70 -37.29
CA HIS F 167 20.17 31.09 -36.87
C HIS F 167 20.45 29.72 -36.28
N PHE F 168 19.54 29.31 -35.39
CA PHE F 168 19.40 27.92 -34.99
C PHE F 168 18.05 27.42 -35.52
N HIS F 169 18.03 26.19 -36.01
CA HIS F 169 16.79 25.56 -36.44
C HIS F 169 16.64 24.27 -35.64
N THR F 170 15.56 24.16 -34.87
CA THR F 170 15.38 23.03 -33.98
C THR F 170 14.11 22.29 -34.37
N THR F 171 14.13 20.97 -34.26
CA THR F 171 13.01 20.14 -34.71
C THR F 171 12.33 19.49 -33.51
N CYS F 172 11.04 19.76 -33.31
CA CYS F 172 10.27 19.17 -32.23
C CYS F 172 9.06 18.42 -32.77
N THR F 173 8.42 17.66 -31.88
CA THR F 173 7.10 17.09 -32.12
C THR F 173 6.07 17.85 -31.29
N VAL F 174 5.22 18.64 -31.98
CA VAL F 174 4.11 19.33 -31.34
C VAL F 174 3.01 18.31 -31.07
N PRO F 175 2.62 18.07 -29.79
CA PRO F 175 1.60 17.06 -29.51
C PRO F 175 0.24 17.42 -30.06
N ALA F 176 -0.65 16.43 -30.06
CA ALA F 176 -2.01 16.58 -30.55
C ALA F 176 -2.72 17.74 -29.82
N ARG F 177 -3.22 18.70 -30.59
CA ARG F 177 -3.93 19.85 -30.03
C ARG F 177 -4.86 20.42 -31.10
N THR F 178 -5.89 21.11 -30.62
CA THR F 178 -6.82 21.83 -31.46
C THR F 178 -7.05 23.21 -30.85
N GLY F 179 -7.25 24.20 -31.72
CA GLY F 179 -7.64 25.54 -31.29
C GLY F 179 -6.43 26.40 -30.92
N ARG F 180 -6.72 27.43 -30.13
CA ARG F 180 -5.79 28.48 -29.76
C ARG F 180 -4.93 27.98 -28.60
N HIS F 181 -3.60 28.05 -28.78
CA HIS F 181 -2.67 27.65 -27.75
C HIS F 181 -1.49 28.62 -27.74
N VAL F 182 -0.64 28.47 -26.72
CA VAL F 182 0.62 29.19 -26.59
C VAL F 182 1.73 28.18 -26.37
N ILE F 183 2.88 28.42 -27.02
CA ILE F 183 4.10 27.65 -26.80
C ILE F 183 5.12 28.57 -26.13
N TYR F 184 5.62 28.15 -24.95
CA TYR F 184 6.66 28.87 -24.23
C TYR F 184 8.01 28.25 -24.56
N ALA F 185 8.99 29.08 -24.99
CA ALA F 185 10.26 28.60 -25.52
C ALA F 185 11.44 29.14 -24.72
N GLU F 186 12.48 28.31 -24.57
CA GLU F 186 13.73 28.71 -23.95
C GLU F 186 14.90 28.32 -24.86
N TRP F 187 15.87 29.25 -24.95
CA TRP F 187 17.20 29.04 -25.51
C TRP F 187 18.25 29.27 -24.43
N GLY F 188 18.99 28.20 -24.09
CA GLY F 188 19.86 28.20 -22.91
C GLY F 188 21.33 28.03 -23.28
N ARG F 189 22.20 28.65 -22.47
CA ARG F 189 23.63 28.53 -22.65
C ARG F 189 24.23 27.74 -21.48
N GLU F 190 25.39 27.14 -21.74
CA GLU F 190 26.18 26.42 -20.75
C GLU F 190 26.66 27.35 -19.64
N PRO F 191 27.23 26.80 -18.55
CA PRO F 191 28.06 27.62 -17.66
C PRO F 191 29.26 28.10 -18.46
N PRO F 192 29.88 29.25 -18.11
CA PRO F 192 29.55 30.00 -16.89
C PRO F 192 28.50 31.11 -16.91
N THR F 193 28.01 31.54 -18.09
CA THR F 193 27.00 32.58 -18.10
C THR F 193 25.67 31.99 -17.62
N TYR F 194 25.36 30.78 -18.08
CA TYR F 194 24.04 30.19 -17.91
C TYR F 194 22.97 31.14 -18.47
N GLU F 195 23.34 32.02 -19.41
CA GLU F 195 22.35 32.93 -19.94
C GLU F 195 21.29 32.13 -20.73
N ARG F 196 20.05 32.61 -20.64
CA ARG F 196 18.89 31.94 -21.23
C ARG F 196 17.90 32.99 -21.74
N PHE F 197 17.27 32.67 -22.88
CA PHE F 197 16.34 33.57 -23.55
C PHE F 197 14.96 32.92 -23.59
N HIS F 198 13.94 33.76 -23.44
CA HIS F 198 12.57 33.34 -23.17
C HIS F 198 11.61 33.97 -24.19
N GLY F 199 10.66 33.17 -24.68
CA GLY F 199 9.67 33.63 -25.64
C GLY F 199 8.35 32.88 -25.48
N CYS F 200 7.27 33.51 -25.93
CA CYS F 200 6.00 32.83 -26.17
C CYS F 200 5.61 32.93 -27.63
N ILE F 201 5.02 31.85 -28.15
CA ILE F 201 4.58 31.74 -29.52
C ILE F 201 3.09 31.40 -29.54
N ASP F 202 2.31 32.30 -30.13
CA ASP F 202 0.87 32.13 -30.24
C ASP F 202 0.58 31.28 -31.47
N VAL F 203 -0.23 30.23 -31.27
CA VAL F 203 -0.48 29.26 -32.31
C VAL F 203 -1.96 28.91 -32.39
N GLN F 204 -2.41 28.68 -33.63
CA GLN F 204 -3.68 28.06 -33.95
C GLN F 204 -3.37 26.70 -34.55
N ILE F 205 -3.68 25.60 -33.83
CA ILE F 205 -3.17 24.28 -34.20
C ILE F 205 -4.25 23.46 -34.88
N HIS F 206 -3.84 22.77 -35.95
CA HIS F 206 -4.72 21.91 -36.72
C HIS F 206 -4.17 20.47 -36.66
N HIS G 1 -39.17 4.35 -16.41
CA HIS G 1 -38.27 3.72 -17.44
C HIS G 1 -38.26 4.61 -18.67
N GLY G 2 -37.05 4.92 -19.14
CA GLY G 2 -36.87 5.76 -20.31
C GLY G 2 -35.40 6.11 -20.53
N PHE G 3 -35.17 7.06 -21.42
CA PHE G 3 -33.87 7.38 -21.97
C PHE G 3 -33.96 8.74 -22.65
N VAL G 4 -32.80 9.34 -22.91
CA VAL G 4 -32.71 10.62 -23.59
C VAL G 4 -32.77 10.38 -25.10
N ASP G 5 -33.77 11.00 -25.76
CA ASP G 5 -33.89 10.86 -27.21
C ASP G 5 -33.52 12.15 -27.96
N SER G 6 -33.29 13.26 -27.25
CA SER G 6 -32.85 14.48 -27.90
C SER G 6 -31.95 15.28 -26.96
N PRO G 7 -30.68 15.55 -27.31
CA PRO G 7 -29.97 14.88 -28.41
C PRO G 7 -29.85 13.42 -28.05
N GLY G 8 -29.91 12.54 -29.05
CA GLY G 8 -29.98 11.12 -28.77
C GLY G 8 -28.82 10.66 -27.89
N ALA G 9 -29.13 9.91 -26.83
CA ALA G 9 -28.10 9.23 -26.05
C ALA G 9 -27.66 7.95 -26.77
N ARG G 10 -26.68 7.26 -26.18
CA ARG G 10 -26.11 6.04 -26.74
C ARG G 10 -27.19 4.96 -26.82
N ASN G 11 -28.11 4.96 -25.85
CA ASN G 11 -29.15 3.95 -25.78
C ASN G 11 -30.40 4.41 -26.56
N TYR G 12 -30.25 5.49 -27.35
CA TYR G 12 -31.27 5.86 -28.29
C TYR G 12 -30.86 5.33 -29.67
N PHE G 13 -29.60 5.64 -30.04
CA PHE G 13 -29.05 5.15 -31.28
C PHE G 13 -29.02 3.62 -31.23
N CYS G 14 -28.44 3.08 -30.14
CA CYS G 14 -28.34 1.64 -29.96
C CYS G 14 -29.27 1.20 -28.84
N GLY G 15 -30.48 0.81 -29.25
CA GLY G 15 -31.57 0.50 -28.35
C GLY G 15 -32.92 0.95 -28.92
N ALA G 16 -33.28 2.22 -28.70
CA ALA G 16 -34.53 2.76 -29.20
C ALA G 16 -34.62 2.61 -30.72
N VAL G 17 -33.52 2.96 -31.42
CA VAL G 17 -33.58 2.97 -32.88
C VAL G 17 -33.01 1.64 -33.42
N THR G 18 -31.68 1.47 -33.36
CA THR G 18 -31.08 0.25 -33.90
C THR G 18 -31.14 -0.84 -32.84
N LYS G 19 -31.76 -1.98 -33.21
CA LYS G 19 -31.98 -3.10 -32.31
C LYS G 19 -30.93 -4.18 -32.55
N PRO G 20 -30.57 -5.02 -31.55
CA PRO G 20 -29.60 -6.11 -31.79
C PRO G 20 -29.89 -6.96 -33.02
N ASP G 21 -31.15 -7.34 -33.22
CA ASP G 21 -31.53 -8.19 -34.34
C ASP G 21 -31.28 -7.45 -35.66
N HIS G 22 -31.41 -6.11 -35.69
CA HIS G 22 -31.14 -5.39 -36.95
C HIS G 22 -29.69 -5.55 -37.38
N VAL G 23 -28.75 -5.53 -36.44
CA VAL G 23 -27.34 -5.69 -36.74
C VAL G 23 -27.10 -7.10 -37.28
N MET G 24 -27.65 -8.10 -36.57
CA MET G 24 -27.53 -9.49 -36.95
CA MET G 24 -27.57 -9.51 -36.93
C MET G 24 -28.09 -9.72 -38.35
N ASN G 25 -29.17 -9.00 -38.72
CA ASN G 25 -29.81 -9.23 -40.00
C ASN G 25 -29.33 -8.28 -41.10
N GLY G 26 -28.39 -7.39 -40.77
CA GLY G 26 -27.74 -6.55 -41.76
C GLY G 26 -28.60 -5.37 -42.20
N VAL G 27 -29.54 -4.91 -41.35
CA VAL G 27 -30.48 -3.85 -41.73
C VAL G 27 -30.41 -2.70 -40.71
N ALA G 28 -29.35 -2.64 -39.91
CA ALA G 28 -29.25 -1.62 -38.88
C ALA G 28 -29.01 -0.23 -39.48
N ARG G 29 -29.75 0.77 -39.01
CA ARG G 29 -29.51 2.16 -39.38
C ARG G 29 -28.14 2.57 -38.85
N TYR G 30 -27.78 2.09 -37.66
CA TYR G 30 -26.49 2.34 -37.05
C TYR G 30 -25.72 1.03 -36.91
N PRO G 31 -25.03 0.54 -37.95
CA PRO G 31 -24.28 -0.72 -37.84
C PRO G 31 -23.19 -0.68 -36.76
N GLU G 32 -22.70 0.52 -36.44
CA GLU G 32 -21.67 0.68 -35.42
C GLU G 32 -22.16 0.21 -34.05
N CYS G 33 -23.48 0.00 -33.87
CA CYS G 33 -23.99 -0.54 -32.61
C CYS G 33 -23.53 -1.98 -32.37
N ALA G 34 -23.02 -2.64 -33.40
CA ALA G 34 -22.38 -3.95 -33.22
C ALA G 34 -21.38 -3.89 -32.07
N GLY G 35 -20.69 -2.75 -31.94
CA GLY G 35 -19.81 -2.47 -30.83
C GLY G 35 -20.53 -2.52 -29.49
N ALA G 36 -21.76 -1.99 -29.42
CA ALA G 36 -22.49 -1.94 -28.17
C ALA G 36 -22.99 -3.33 -27.76
N PHE G 37 -23.38 -4.16 -28.74
CA PHE G 37 -23.99 -5.45 -28.46
C PHE G 37 -22.97 -6.58 -28.58
N ALA G 38 -21.68 -6.28 -28.32
CA ALA G 38 -20.57 -7.18 -28.60
C ALA G 38 -20.70 -8.48 -27.80
N ASN G 39 -20.78 -8.32 -26.46
CA ASN G 39 -20.76 -9.43 -25.53
C ASN G 39 -21.97 -9.34 -24.60
N ASP G 40 -23.06 -8.73 -25.09
CA ASP G 40 -24.33 -8.60 -24.36
C ASP G 40 -25.46 -8.35 -25.34
N PHE G 41 -25.74 -9.34 -26.20
CA PHE G 41 -26.72 -9.22 -27.28
C PHE G 41 -28.07 -8.72 -26.73
N ASN G 42 -28.66 -9.51 -25.83
CA ASN G 42 -30.04 -9.34 -25.42
C ASN G 42 -30.22 -8.04 -24.63
N GLY G 43 -29.13 -7.57 -24.01
CA GLY G 43 -29.16 -6.39 -23.17
C GLY G 43 -29.60 -5.15 -23.94
N GLY G 44 -29.44 -5.18 -25.26
CA GLY G 44 -29.75 -4.06 -26.14
C GLY G 44 -31.24 -3.71 -26.16
N TYR G 45 -32.08 -4.68 -25.78
CA TYR G 45 -33.53 -4.51 -25.80
C TYR G 45 -34.02 -3.79 -24.54
N SER G 46 -33.12 -3.64 -23.55
CA SER G 46 -33.45 -3.08 -22.25
C SER G 46 -32.91 -1.66 -22.12
N TYR G 47 -32.90 -0.93 -23.23
CA TYR G 47 -32.35 0.42 -23.29
C TYR G 47 -33.14 1.36 -22.38
N MET G 48 -34.39 1.00 -22.06
CA MET G 48 -35.21 1.80 -21.17
C MET G 48 -34.96 1.46 -19.70
N SER G 49 -34.08 0.52 -19.41
CA SER G 49 -34.04 -0.09 -18.08
C SER G 49 -32.69 0.10 -17.38
N VAL G 50 -31.95 1.17 -17.75
CA VAL G 50 -30.63 1.42 -17.18
C VAL G 50 -30.82 2.15 -15.85
N LEU G 51 -31.09 1.39 -14.79
CA LEU G 51 -31.65 1.99 -13.58
C LEU G 51 -30.84 1.59 -12.35
N THR G 52 -31.00 2.41 -11.31
CA THR G 52 -30.55 2.09 -9.97
C THR G 52 -31.68 2.52 -9.04
N HIS G 53 -31.51 2.24 -7.74
CA HIS G 53 -32.44 2.70 -6.72
C HIS G 53 -31.68 3.53 -5.67
N HIS G 54 -31.11 4.67 -6.08
CA HIS G 54 -30.41 5.57 -5.16
C HIS G 54 -30.39 6.99 -5.72
N GLN G 55 -29.74 7.92 -5.01
CA GLN G 55 -29.75 9.33 -5.37
C GLN G 55 -28.55 9.70 -6.26
N GLY G 56 -27.82 8.70 -6.75
CA GLY G 56 -26.95 8.87 -7.91
C GLY G 56 -25.64 9.60 -7.59
N ARG G 57 -25.00 10.08 -8.66
CA ARG G 57 -23.64 10.59 -8.64
C ARG G 57 -23.45 11.74 -7.65
N LYS G 58 -24.44 12.64 -7.55
CA LYS G 58 -24.29 13.82 -6.71
C LYS G 58 -24.28 13.49 -5.23
N VAL G 59 -25.05 12.46 -4.81
CA VAL G 59 -25.26 12.19 -3.40
C VAL G 59 -24.30 11.09 -2.94
N LEU G 60 -24.13 10.05 -3.76
CA LEU G 60 -23.22 8.95 -3.47
C LEU G 60 -21.76 9.34 -3.73
N GLY G 61 -21.54 10.33 -4.60
CA GLY G 61 -20.20 10.61 -5.08
C GLY G 61 -19.79 9.63 -6.16
N PRO G 62 -18.54 9.72 -6.69
CA PRO G 62 -18.11 8.93 -7.85
C PRO G 62 -17.79 7.45 -7.60
N VAL G 63 -18.80 6.65 -7.22
CA VAL G 63 -18.56 5.34 -6.65
C VAL G 63 -18.73 4.22 -7.68
N ALA G 64 -19.42 4.49 -8.80
CA ALA G 64 -19.69 3.47 -9.78
C ALA G 64 -18.45 3.19 -10.61
N ARG G 65 -18.21 1.92 -10.94
CA ARG G 65 -17.11 1.51 -11.77
C ARG G 65 -17.35 1.96 -13.21
N ASN G 66 -18.60 1.87 -13.67
CA ASN G 66 -18.92 2.20 -15.04
C ASN G 66 -19.83 3.42 -15.04
N VAL G 67 -19.47 4.44 -15.81
CA VAL G 67 -20.06 5.75 -15.65
C VAL G 67 -21.47 5.77 -16.24
N CYS G 68 -21.58 5.42 -17.53
CA CYS G 68 -22.81 5.59 -18.30
C CYS G 68 -23.95 4.70 -17.80
N GLY G 69 -23.60 3.53 -17.25
CA GLY G 69 -24.57 2.61 -16.67
C GLY G 69 -24.70 2.73 -15.15
N PHE G 70 -23.84 3.55 -14.52
CA PHE G 70 -23.76 3.67 -13.07
C PHE G 70 -24.00 2.31 -12.39
N ASP G 71 -23.39 1.24 -12.93
CA ASP G 71 -23.45 -0.05 -12.26
C ASP G 71 -24.91 -0.46 -12.06
N SER G 72 -25.69 -0.41 -13.14
CA SER G 72 -27.14 -0.56 -13.07
C SER G 72 -27.51 -1.90 -12.45
N GLU G 73 -28.54 -1.88 -11.58
CA GLU G 73 -29.13 -3.10 -11.05
C GLU G 73 -29.56 -4.06 -12.16
N THR G 74 -29.97 -3.54 -13.33
CA THR G 74 -30.44 -4.40 -14.42
C THR G 74 -29.30 -5.28 -14.95
N TRP G 75 -28.05 -4.82 -14.80
CA TRP G 75 -26.90 -5.65 -15.15
C TRP G 75 -26.13 -6.07 -13.90
N ASN G 76 -26.84 -6.10 -12.76
CA ASN G 76 -26.30 -6.65 -11.52
C ASN G 76 -25.00 -5.94 -11.14
N GLY G 77 -24.98 -4.61 -11.26
CA GLY G 77 -23.83 -3.82 -10.86
C GLY G 77 -22.69 -3.88 -11.87
N GLY G 78 -22.88 -4.67 -12.94
CA GLY G 78 -21.88 -4.83 -13.96
C GLY G 78 -22.02 -3.78 -15.07
N LYS G 79 -21.29 -4.02 -16.16
CA LYS G 79 -21.19 -3.12 -17.29
C LYS G 79 -22.46 -3.25 -18.14
N THR G 80 -22.90 -2.14 -18.77
CA THR G 80 -23.97 -2.20 -19.76
C THR G 80 -23.35 -2.04 -21.15
N PRO G 81 -24.12 -2.32 -22.23
CA PRO G 81 -23.67 -2.04 -23.60
C PRO G 81 -23.13 -0.64 -23.85
N TRP G 82 -23.65 0.34 -23.10
CA TRP G 82 -23.42 1.76 -23.30
C TRP G 82 -22.33 2.27 -22.33
N ASP G 83 -21.67 1.31 -21.68
CA ASP G 83 -20.44 1.57 -20.95
C ASP G 83 -19.24 1.29 -21.85
N ASN G 84 -19.50 0.65 -23.01
CA ASN G 84 -18.45 0.37 -23.97
C ASN G 84 -18.01 1.68 -24.64
N ALA G 85 -16.75 1.72 -25.05
CA ALA G 85 -16.18 2.89 -25.72
C ALA G 85 -15.83 2.52 -27.16
N ILE G 86 -16.81 2.74 -28.06
CA ILE G 86 -16.74 2.36 -29.47
C ILE G 86 -17.11 3.60 -30.29
N ASN G 87 -17.16 3.48 -31.63
CA ASN G 87 -17.42 4.60 -32.53
C ASN G 87 -18.90 5.00 -32.48
N TRP G 88 -19.33 5.46 -31.31
CA TRP G 88 -20.69 5.93 -31.11
C TRP G 88 -21.05 7.04 -32.10
N PRO G 89 -22.32 7.15 -32.54
CA PRO G 89 -22.78 8.37 -33.20
C PRO G 89 -22.64 9.59 -32.29
N VAL G 90 -22.28 10.73 -32.88
CA VAL G 90 -22.08 11.96 -32.13
C VAL G 90 -23.13 12.99 -32.54
N ASN G 91 -23.60 13.74 -31.53
CA ASN G 91 -24.48 14.86 -31.74
C ASN G 91 -23.64 16.13 -31.88
N ASN G 92 -23.83 16.87 -33.00
CA ASN G 92 -23.22 18.18 -33.14
C ASN G 92 -24.10 19.22 -32.44
N ILE G 93 -23.56 19.82 -31.37
CA ILE G 93 -24.27 20.85 -30.61
C ILE G 93 -23.39 22.09 -30.49
N ASN G 94 -24.02 23.19 -30.05
CA ASN G 94 -23.33 24.38 -29.60
C ASN G 94 -23.36 24.47 -28.07
N SER G 95 -22.34 25.15 -27.51
CA SER G 95 -22.38 25.63 -26.14
C SER G 95 -23.60 26.53 -25.97
N GLY G 96 -24.07 26.71 -24.73
CA GLY G 96 -25.23 27.54 -24.47
C GLY G 96 -26.49 26.71 -24.25
N THR G 97 -27.65 27.31 -24.57
CA THR G 97 -28.92 26.73 -24.17
C THR G 97 -29.20 25.50 -25.01
N LEU G 98 -29.59 24.41 -24.34
CA LEU G 98 -29.97 23.18 -25.03
C LEU G 98 -31.02 22.43 -24.20
N THR G 99 -32.03 21.90 -24.89
CA THR G 99 -33.05 21.06 -24.28
C THR G 99 -32.58 19.61 -24.32
N PHE G 100 -32.66 18.93 -23.18
CA PHE G 100 -32.47 17.49 -23.07
C PHE G 100 -33.85 16.85 -22.86
N SER G 101 -34.21 15.92 -23.76
CA SER G 101 -35.53 15.31 -23.71
C SER G 101 -35.42 13.84 -23.33
N TRP G 102 -36.26 13.43 -22.36
CA TRP G 102 -36.38 12.04 -21.96
C TRP G 102 -37.67 11.46 -22.49
N ASP G 103 -37.55 10.35 -23.24
CA ASP G 103 -38.73 9.60 -23.62
C ASP G 103 -39.05 8.62 -22.51
N ILE G 104 -40.18 8.81 -21.82
CA ILE G 104 -40.50 7.97 -20.69
C ILE G 104 -41.77 7.15 -20.98
N SER G 105 -42.10 7.01 -22.27
CA SER G 105 -43.22 6.21 -22.76
C SER G 105 -43.21 4.78 -22.22
N ASN G 106 -42.02 4.20 -22.07
CA ASN G 106 -41.88 2.82 -21.63
C ASN G 106 -42.27 2.62 -20.17
N GLY G 107 -42.36 3.72 -19.40
CA GLY G 107 -42.68 3.62 -17.99
C GLY G 107 -42.73 4.99 -17.31
N PRO G 108 -43.78 5.81 -17.55
CA PRO G 108 -43.81 7.18 -17.03
C PRO G 108 -43.83 7.23 -15.50
N HIS G 109 -43.14 8.23 -14.95
CA HIS G 109 -43.09 8.43 -13.51
C HIS G 109 -43.19 9.92 -13.25
N PHE G 110 -44.24 10.55 -13.78
CA PHE G 110 -44.38 11.99 -13.68
C PHE G 110 -44.53 12.42 -12.22
N ASP G 111 -45.41 11.73 -11.49
CA ASP G 111 -45.95 12.28 -10.24
C ASP G 111 -44.98 12.11 -9.07
N ASP G 112 -43.88 11.35 -9.24
CA ASP G 112 -42.89 11.25 -8.18
C ASP G 112 -41.47 11.41 -8.73
N THR G 113 -41.34 12.12 -9.87
CA THR G 113 -40.03 12.53 -10.36
C THR G 113 -39.49 13.63 -9.45
N SER G 114 -38.19 13.53 -9.12
CA SER G 114 -37.55 14.40 -8.13
C SER G 114 -36.53 15.34 -8.78
N ASP G 115 -35.72 14.82 -9.71
CA ASP G 115 -34.59 15.57 -10.23
C ASP G 115 -34.17 15.09 -11.63
N PHE G 116 -33.57 16.01 -12.40
CA PHE G 116 -32.79 15.71 -13.57
C PHE G 116 -31.42 16.34 -13.40
N ARG G 117 -30.35 15.57 -13.62
CA ARG G 117 -29.00 16.07 -13.40
C ARG G 117 -28.09 15.70 -14.56
N TYR G 118 -27.16 16.61 -14.89
CA TYR G 118 -26.31 16.47 -16.04
C TYR G 118 -24.88 16.91 -15.70
N TRP G 119 -23.90 16.08 -16.09
CA TRP G 119 -22.47 16.33 -15.93
C TRP G 119 -21.85 16.40 -17.31
N ILE G 120 -20.73 17.11 -17.43
CA ILE G 120 -20.02 17.20 -18.70
C ILE G 120 -18.54 16.97 -18.44
N THR G 121 -17.87 16.39 -19.43
CA THR G 121 -16.44 16.13 -19.35
C THR G 121 -15.67 17.44 -19.21
N LYS G 122 -14.48 17.35 -18.57
CA LYS G 122 -13.63 18.50 -18.32
C LYS G 122 -13.13 19.09 -19.62
N PRO G 123 -12.79 20.41 -19.66
CA PRO G 123 -12.23 21.02 -20.87
C PRO G 123 -11.05 20.23 -21.44
N GLY G 124 -10.26 19.64 -20.53
CA GLY G 124 -9.06 18.91 -20.93
C GLY G 124 -9.34 17.50 -21.46
N PHE G 125 -10.60 17.05 -21.44
CA PHE G 125 -10.95 15.67 -21.76
C PHE G 125 -10.61 15.36 -23.22
N VAL G 126 -9.96 14.20 -23.43
CA VAL G 126 -9.55 13.73 -24.75
C VAL G 126 -10.20 12.38 -25.01
N TYR G 127 -11.12 12.33 -25.98
CA TYR G 127 -11.87 11.11 -26.26
C TYR G 127 -10.99 10.14 -27.03
N GLN G 128 -10.94 8.89 -26.56
CA GLN G 128 -10.21 7.83 -27.23
C GLN G 128 -11.03 6.56 -27.14
N VAL G 129 -11.20 5.90 -28.30
CA VAL G 129 -11.83 4.60 -28.40
C VAL G 129 -11.15 3.65 -27.42
N GLY G 130 -11.96 2.91 -26.66
CA GLY G 130 -11.47 1.90 -25.75
C GLY G 130 -11.25 2.42 -24.34
N ARG G 131 -10.87 3.70 -24.20
CA ARG G 131 -10.71 4.30 -22.89
C ARG G 131 -12.10 4.62 -22.36
N GLU G 132 -12.57 3.75 -21.47
CA GLU G 132 -13.88 3.93 -20.89
C GLU G 132 -13.81 5.12 -19.95
N LEU G 133 -14.98 5.70 -19.66
CA LEU G 133 -15.04 6.94 -18.92
C LEU G 133 -14.70 6.67 -17.45
N THR G 134 -14.13 7.68 -16.79
CA THR G 134 -13.93 7.68 -15.35
C THR G 134 -14.59 8.95 -14.82
N TRP G 135 -14.94 8.96 -13.54
CA TRP G 135 -15.54 10.16 -12.97
C TRP G 135 -14.59 11.34 -13.07
N ALA G 136 -13.28 11.04 -13.02
CA ALA G 136 -12.21 12.02 -13.23
C ALA G 136 -12.31 12.70 -14.58
N ASP G 137 -12.96 12.04 -15.55
CA ASP G 137 -13.17 12.64 -16.86
C ASP G 137 -14.20 13.77 -16.79
N PHE G 138 -15.05 13.74 -15.76
CA PHE G 138 -16.18 14.65 -15.65
C PHE G 138 -15.94 15.67 -14.56
N GLU G 139 -16.57 16.84 -14.72
CA GLU G 139 -16.66 17.79 -13.62
C GLU G 139 -17.21 17.06 -12.40
N ASP G 140 -16.83 17.53 -11.21
CA ASP G 140 -17.30 16.88 -10.00
C ASP G 140 -18.80 17.10 -9.87
N GLN G 141 -19.25 18.32 -10.16
CA GLN G 141 -20.63 18.73 -9.93
C GLN G 141 -21.36 18.82 -11.27
N PRO G 142 -22.70 18.63 -11.26
CA PRO G 142 -23.48 18.76 -12.49
C PRO G 142 -23.57 20.22 -12.93
N PHE G 143 -23.50 20.45 -14.24
CA PHE G 143 -23.65 21.80 -14.78
C PHE G 143 -25.12 22.16 -14.89
N CYS G 144 -26.00 21.14 -14.85
CA CYS G 144 -27.45 21.33 -14.88
C CYS G 144 -28.07 20.42 -13.82
N ASP G 145 -28.85 21.04 -12.91
CA ASP G 145 -29.42 20.35 -11.76
C ASP G 145 -30.80 20.92 -11.50
N LEU G 146 -31.81 20.22 -12.03
CA LEU G 146 -33.17 20.74 -12.02
C LEU G 146 -34.02 19.89 -11.10
N ALA G 147 -34.68 20.53 -10.13
CA ALA G 147 -35.66 19.86 -9.30
C ALA G 147 -36.98 19.78 -10.07
N TYR G 148 -37.90 18.95 -9.55
CA TYR G 148 -39.24 18.92 -10.09
C TYR G 148 -40.18 18.34 -9.04
N ASN G 149 -41.41 18.88 -9.04
CA ASN G 149 -42.52 18.36 -8.25
C ASN G 149 -43.78 18.54 -9.10
N ASP G 150 -44.36 17.41 -9.51
CA ASP G 150 -45.45 17.37 -10.47
C ASP G 150 -46.69 18.08 -9.92
N ASP G 151 -46.77 18.26 -8.60
CA ASP G 151 -47.89 18.95 -7.98
C ASP G 151 -47.78 20.48 -8.12
N ASN G 152 -46.57 21.00 -8.37
CA ASN G 152 -46.33 22.44 -8.43
C ASN G 152 -45.45 22.77 -9.64
N PRO G 153 -45.82 22.36 -10.87
CA PRO G 153 -44.90 22.42 -12.01
C PRO G 153 -44.42 23.83 -12.34
N GLY G 154 -45.28 24.82 -12.05
CA GLY G 154 -45.05 26.23 -12.32
C GLY G 154 -43.79 26.78 -11.64
N ALA G 155 -43.31 26.09 -10.60
CA ALA G 155 -42.10 26.47 -9.88
C ALA G 155 -40.83 25.96 -10.56
N TYR G 156 -40.97 25.14 -11.62
CA TYR G 156 -39.82 24.57 -12.31
C TYR G 156 -39.92 24.94 -13.78
N PRO G 157 -39.64 26.22 -14.15
CA PRO G 157 -39.88 26.70 -15.52
C PRO G 157 -38.96 26.10 -16.59
N ASN G 158 -37.89 25.41 -16.18
CA ASN G 158 -36.99 24.79 -17.15
C ASN G 158 -37.21 23.28 -17.22
N VAL G 159 -38.35 22.82 -16.66
CA VAL G 159 -38.81 21.46 -16.83
C VAL G 159 -40.20 21.54 -17.44
N ARG G 160 -40.39 20.79 -18.52
CA ARG G 160 -41.69 20.66 -19.16
C ARG G 160 -42.04 19.19 -19.16
N ALA G 161 -43.14 18.87 -18.47
CA ALA G 161 -43.75 17.56 -18.49
C ALA G 161 -44.80 17.54 -19.60
N ASP G 162 -44.57 16.71 -20.62
CA ASP G 162 -45.54 16.47 -21.68
C ASP G 162 -46.16 15.09 -21.46
N LYS G 163 -47.33 15.08 -20.82
CA LYS G 163 -47.95 13.84 -20.38
C LYS G 163 -48.53 13.08 -21.56
N PRO G 164 -49.30 13.74 -22.45
CA PRO G 164 -49.85 13.05 -23.62
C PRO G 164 -48.78 12.37 -24.45
N ASN G 165 -47.59 12.98 -24.57
CA ASN G 165 -46.51 12.43 -25.38
C ASN G 165 -45.46 11.71 -24.52
N THR G 166 -45.77 11.48 -23.23
CA THR G 166 -44.89 10.80 -22.28
C THR G 166 -43.43 11.20 -22.48
N HIS G 167 -43.17 12.52 -22.35
CA HIS G 167 -41.83 13.07 -22.40
C HIS G 167 -41.63 14.09 -21.29
N PHE G 168 -40.37 14.17 -20.84
CA PHE G 168 -39.87 15.27 -20.03
C PHE G 168 -38.86 16.04 -20.87
N HIS G 169 -39.02 17.37 -20.90
CA HIS G 169 -38.05 18.23 -21.56
C HIS G 169 -37.39 19.12 -20.52
N THR G 170 -36.05 19.17 -20.53
CA THR G 170 -35.28 19.91 -19.53
C THR G 170 -34.33 20.86 -20.26
N THR G 171 -34.33 22.14 -19.85
CA THR G 171 -33.52 23.14 -20.52
C THR G 171 -32.34 23.48 -19.63
N CYS G 172 -31.14 23.24 -20.19
CA CYS G 172 -29.87 23.43 -19.52
C CYS G 172 -29.03 24.44 -20.28
N THR G 173 -27.97 24.96 -19.62
CA THR G 173 -26.91 25.69 -20.29
C THR G 173 -25.67 24.81 -20.35
N VAL G 174 -25.25 24.43 -21.56
CA VAL G 174 -24.02 23.71 -21.78
C VAL G 174 -22.86 24.71 -21.62
N PRO G 175 -21.85 24.44 -20.77
CA PRO G 175 -20.74 25.38 -20.62
C PRO G 175 -19.83 25.39 -21.85
N ALA G 176 -19.02 26.44 -21.93
CA ALA G 176 -18.06 26.65 -22.99
C ALA G 176 -17.18 25.41 -23.13
N ARG G 177 -17.10 24.88 -24.35
CA ARG G 177 -16.29 23.71 -24.64
C ARG G 177 -16.00 23.69 -26.13
N THR G 178 -14.94 22.96 -26.51
CA THR G 178 -14.65 22.69 -27.90
C THR G 178 -14.33 21.20 -28.04
N GLY G 179 -14.71 20.65 -29.20
CA GLY G 179 -14.34 19.30 -29.59
C GLY G 179 -15.27 18.21 -29.03
N ARG G 180 -14.68 17.04 -28.75
CA ARG G 180 -15.42 15.83 -28.43
C ARG G 180 -15.59 15.70 -26.93
N HIS G 181 -16.86 15.57 -26.48
CA HIS G 181 -17.19 15.54 -25.07
C HIS G 181 -18.30 14.53 -24.83
N VAL G 182 -18.57 14.24 -23.55
CA VAL G 182 -19.66 13.36 -23.17
C VAL G 182 -20.45 14.09 -22.09
N ILE G 183 -21.77 13.94 -22.15
CA ILE G 183 -22.64 14.43 -21.10
C ILE G 183 -23.24 13.21 -20.39
N TYR G 184 -23.06 13.10 -19.07
CA TYR G 184 -23.70 12.05 -18.29
C TYR G 184 -25.00 12.60 -17.69
N ALA G 185 -26.09 11.83 -17.79
CA ALA G 185 -27.40 12.34 -17.42
C ALA G 185 -28.09 11.40 -16.43
N GLU G 186 -28.87 12.00 -15.52
CA GLU G 186 -29.73 11.26 -14.62
C GLU G 186 -31.15 11.80 -14.59
N TRP G 187 -32.09 10.86 -14.44
CA TRP G 187 -33.49 11.10 -14.16
C TRP G 187 -33.84 10.31 -12.91
N GLY G 188 -34.23 11.03 -11.86
CA GLY G 188 -34.38 10.44 -10.53
C GLY G 188 -35.79 10.65 -9.98
N ARG G 189 -36.22 9.74 -9.10
CA ARG G 189 -37.53 9.84 -8.48
C ARG G 189 -37.40 10.02 -6.97
N GLU G 190 -38.50 10.47 -6.36
CA GLU G 190 -38.61 10.65 -4.92
C GLU G 190 -38.58 9.29 -4.23
N PRO G 191 -38.57 9.23 -2.87
CA PRO G 191 -38.96 8.02 -2.16
C PRO G 191 -40.40 7.65 -2.54
N PRO G 192 -40.83 6.39 -2.34
CA PRO G 192 -39.99 5.36 -1.72
C PRO G 192 -39.06 4.53 -2.61
N THR G 193 -39.24 4.62 -3.93
CA THR G 193 -38.46 3.78 -4.84
C THR G 193 -37.04 4.34 -4.95
N TYR G 194 -36.92 5.68 -4.96
CA TYR G 194 -35.65 6.35 -5.26
C TYR G 194 -35.11 5.90 -6.61
N GLU G 195 -36.00 5.50 -7.52
CA GLU G 195 -35.55 4.92 -8.77
C GLU G 195 -34.93 6.01 -9.64
N ARG G 196 -33.88 5.65 -10.38
CA ARG G 196 -33.08 6.60 -11.14
C ARG G 196 -32.58 5.97 -12.44
N PHE G 197 -32.59 6.78 -13.50
CA PHE G 197 -32.18 6.32 -14.82
C PHE G 197 -30.94 7.12 -15.26
N HIS G 198 -30.07 6.44 -16.00
CA HIS G 198 -28.73 6.92 -16.28
C HIS G 198 -28.41 6.80 -17.77
N GLY G 199 -27.71 7.80 -18.32
CA GLY G 199 -27.33 7.77 -19.73
C GLY G 199 -26.11 8.64 -20.02
N CYS G 200 -25.49 8.38 -21.18
CA CYS G 200 -24.46 9.23 -21.74
C CYS G 200 -24.85 9.68 -23.14
N ILE G 201 -24.49 10.93 -23.47
CA ILE G 201 -24.77 11.54 -24.76
C ILE G 201 -23.43 12.01 -25.34
N ASP G 202 -23.06 11.46 -26.50
CA ASP G 202 -21.84 11.88 -27.16
C ASP G 202 -22.08 13.17 -27.94
N VAL G 203 -21.18 14.16 -27.77
CA VAL G 203 -21.37 15.49 -28.32
C VAL G 203 -20.09 15.99 -28.97
N GLN G 204 -20.25 16.68 -30.10
CA GLN G 204 -19.18 17.43 -30.74
C GLN G 204 -19.57 18.90 -30.61
N ILE G 205 -18.84 19.64 -29.76
CA ILE G 205 -19.31 20.95 -29.33
C ILE G 205 -18.62 22.03 -30.17
N HIS G 206 -19.42 22.94 -30.74
CA HIS G 206 -18.97 24.06 -31.56
C HIS G 206 -19.28 25.40 -30.90
N HIS H 1 11.31 -11.94 -19.64
CA HIS H 1 12.08 -12.65 -20.69
C HIS H 1 12.09 -11.77 -21.93
N GLY H 2 13.31 -11.52 -22.44
CA GLY H 2 13.54 -10.56 -23.50
C GLY H 2 15.03 -10.40 -23.83
N PHE H 3 15.30 -9.45 -24.73
CA PHE H 3 16.59 -9.29 -25.36
C PHE H 3 16.56 -7.94 -26.06
N VAL H 4 17.75 -7.39 -26.35
CA VAL H 4 17.86 -6.11 -27.01
C VAL H 4 17.68 -6.32 -28.51
N ASP H 5 16.71 -5.61 -29.09
CA ASP H 5 16.48 -5.73 -30.53
C ASP H 5 16.94 -4.49 -31.29
N SER H 6 17.32 -3.42 -30.61
CA SER H 6 17.80 -2.24 -31.34
C SER H 6 18.76 -1.46 -30.45
N PRO H 7 20.06 -1.31 -30.82
CA PRO H 7 20.69 -2.09 -31.90
C PRO H 7 20.69 -3.57 -31.53
N GLY H 8 20.54 -4.43 -32.53
CA GLY H 8 20.39 -5.86 -32.32
C GLY H 8 21.54 -6.44 -31.52
N ALA H 9 21.20 -7.21 -30.48
CA ALA H 9 22.19 -7.91 -29.70
C ALA H 9 22.53 -9.23 -30.39
N ARG H 10 23.54 -9.92 -29.88
CA ARG H 10 24.00 -11.19 -30.43
C ARG H 10 22.86 -12.19 -30.48
N ASN H 11 21.96 -12.11 -29.49
CA ASN H 11 20.84 -13.03 -29.38
C ASN H 11 19.60 -12.51 -30.11
N TYR H 12 19.68 -11.30 -30.70
CA TYR H 12 18.72 -10.87 -31.71
C TYR H 12 19.12 -11.48 -33.05
N PHE H 13 20.36 -11.26 -33.49
CA PHE H 13 20.84 -11.81 -34.75
C PHE H 13 20.74 -13.34 -34.74
N CYS H 14 21.33 -13.97 -33.73
CA CYS H 14 21.31 -15.41 -33.61
C CYS H 14 20.38 -15.80 -32.47
N GLY H 15 19.11 -16.09 -32.82
CA GLY H 15 18.06 -16.37 -31.86
C GLY H 15 16.72 -15.82 -32.33
N ALA H 16 16.49 -14.53 -32.12
CA ALA H 16 15.28 -13.89 -32.60
C ALA H 16 15.14 -14.02 -34.13
N VAL H 17 16.22 -13.76 -34.88
CA VAL H 17 16.15 -13.77 -36.33
C VAL H 17 16.59 -15.15 -36.85
N THR H 18 17.89 -15.45 -36.82
CA THR H 18 18.39 -16.69 -37.40
C THR H 18 18.29 -17.81 -36.34
N LYS H 19 17.61 -18.91 -36.69
CA LYS H 19 17.43 -20.05 -35.80
C LYS H 19 18.39 -21.19 -36.16
N PRO H 20 18.75 -22.06 -35.17
CA PRO H 20 19.66 -23.18 -35.41
C PRO H 20 19.29 -24.05 -36.60
N ASP H 21 17.99 -24.33 -36.78
CA ASP H 21 17.54 -25.14 -37.91
C ASP H 21 17.77 -24.41 -39.24
N HIS H 22 17.66 -23.07 -39.25
CA HIS H 22 17.92 -22.29 -40.46
C HIS H 22 19.33 -22.58 -40.97
N VAL H 23 20.28 -22.66 -40.04
CA VAL H 23 21.67 -22.86 -40.38
C VAL H 23 21.85 -24.26 -40.95
N MET H 24 21.27 -25.27 -40.30
CA MET H 24 21.40 -26.65 -40.74
C MET H 24 20.77 -26.86 -42.12
N ASN H 25 19.70 -26.10 -42.43
CA ASN H 25 18.98 -26.25 -43.68
C ASN H 25 19.51 -25.26 -44.72
N GLY H 26 20.49 -24.43 -44.34
CA GLY H 26 21.15 -23.52 -45.27
C GLY H 26 20.23 -22.41 -45.76
N VAL H 27 19.37 -21.88 -44.87
CA VAL H 27 18.45 -20.81 -45.24
C VAL H 27 18.60 -19.62 -44.28
N ALA H 28 19.74 -19.52 -43.58
CA ALA H 28 19.93 -18.55 -42.53
C ALA H 28 20.19 -17.17 -43.11
N ARG H 29 19.47 -16.15 -42.60
CA ARG H 29 19.79 -14.76 -42.90
C ARG H 29 21.21 -14.44 -42.44
N TYR H 30 21.57 -14.95 -41.26
CA TYR H 30 22.90 -14.80 -40.70
C TYR H 30 23.56 -16.18 -40.62
N PRO H 31 24.11 -16.72 -41.73
CA PRO H 31 24.78 -18.01 -41.67
C PRO H 31 25.93 -18.04 -40.65
N GLU H 32 26.51 -16.87 -40.32
CA GLU H 32 27.58 -16.80 -39.33
C GLU H 32 27.12 -17.28 -37.96
N CYS H 33 25.80 -17.47 -37.76
CA CYS H 33 25.32 -17.98 -36.50
C CYS H 33 25.71 -19.44 -36.29
N ALA H 34 26.13 -20.12 -37.38
CA ALA H 34 26.63 -21.48 -37.23
C ALA H 34 27.58 -21.55 -36.04
N GLY H 35 28.40 -20.51 -35.88
CA GLY H 35 29.41 -20.47 -34.83
C GLY H 35 28.83 -20.38 -33.42
N ALA H 36 27.70 -19.67 -33.28
CA ALA H 36 27.05 -19.57 -31.99
C ALA H 36 26.42 -20.91 -31.62
N PHE H 37 25.80 -21.58 -32.59
CA PHE H 37 25.02 -22.78 -32.30
C PHE H 37 25.87 -24.05 -32.37
N ALA H 38 27.14 -23.93 -32.77
CA ALA H 38 27.95 -25.11 -33.12
C ALA H 38 27.82 -26.22 -32.08
N ASN H 39 27.92 -25.87 -30.80
CA ASN H 39 27.96 -26.85 -29.72
C ASN H 39 26.66 -26.82 -28.90
N ASP H 40 25.64 -26.09 -29.37
CA ASP H 40 24.41 -25.92 -28.60
C ASP H 40 23.23 -25.62 -29.52
N PHE H 41 22.72 -26.68 -30.18
CA PHE H 41 21.56 -26.55 -31.04
C PHE H 41 20.40 -25.99 -30.23
N ASN H 42 20.01 -26.71 -29.17
CA ASN H 42 18.77 -26.43 -28.48
C ASN H 42 18.80 -25.01 -27.92
N GLY H 43 19.97 -24.62 -27.41
CA GLY H 43 20.13 -23.40 -26.64
C GLY H 43 19.86 -22.15 -27.48
N GLY H 44 19.97 -22.28 -28.80
CA GLY H 44 19.72 -21.15 -29.69
C GLY H 44 18.28 -20.67 -29.63
N TYR H 45 17.33 -21.55 -29.27
CA TYR H 45 15.92 -21.18 -29.25
C TYR H 45 15.53 -20.55 -27.92
N SER H 46 16.47 -20.47 -26.97
CA SER H 46 16.21 -19.89 -25.65
C SER H 46 16.84 -18.51 -25.54
N TYR H 47 16.88 -17.77 -26.66
CA TYR H 47 17.55 -16.48 -26.73
C TYR H 47 16.91 -15.45 -25.81
N MET H 48 15.63 -15.67 -25.43
CA MET H 48 14.90 -14.77 -24.54
C MET H 48 15.13 -15.11 -23.07
N SER H 49 15.94 -16.15 -22.80
CA SER H 49 16.02 -16.74 -21.47
C SER H 49 17.44 -16.71 -20.93
N VAL H 50 18.17 -15.64 -21.25
CA VAL H 50 19.55 -15.49 -20.78
C VAL H 50 19.48 -14.77 -19.45
N LEU H 51 19.13 -15.52 -18.40
CA LEU H 51 18.67 -14.93 -17.15
C LEU H 51 19.50 -15.41 -15.96
N THR H 52 19.41 -14.60 -14.91
CA THR H 52 19.85 -14.88 -13.56
C THR H 52 18.78 -14.35 -12.60
N HIS H 53 18.94 -14.64 -11.31
CA HIS H 53 18.07 -14.08 -10.28
C HIS H 53 18.86 -13.33 -9.22
N HIS H 54 19.73 -12.41 -9.66
CA HIS H 54 20.56 -11.61 -8.78
C HIS H 54 20.77 -10.22 -9.40
N GLN H 55 21.51 -9.34 -8.70
CA GLN H 55 21.51 -7.94 -9.02
C GLN H 55 22.65 -7.56 -9.96
N GLY H 56 23.35 -8.58 -10.46
CA GLY H 56 24.10 -8.45 -11.70
C GLY H 56 25.51 -7.93 -11.47
N ARG H 57 26.11 -7.43 -12.56
CA ARG H 57 27.52 -7.05 -12.60
C ARG H 57 27.85 -5.98 -11.56
N LYS H 58 26.93 -5.03 -11.37
CA LYS H 58 27.22 -3.86 -10.56
C LYS H 58 27.36 -4.26 -9.09
N VAL H 59 26.52 -5.21 -8.64
CA VAL H 59 26.41 -5.54 -7.23
C VAL H 59 27.28 -6.76 -6.89
N LEU H 60 27.30 -7.79 -7.76
CA LEU H 60 28.09 -8.99 -7.54
C LEU H 60 29.55 -8.79 -7.94
N GLY H 61 29.82 -7.76 -8.75
CA GLY H 61 31.15 -7.52 -9.30
C GLY H 61 31.45 -8.49 -10.45
N PRO H 62 32.68 -8.48 -11.00
CA PRO H 62 33.02 -9.33 -12.15
C PRO H 62 33.29 -10.79 -11.81
N VAL H 63 32.23 -11.54 -11.48
CA VAL H 63 32.39 -12.89 -10.94
C VAL H 63 32.04 -13.96 -11.98
N ALA H 64 31.27 -13.60 -13.02
CA ALA H 64 30.92 -14.58 -14.04
C ALA H 64 32.13 -14.87 -14.92
N ARG H 65 32.35 -16.16 -15.19
CA ARG H 65 33.39 -16.64 -16.10
C ARG H 65 33.06 -16.23 -17.54
N ASN H 66 31.77 -16.12 -17.86
CA ASN H 66 31.32 -15.79 -19.20
C ASN H 66 30.58 -14.45 -19.11
N VAL H 67 30.99 -13.47 -19.92
CA VAL H 67 30.51 -12.11 -19.76
C VAL H 67 29.06 -11.97 -20.25
N CYS H 68 28.82 -12.30 -21.52
CA CYS H 68 27.58 -11.94 -22.22
C CYS H 68 26.39 -12.68 -21.64
N GLY H 69 26.65 -13.87 -21.10
CA GLY H 69 25.62 -14.74 -20.54
C GLY H 69 25.58 -14.70 -19.01
N PHE H 70 26.56 -13.99 -18.43
CA PHE H 70 26.73 -13.90 -16.99
C PHE H 70 26.42 -15.23 -16.31
N ASP H 71 26.97 -16.33 -16.87
CA ASP H 71 26.85 -17.64 -16.25
C ASP H 71 25.38 -17.96 -15.98
N SER H 72 24.53 -17.74 -16.98
CA SER H 72 23.09 -17.84 -16.82
C SER H 72 22.67 -19.20 -16.25
N GLU H 73 21.73 -19.14 -15.30
CA GLU H 73 21.05 -20.31 -14.76
C GLU H 73 20.48 -21.20 -15.86
N THR H 74 20.01 -20.61 -16.96
CA THR H 74 19.42 -21.40 -18.03
C THR H 74 20.47 -22.34 -18.63
N TRP H 75 21.77 -21.99 -18.53
CA TRP H 75 22.84 -22.87 -18.97
C TRP H 75 23.62 -23.43 -17.79
N ASN H 76 23.05 -23.30 -16.58
CA ASN H 76 23.56 -24.00 -15.42
C ASN H 76 24.93 -23.43 -15.05
N GLY H 77 25.06 -22.10 -15.13
CA GLY H 77 26.27 -21.40 -14.75
C GLY H 77 27.35 -21.44 -15.82
N GLY H 78 27.01 -22.01 -16.98
CA GLY H 78 27.98 -22.28 -18.03
C GLY H 78 27.84 -21.30 -19.20
N LYS H 79 28.45 -21.69 -20.32
CA LYS H 79 28.61 -20.85 -21.50
C LYS H 79 27.31 -20.85 -22.32
N THR H 80 26.85 -19.65 -22.75
CA THR H 80 25.72 -19.55 -23.67
C THR H 80 26.26 -19.51 -25.10
N PRO H 81 25.43 -19.73 -26.15
CA PRO H 81 25.87 -19.54 -27.53
C PRO H 81 26.53 -18.19 -27.80
N TRP H 82 26.11 -17.17 -27.04
CA TRP H 82 26.47 -15.78 -27.29
C TRP H 82 27.75 -15.38 -26.55
N ASP H 83 28.33 -16.35 -25.83
CA ASP H 83 29.64 -16.19 -25.22
C ASP H 83 30.75 -16.58 -26.20
N ASN H 84 30.40 -17.31 -27.26
CA ASN H 84 31.38 -17.66 -28.28
C ASN H 84 31.84 -16.42 -29.05
N ALA H 85 33.15 -16.40 -29.37
CA ALA H 85 33.75 -15.32 -30.14
C ALA H 85 33.87 -15.69 -31.62
N ILE H 86 32.86 -15.30 -32.43
CA ILE H 86 32.76 -15.67 -33.84
C ILE H 86 32.66 -14.39 -34.66
N ASN H 87 32.46 -14.54 -35.97
CA ASN H 87 32.22 -13.42 -36.86
C ASN H 87 30.81 -12.86 -36.62
N TRP H 88 30.59 -12.27 -35.43
CA TRP H 88 29.29 -11.72 -35.06
C TRP H 88 28.88 -10.66 -36.07
N PRO H 89 27.57 -10.47 -36.36
CA PRO H 89 27.10 -9.27 -37.05
C PRO H 89 27.36 -8.03 -36.19
N VAL H 90 27.64 -6.90 -36.84
CA VAL H 90 28.08 -5.72 -36.12
C VAL H 90 27.15 -4.55 -36.44
N ASN H 91 26.78 -3.80 -35.39
CA ASN H 91 26.00 -2.58 -35.51
C ASN H 91 26.90 -1.35 -35.69
N ASN H 92 26.58 -0.54 -36.72
CA ASN H 92 27.24 0.73 -36.93
C ASN H 92 26.54 1.82 -36.13
N ILE H 93 27.27 2.43 -35.18
CA ILE H 93 26.75 3.46 -34.31
C ILE H 93 27.77 4.60 -34.27
N ASN H 94 27.31 5.75 -33.72
CA ASN H 94 28.19 6.83 -33.34
C ASN H 94 28.13 6.97 -31.82
N SER H 95 29.15 7.61 -31.26
CA SER H 95 29.08 8.09 -29.89
C SER H 95 27.97 9.13 -29.76
N GLY H 96 27.47 9.34 -28.54
CA GLY H 96 26.36 10.26 -28.31
C GLY H 96 25.13 9.51 -27.81
N THR H 97 23.96 10.15 -27.90
CA THR H 97 22.75 9.55 -27.38
C THR H 97 22.36 8.38 -28.29
N LEU H 98 21.79 7.34 -27.68
CA LEU H 98 21.40 6.15 -28.40
C LEU H 98 20.32 5.43 -27.59
N THR H 99 19.22 5.08 -28.28
CA THR H 99 18.15 4.32 -27.67
C THR H 99 18.49 2.84 -27.77
N PHE H 100 18.45 2.16 -26.61
CA PHE H 100 18.47 0.72 -26.52
C PHE H 100 17.06 0.24 -26.22
N SER H 101 16.55 -0.64 -27.09
CA SER H 101 15.20 -1.16 -26.98
C SER H 101 15.25 -2.65 -26.67
N TRP H 102 14.48 -3.03 -25.64
CA TRP H 102 14.29 -4.40 -25.25
C TRP H 102 12.93 -4.89 -25.73
N ASP H 103 12.92 -5.95 -26.52
CA ASP H 103 11.70 -6.68 -26.81
C ASP H 103 11.41 -7.65 -25.66
N ILE H 104 10.31 -7.40 -24.95
CA ILE H 104 9.89 -8.22 -23.83
C ILE H 104 8.56 -8.93 -24.11
N SER H 105 8.26 -9.14 -25.41
CA SER H 105 7.04 -9.80 -25.83
CA SER H 105 7.05 -9.81 -25.86
C SER H 105 6.99 -11.24 -25.32
N ASN H 106 8.15 -11.88 -25.16
CA ASN H 106 8.20 -13.26 -24.69
C ASN H 106 7.88 -13.42 -23.20
N GLY H 107 7.78 -12.31 -22.47
CA GLY H 107 7.58 -12.37 -21.02
C GLY H 107 7.69 -10.99 -20.39
N PRO H 108 6.63 -10.15 -20.52
CA PRO H 108 6.73 -8.75 -20.11
C PRO H 108 6.74 -8.66 -18.58
N HIS H 109 7.64 -7.84 -18.04
CA HIS H 109 7.74 -7.63 -16.60
C HIS H 109 7.85 -6.13 -16.36
N PHE H 110 6.87 -5.38 -16.89
CA PHE H 110 6.87 -3.93 -16.79
C PHE H 110 6.76 -3.48 -15.34
N ASP H 111 5.86 -4.09 -14.58
CA ASP H 111 5.41 -3.52 -13.33
C ASP H 111 6.45 -3.71 -12.21
N ASP H 112 7.44 -4.60 -12.39
CA ASP H 112 8.43 -4.79 -11.34
C ASP H 112 9.85 -4.71 -11.89
N THR H 113 10.02 -4.04 -13.04
CA THR H 113 11.34 -3.71 -13.55
C THR H 113 11.98 -2.68 -12.62
N SER H 114 13.28 -2.85 -12.34
CA SER H 114 14.00 -2.00 -11.40
C SER H 114 15.09 -1.18 -12.09
N ASP H 115 15.75 -1.73 -13.12
CA ASP H 115 16.89 -1.03 -13.69
C ASP H 115 17.25 -1.55 -15.08
N PHE H 116 17.99 -0.71 -15.80
CA PHE H 116 18.67 -1.08 -17.04
C PHE H 116 20.11 -0.59 -16.92
N ARG H 117 21.09 -1.46 -17.20
CA ARG H 117 22.48 -1.10 -17.03
C ARG H 117 23.31 -1.57 -18.23
N TYR H 118 24.20 -0.69 -18.68
CA TYR H 118 25.02 -0.95 -19.85
C TYR H 118 26.48 -0.58 -19.58
N TRP H 119 27.36 -1.44 -20.11
CA TRP H 119 28.81 -1.35 -19.98
C TRP H 119 29.42 -1.37 -21.39
N ILE H 120 30.55 -0.69 -21.56
CA ILE H 120 31.24 -0.72 -22.85
C ILE H 120 32.70 -1.13 -22.64
N THR H 121 33.26 -1.80 -23.65
CA THR H 121 34.66 -2.16 -23.66
C THR H 121 35.53 -0.89 -23.56
N LYS H 122 36.74 -1.07 -23.00
CA LYS H 122 37.67 0.05 -22.80
C LYS H 122 38.22 0.55 -24.13
N PRO H 123 38.72 1.80 -24.20
CA PRO H 123 39.27 2.33 -25.45
C PRO H 123 40.39 1.48 -26.05
N GLY H 124 41.11 0.75 -25.20
CA GLY H 124 42.13 -0.18 -25.67
C GLY H 124 41.57 -1.35 -26.48
N PHE H 125 40.36 -1.82 -26.15
CA PHE H 125 39.88 -3.13 -26.54
C PHE H 125 40.22 -3.45 -27.99
N VAL H 126 40.72 -4.67 -28.21
CA VAL H 126 40.94 -5.23 -29.52
C VAL H 126 40.07 -6.48 -29.63
N TYR H 127 39.24 -6.56 -30.68
CA TYR H 127 38.37 -7.70 -30.90
C TYR H 127 39.13 -8.72 -31.73
N GLN H 128 39.07 -9.99 -31.32
CA GLN H 128 39.71 -11.06 -32.07
C GLN H 128 38.81 -12.30 -32.00
N VAL H 129 38.44 -12.81 -33.19
CA VAL H 129 37.74 -14.08 -33.29
C VAL H 129 38.58 -15.12 -32.55
N GLY H 130 37.93 -15.91 -31.69
CA GLY H 130 38.60 -16.97 -30.94
C GLY H 130 38.84 -16.58 -29.49
N ARG H 131 39.03 -15.28 -29.24
CA ARG H 131 39.30 -14.79 -27.90
C ARG H 131 38.00 -14.27 -27.28
N GLU H 132 37.49 -15.04 -26.33
CA GLU H 132 36.27 -14.70 -25.61
C GLU H 132 36.53 -13.46 -24.75
N LEU H 133 35.44 -12.75 -24.41
CA LEU H 133 35.50 -11.51 -23.62
C LEU H 133 35.87 -11.85 -22.18
N THR H 134 36.55 -10.92 -21.52
CA THR H 134 36.75 -10.96 -20.07
C THR H 134 36.22 -9.64 -19.50
N TRP H 135 36.12 -9.55 -18.16
CA TRP H 135 35.60 -8.35 -17.52
C TRP H 135 36.61 -7.21 -17.63
N ALA H 136 37.88 -7.59 -17.70
CA ALA H 136 38.96 -6.61 -17.84
C ALA H 136 38.81 -5.84 -19.15
N ASP H 137 38.13 -6.43 -20.14
CA ASP H 137 37.93 -5.78 -21.43
C ASP H 137 36.97 -4.59 -21.28
N PHE H 138 36.09 -4.64 -20.28
CA PHE H 138 35.09 -3.60 -20.09
C PHE H 138 35.47 -2.66 -18.95
N GLU H 139 34.93 -1.43 -18.99
CA GLU H 139 34.96 -0.53 -17.86
C GLU H 139 34.43 -1.27 -16.63
N ASP H 140 34.84 -0.83 -15.44
CA ASP H 140 34.39 -1.47 -14.21
C ASP H 140 32.95 -1.07 -13.93
N GLN H 141 32.64 0.21 -14.14
CA GLN H 141 31.31 0.77 -13.84
C GLN H 141 30.52 1.00 -15.14
N PRO H 142 29.17 0.99 -15.07
CA PRO H 142 28.35 1.18 -16.27
C PRO H 142 28.36 2.64 -16.72
N PHE H 143 28.30 2.87 -18.04
CA PHE H 143 28.20 4.20 -18.60
C PHE H 143 26.75 4.68 -18.61
N CYS H 144 25.81 3.75 -18.41
CA CYS H 144 24.38 4.03 -18.40
C CYS H 144 23.74 3.12 -17.36
N ASP H 145 23.08 3.73 -16.38
CA ASP H 145 22.57 3.06 -15.20
C ASP H 145 21.25 3.73 -14.83
N LEU H 146 20.15 3.17 -15.36
CA LEU H 146 18.83 3.79 -15.31
C LEU H 146 17.96 3.04 -14.31
N ALA H 147 17.50 3.76 -13.28
CA ALA H 147 16.46 3.25 -12.40
C ALA H 147 15.10 3.38 -13.08
N TYR H 148 14.11 2.62 -12.62
CA TYR H 148 12.76 2.69 -13.18
C TYR H 148 11.75 2.25 -12.11
N ASN H 149 10.62 2.97 -12.04
CA ASN H 149 9.48 2.58 -11.24
C ASN H 149 8.23 2.79 -12.07
N ASP H 150 7.61 1.67 -12.48
CA ASP H 150 6.50 1.70 -13.43
C ASP H 150 5.29 2.43 -12.84
N ASP H 151 5.23 2.55 -11.51
CA ASP H 151 4.10 3.21 -10.86
C ASP H 151 4.25 4.73 -10.90
N ASN H 152 5.43 5.26 -11.24
CA ASN H 152 5.59 6.70 -11.42
C ASN H 152 6.43 6.96 -12.68
N PRO H 153 5.95 6.58 -13.89
CA PRO H 153 6.72 6.75 -15.12
C PRO H 153 7.19 8.16 -15.48
N GLY H 154 6.44 9.19 -15.07
CA GLY H 154 6.76 10.57 -15.40
C GLY H 154 8.16 10.98 -14.94
N ALA H 155 8.64 10.39 -13.84
CA ALA H 155 9.93 10.72 -13.24
C ALA H 155 11.11 10.11 -13.99
N TYR H 156 10.85 9.22 -14.95
CA TYR H 156 11.91 8.49 -15.63
C TYR H 156 11.88 8.78 -17.13
N PRO H 157 12.37 9.96 -17.58
CA PRO H 157 12.30 10.32 -19.01
C PRO H 157 13.18 9.50 -19.94
N ASN H 158 14.16 8.78 -19.40
CA ASN H 158 15.07 7.98 -20.21
C ASN H 158 14.66 6.50 -20.28
N VAL H 159 13.50 6.17 -19.69
CA VAL H 159 12.90 4.85 -19.86
C VAL H 159 11.48 5.09 -20.37
N ARG H 160 11.14 4.46 -21.51
CA ARG H 160 9.78 4.52 -22.02
C ARG H 160 9.25 3.09 -22.17
N ALA H 161 8.19 2.77 -21.43
CA ALA H 161 7.48 1.51 -21.58
C ALA H 161 6.44 1.65 -22.69
N ASP H 162 6.49 0.75 -23.69
CA ASP H 162 5.45 0.66 -24.69
C ASP H 162 4.73 -0.66 -24.44
N LYS H 163 3.64 -0.61 -23.67
CA LYS H 163 2.98 -1.81 -23.19
C LYS H 163 2.30 -2.55 -24.33
N PRO H 164 1.50 -1.89 -25.18
CA PRO H 164 0.89 -2.59 -26.33
C PRO H 164 1.86 -3.37 -27.23
N ASN H 165 3.08 -2.85 -27.43
CA ASN H 165 4.08 -3.47 -28.29
C ASN H 165 5.15 -4.19 -27.48
N THR H 166 4.90 -4.35 -26.16
CA THR H 166 5.73 -5.12 -25.25
C THR H 166 7.20 -4.81 -25.48
N HIS H 167 7.54 -3.52 -25.40
CA HIS H 167 8.91 -3.04 -25.55
C HIS H 167 9.21 -2.04 -24.44
N PHE H 168 10.49 -2.05 -24.03
CA PHE H 168 11.10 -0.97 -23.28
C PHE H 168 12.08 -0.25 -24.20
N HIS H 169 12.05 1.08 -24.16
CA HIS H 169 13.02 1.92 -24.87
C HIS H 169 13.81 2.75 -23.86
N THR H 170 15.16 2.56 -23.85
CA THR H 170 16.06 3.16 -22.87
C THR H 170 17.06 4.08 -23.59
N THR H 171 17.18 5.32 -23.10
CA THR H 171 18.08 6.30 -23.69
C THR H 171 19.38 6.35 -22.87
N CYS H 172 20.51 6.23 -23.57
CA CYS H 172 21.83 6.26 -22.96
C CYS H 172 22.73 7.16 -23.78
N THR H 173 23.83 7.62 -23.16
CA THR H 173 24.87 8.36 -23.87
C THR H 173 26.09 7.46 -24.03
N VAL H 174 26.33 6.96 -25.25
CA VAL H 174 27.52 6.18 -25.53
C VAL H 174 28.73 7.11 -25.50
N PRO H 175 29.77 6.83 -24.67
CA PRO H 175 30.93 7.71 -24.57
C PRO H 175 31.84 7.71 -25.81
N ALA H 176 32.77 8.66 -25.86
CA ALA H 176 33.71 8.77 -26.96
C ALA H 176 34.44 7.45 -27.16
N ARG H 177 34.44 6.97 -28.39
CA ARG H 177 35.17 5.77 -28.79
C ARG H 177 35.22 5.75 -30.30
N THR H 178 36.11 4.92 -30.86
CA THR H 178 36.04 4.54 -32.26
C THR H 178 36.46 3.07 -32.39
N GLY H 179 36.08 2.49 -33.54
CA GLY H 179 36.48 1.13 -33.88
C GLY H 179 35.53 0.11 -33.26
N ARG H 180 36.02 -1.14 -33.20
CA ARG H 180 35.20 -2.29 -32.84
C ARG H 180 35.06 -2.38 -31.32
N HIS H 181 33.82 -2.40 -30.83
CA HIS H 181 33.57 -2.45 -29.40
C HIS H 181 32.37 -3.37 -29.10
N VAL H 182 32.10 -3.57 -27.81
CA VAL H 182 31.02 -4.41 -27.33
C VAL H 182 30.35 -3.66 -26.17
N ILE H 183 29.01 -3.66 -26.17
CA ILE H 183 28.22 -3.21 -25.04
C ILE H 183 27.57 -4.42 -24.37
N TYR H 184 27.79 -4.52 -23.05
CA TYR H 184 27.13 -5.51 -22.22
C TYR H 184 25.91 -4.86 -21.55
N ALA H 185 24.79 -5.59 -21.52
CA ALA H 185 23.52 -4.99 -21.17
C ALA H 185 22.77 -5.86 -20.15
N GLU H 186 22.04 -5.18 -19.25
CA GLU H 186 21.28 -5.85 -18.21
C GLU H 186 19.89 -5.24 -18.10
N TRP H 187 18.87 -6.11 -17.99
CA TRP H 187 17.52 -5.70 -17.62
C TRP H 187 17.16 -6.46 -16.36
N GLY H 188 16.88 -5.69 -15.31
CA GLY H 188 16.74 -6.25 -13.98
C GLY H 188 15.38 -5.91 -13.39
N ARG H 189 14.94 -6.81 -12.48
CA ARG H 189 13.68 -6.69 -11.79
C ARG H 189 13.91 -6.57 -10.28
N GLU H 190 12.89 -6.02 -9.61
CA GLU H 190 12.83 -5.89 -8.16
C GLU H 190 12.71 -7.24 -7.48
N PRO H 191 12.85 -7.31 -6.13
CA PRO H 191 12.30 -8.42 -5.36
C PRO H 191 10.84 -8.58 -5.74
N PRO H 192 10.23 -9.78 -5.60
CA PRO H 192 10.90 -10.96 -5.04
C PRO H 192 11.80 -11.77 -5.95
N THR H 193 11.62 -11.68 -7.29
CA THR H 193 12.34 -12.56 -8.19
C THR H 193 13.80 -12.13 -8.29
N TYR H 194 14.04 -10.82 -8.39
CA TYR H 194 15.36 -10.27 -8.73
C TYR H 194 15.80 -10.75 -10.11
N GLU H 195 14.84 -11.15 -10.95
CA GLU H 195 15.22 -11.78 -12.20
C GLU H 195 15.90 -10.72 -13.07
N ARG H 196 16.91 -11.15 -13.84
CA ARG H 196 17.74 -10.24 -14.61
C ARG H 196 18.12 -10.88 -15.94
N PHE H 197 18.12 -10.05 -17.00
CA PHE H 197 18.37 -10.51 -18.35
C PHE H 197 19.66 -9.85 -18.83
N HIS H 198 20.49 -10.62 -19.56
CA HIS H 198 21.84 -10.25 -19.91
C HIS H 198 22.07 -10.40 -21.42
N GLY H 199 22.73 -9.41 -22.04
CA GLY H 199 23.05 -9.46 -23.46
C GLY H 199 24.30 -8.66 -23.81
N CYS H 200 24.89 -8.96 -24.98
CA CYS H 200 25.98 -8.18 -25.57
C CYS H 200 25.58 -7.69 -26.96
N ILE H 201 26.06 -6.48 -27.29
CA ILE H 201 25.78 -5.80 -28.54
C ILE H 201 27.11 -5.43 -29.18
N ASP H 202 27.41 -6.03 -30.34
CA ASP H 202 28.61 -5.71 -31.10
C ASP H 202 28.39 -4.42 -31.88
N VAL H 203 29.35 -3.49 -31.76
CA VAL H 203 29.22 -2.17 -32.38
C VAL H 203 30.53 -1.82 -33.08
N GLN H 204 30.39 -1.11 -34.21
CA GLN H 204 31.49 -0.44 -34.89
C GLN H 204 31.20 1.05 -34.75
N ILE H 205 32.06 1.76 -34.02
CA ILE H 205 31.76 3.13 -33.59
C ILE H 205 32.56 4.12 -34.46
N HIS H 206 31.83 5.08 -35.04
CA HIS H 206 32.36 6.00 -36.03
C HIS H 206 32.23 7.43 -35.51
N HIS H 207 33.05 8.33 -36.08
CA HIS H 207 32.99 9.76 -35.85
C HIS H 207 32.17 10.38 -36.98
N HIS H 208 31.53 11.53 -36.70
CA HIS H 208 30.75 12.23 -37.71
C HIS H 208 31.68 12.96 -38.68
CU CU I . -32.48 -17.71 8.32
P PO4 J . -35.57 -17.91 6.20
O1 PO4 J . -35.52 -18.39 4.76
O2 PO4 J . -35.94 -19.06 7.13
O3 PO4 J . -34.22 -17.32 6.62
O4 PO4 J . -36.65 -16.82 6.32
CU CU K . 34.98 8.50 35.38
P PO4 L . 37.52 9.43 37.89
O1 PO4 L . 38.18 10.00 36.65
O2 PO4 L . 36.26 8.67 37.46
O3 PO4 L . 38.48 8.49 38.60
O4 PO4 L . 37.12 10.55 38.82
CU CU M . -28.21 -25.78 46.72
P PO4 N . -29.09 -27.87 49.65
O1 PO4 N . -30.33 -28.17 48.77
O2 PO4 N . -29.55 -27.20 50.94
O3 PO4 N . -28.36 -29.17 50.00
O4 PO4 N . -28.15 -26.93 48.89
CU CU O . 24.46 26.57 2.02
P PO4 P . 9.45 7.63 -7.34
O1 PO4 P . 9.67 8.74 -8.39
O2 PO4 P . 7.96 7.63 -6.92
O3 PO4 P . 9.86 6.29 -7.97
O4 PO4 P . 10.32 7.89 -6.09
P PO4 Q . 25.42 28.61 -1.05
O1 PO4 Q . 24.70 29.89 -1.45
O2 PO4 Q . 24.43 27.67 -0.36
O3 PO4 Q . 25.98 27.93 -2.30
O4 PO4 Q . 26.58 28.95 -0.09
CU CU R . 9.75 -21.08 -19.42
P PO4 S . 12.47 -20.06 -16.83
O1 PO4 S . 13.17 -19.41 -18.04
O2 PO4 S . 11.22 -20.78 -17.31
O3 PO4 S . 13.41 -21.06 -16.17
O4 PO4 S . 12.08 -18.99 -15.81
CU CU T . 23.37 37.30 -26.24
P PO4 U . 26.13 38.19 -23.72
O1 PO4 U . 26.76 38.86 -24.94
O2 PO4 U . 24.79 37.56 -24.14
O3 PO4 U . 27.07 37.10 -23.20
O4 PO4 U . 25.89 39.21 -22.63
CU CU V . -39.85 3.05 -14.78
P PO4 W . -40.83 0.91 -11.97
O1 PO4 W . -42.07 0.57 -12.80
O2 PO4 W . -40.10 -0.37 -11.57
O3 PO4 W . -39.90 1.77 -12.82
O4 PO4 W . -41.24 1.68 -10.71
CU CU X . 10.47 -13.28 -17.98
P PO4 Y . 9.41 -15.16 -15.05
O1 PO4 Y . 10.25 -14.16 -15.85
O2 PO4 Y . 8.07 -15.36 -15.74
O3 PO4 Y . 10.14 -16.50 -14.96
O4 PO4 Y . 9.18 -14.61 -13.65
#